data_4C82
# 
_entry.id   4C82 
# 
_audit_conform.dict_name       mmcif_pdbx.dic 
_audit_conform.dict_version    5.383 
_audit_conform.dict_location   http://mmcif.pdb.org/dictionaries/ascii/mmcif_pdbx.dic 
# 
loop_
_database_2.database_id 
_database_2.database_code 
_database_2.pdbx_database_accession 
_database_2.pdbx_DOI 
PDB   4C82         pdb_00004c82 10.2210/pdb4c82/pdb 
PDBE  EBI-58512    ?            ?                   
WWPDB D_1290058512 ?            ?                   
# 
loop_
_pdbx_database_related.db_name 
_pdbx_database_related.db_id 
_pdbx_database_related.content_type 
_pdbx_database_related.details 
PDB 4C81 unspecified 'ISPF (PLASMODIUM FALCIPARUM) CDP COMPLEX'        
PDB 4C8E unspecified 'ISPF (BURKHOLDERIA CENOCEPACIA) 2CMP COMPLEX'    
PDB 4C8G unspecified 'ISPF (BURKHOLDERIA CENOCEPACIA) CMP COMPLEX'     
PDB 4C8I unspecified 'ISPF (BURKHOLDERIA CENOCEPACIA) CITRATE COMPLEX' 
# 
_pdbx_database_status.status_code                     REL 
_pdbx_database_status.entry_id                        4C82 
_pdbx_database_status.deposit_site                    PDBE 
_pdbx_database_status.process_site                    PDBE 
_pdbx_database_status.SG_entry                        . 
_pdbx_database_status.recvd_initial_deposition_date   2013-09-27 
_pdbx_database_status.pdb_format_compatible           Y 
_pdbx_database_status.status_code_sf                  REL 
_pdbx_database_status.status_code_mr                  ? 
_pdbx_database_status.status_code_cs                  ? 
_pdbx_database_status.methods_development_category    ? 
_pdbx_database_status.status_code_nmr_data            ? 
# 
loop_
_audit_author.name 
_audit_author.pdbx_ordinal 
;O'Rourke, P.E.F.
;
1 
'Kalinowska-Tluscik, J.' 2 
'Fyfe, P.K.'             3 
'Dawson, A.'             4 
'Hunter, W.N.'           5 
# 
_citation.id                        primary 
_citation.title                     
;Crystal Structures of Ispf from Plasmodium Falciparum and Burkholderia Cenocepacia: Comparisons Inform Antimicrobial Drug Target Assessment.
;
_citation.journal_abbrev            'Bmc Struct.Biol.' 
_citation.journal_volume            14 
_citation.page_first                1 
_citation.page_last                 ? 
_citation.year                      2014 
_citation.journal_id_ASTM           ? 
_citation.country                   UK 
_citation.journal_id_ISSN           1472-6807 
_citation.journal_id_CSD            ? 
_citation.book_publisher            ? 
_citation.pdbx_database_id_PubMed   24410837 
_citation.pdbx_database_id_DOI      10.1186/1472-6807-14-1 
# 
loop_
_citation_author.citation_id 
_citation_author.name 
_citation_author.ordinal 
_citation_author.identifier_ORCID 
primary 'O Rourke, P.E.'         1 ? 
primary 'Kalinowska-Tluscik, J.' 2 ? 
primary 'Fyfe, P.K.'             3 ? 
primary 'Dawson, A.'             4 ? 
primary 'Hunter, W.N.'           5 ? 
# 
_cell.entry_id           4C82 
_cell.length_a           84.223 
_cell.length_b           84.223 
_cell.length_c           102.451 
_cell.angle_alpha        90.00 
_cell.angle_beta         90.00 
_cell.angle_gamma        120.00 
_cell.Z_PDB              9 
_cell.pdbx_unique_axis   ? 
# 
_symmetry.entry_id                         4C82 
_symmetry.space_group_name_H-M             'H 3' 
_symmetry.pdbx_full_space_group_name_H-M   ? 
_symmetry.cell_setting                     ? 
_symmetry.Int_Tables_number                146 
# 
loop_
_entity.id 
_entity.type 
_entity.src_method 
_entity.pdbx_description 
_entity.formula_weight 
_entity.pdbx_number_of_molecules 
_entity.pdbx_ec 
_entity.pdbx_mutation 
_entity.pdbx_fragment 
_entity.details 
1 polymer     man '2-C-METHYL-D-ERYTHRITOL 2,4-CYCLODIPHOSPHATE SYNTHASE' 20574.588 1  4.6.1.12 YES 
'MATURE PROTEIN (APICOPLAST-TARGETING SEQUENCE OMITTED), RESIDUES 60-240' ? 
2 non-polymer syn 'ZINC ION'                                              65.409    2  ?        ?   ? ? 
3 non-polymer syn 'SULFATE ION'                                           96.063    1  ?        ?   ? ? 
4 water       nat water                                                   18.015    94 ?        ?   ? ? 
# 
_entity_name_com.entity_id   1 
_entity_name_com.name        'MECDP-SYNTHASE, MECPS, 2C-METHYL-D-ERYTHRITOL-2,4-CYCLODIPHOSPHATE SYNTHASE' 
# 
_entity_poly.entity_id                      1 
_entity_poly.type                           'polypeptide(L)' 
_entity_poly.nstd_linkage                   no 
_entity_poly.nstd_monomer                   no 
_entity_poly.pdbx_seq_one_letter_code       
;GHMSYNGIRIGQGYDIHKIKVLDEEYNTYANNDFNKNEQSFKTLTLGGVKINNVLVLSHSDGDIIYHSIVDSILGALGSL
DIGTLFPDKDEKNKNKNSAIFLRYARLLIYKKNYDIGNVDINVIAQVPKISNIRKNIIKNISTVLNIDESQISVKGKTHE
KLGVIGEKKAIECFANILLIPKNS
;
_entity_poly.pdbx_seq_one_letter_code_can   
;GHMSYNGIRIGQGYDIHKIKVLDEEYNTYANNDFNKNEQSFKTLTLGGVKINNVLVLSHSDGDIIYHSIVDSILGALGSL
DIGTLFPDKDEKNKNKNSAIFLRYARLLIYKKNYDIGNVDINVIAQVPKISNIRKNIIKNISTVLNIDESQISVKGKTHE
KLGVIGEKKAIECFANILLIPKNS
;
_entity_poly.pdbx_strand_id                 A 
_entity_poly.pdbx_target_identifier         ? 
# 
loop_
_entity_poly_seq.entity_id 
_entity_poly_seq.num 
_entity_poly_seq.mon_id 
_entity_poly_seq.hetero 
1 1   GLY n 
1 2   HIS n 
1 3   MET n 
1 4   SER n 
1 5   TYR n 
1 6   ASN n 
1 7   GLY n 
1 8   ILE n 
1 9   ARG n 
1 10  ILE n 
1 11  GLY n 
1 12  GLN n 
1 13  GLY n 
1 14  TYR n 
1 15  ASP n 
1 16  ILE n 
1 17  HIS n 
1 18  LYS n 
1 19  ILE n 
1 20  LYS n 
1 21  VAL n 
1 22  LEU n 
1 23  ASP n 
1 24  GLU n 
1 25  GLU n 
1 26  TYR n 
1 27  ASN n 
1 28  THR n 
1 29  TYR n 
1 30  ALA n 
1 31  ASN n 
1 32  ASN n 
1 33  ASP n 
1 34  PHE n 
1 35  ASN n 
1 36  LYS n 
1 37  ASN n 
1 38  GLU n 
1 39  GLN n 
1 40  SER n 
1 41  PHE n 
1 42  LYS n 
1 43  THR n 
1 44  LEU n 
1 45  THR n 
1 46  LEU n 
1 47  GLY n 
1 48  GLY n 
1 49  VAL n 
1 50  LYS n 
1 51  ILE n 
1 52  ASN n 
1 53  ASN n 
1 54  VAL n 
1 55  LEU n 
1 56  VAL n 
1 57  LEU n 
1 58  SER n 
1 59  HIS n 
1 60  SER n 
1 61  ASP n 
1 62  GLY n 
1 63  ASP n 
1 64  ILE n 
1 65  ILE n 
1 66  TYR n 
1 67  HIS n 
1 68  SER n 
1 69  ILE n 
1 70  VAL n 
1 71  ASP n 
1 72  SER n 
1 73  ILE n 
1 74  LEU n 
1 75  GLY n 
1 76  ALA n 
1 77  LEU n 
1 78  GLY n 
1 79  SER n 
1 80  LEU n 
1 81  ASP n 
1 82  ILE n 
1 83  GLY n 
1 84  THR n 
1 85  LEU n 
1 86  PHE n 
1 87  PRO n 
1 88  ASP n 
1 89  LYS n 
1 90  ASP n 
1 91  GLU n 
1 92  LYS n 
1 93  ASN n 
1 94  LYS n 
1 95  ASN n 
1 96  LYS n 
1 97  ASN n 
1 98  SER n 
1 99  ALA n 
1 100 ILE n 
1 101 PHE n 
1 102 LEU n 
1 103 ARG n 
1 104 TYR n 
1 105 ALA n 
1 106 ARG n 
1 107 LEU n 
1 108 LEU n 
1 109 ILE n 
1 110 TYR n 
1 111 LYS n 
1 112 LYS n 
1 113 ASN n 
1 114 TYR n 
1 115 ASP n 
1 116 ILE n 
1 117 GLY n 
1 118 ASN n 
1 119 VAL n 
1 120 ASP n 
1 121 ILE n 
1 122 ASN n 
1 123 VAL n 
1 124 ILE n 
1 125 ALA n 
1 126 GLN n 
1 127 VAL n 
1 128 PRO n 
1 129 LYS n 
1 130 ILE n 
1 131 SER n 
1 132 ASN n 
1 133 ILE n 
1 134 ARG n 
1 135 LYS n 
1 136 ASN n 
1 137 ILE n 
1 138 ILE n 
1 139 LYS n 
1 140 ASN n 
1 141 ILE n 
1 142 SER n 
1 143 THR n 
1 144 VAL n 
1 145 LEU n 
1 146 ASN n 
1 147 ILE n 
1 148 ASP n 
1 149 GLU n 
1 150 SER n 
1 151 GLN n 
1 152 ILE n 
1 153 SER n 
1 154 VAL n 
1 155 LYS n 
1 156 GLY n 
1 157 LYS n 
1 158 THR n 
1 159 HIS n 
1 160 GLU n 
1 161 LYS n 
1 162 LEU n 
1 163 GLY n 
1 164 VAL n 
1 165 ILE n 
1 166 GLY n 
1 167 GLU n 
1 168 LYS n 
1 169 LYS n 
1 170 ALA n 
1 171 ILE n 
1 172 GLU n 
1 173 CYS n 
1 174 PHE n 
1 175 ALA n 
1 176 ASN n 
1 177 ILE n 
1 178 LEU n 
1 179 LEU n 
1 180 ILE n 
1 181 PRO n 
1 182 LYS n 
1 183 ASN n 
1 184 SER n 
# 
_entity_src_gen.entity_id                          1 
_entity_src_gen.pdbx_src_id                        1 
_entity_src_gen.pdbx_alt_source_flag               sample 
_entity_src_gen.pdbx_seq_type                      ? 
_entity_src_gen.pdbx_beg_seq_num                   ? 
_entity_src_gen.pdbx_end_seq_num                   ? 
_entity_src_gen.gene_src_common_name               ? 
_entity_src_gen.gene_src_genus                     ? 
_entity_src_gen.pdbx_gene_src_gene                 ? 
_entity_src_gen.gene_src_species                   ? 
_entity_src_gen.gene_src_strain                    3D7 
_entity_src_gen.gene_src_tissue                    ? 
_entity_src_gen.gene_src_tissue_fraction           ? 
_entity_src_gen.gene_src_details                   ? 
_entity_src_gen.pdbx_gene_src_fragment             ? 
_entity_src_gen.pdbx_gene_src_scientific_name      'PLASMODIUM FALCIPARUM' 
_entity_src_gen.pdbx_gene_src_ncbi_taxonomy_id     36329 
_entity_src_gen.pdbx_gene_src_variant              ? 
_entity_src_gen.pdbx_gene_src_cell_line            ? 
_entity_src_gen.pdbx_gene_src_atcc                 ? 
_entity_src_gen.pdbx_gene_src_organ                ? 
_entity_src_gen.pdbx_gene_src_organelle            ? 
_entity_src_gen.pdbx_gene_src_cell                 ? 
_entity_src_gen.pdbx_gene_src_cellular_location    ? 
_entity_src_gen.host_org_common_name               ? 
_entity_src_gen.pdbx_host_org_scientific_name      'ESCHERICHIA COLI' 
_entity_src_gen.pdbx_host_org_ncbi_taxonomy_id     469008 
_entity_src_gen.host_org_genus                     ? 
_entity_src_gen.pdbx_host_org_gene                 ? 
_entity_src_gen.pdbx_host_org_organ                ? 
_entity_src_gen.host_org_species                   ? 
_entity_src_gen.pdbx_host_org_tissue               ? 
_entity_src_gen.pdbx_host_org_tissue_fraction      ? 
_entity_src_gen.pdbx_host_org_strain               'BL21(DE3)' 
_entity_src_gen.pdbx_host_org_variant              GOLD 
_entity_src_gen.pdbx_host_org_cell_line            ? 
_entity_src_gen.pdbx_host_org_atcc                 ? 
_entity_src_gen.pdbx_host_org_culture_collection   ? 
_entity_src_gen.pdbx_host_org_cell                 ? 
_entity_src_gen.pdbx_host_org_organelle            ? 
_entity_src_gen.pdbx_host_org_cellular_location    ? 
_entity_src_gen.pdbx_host_org_vector_type          ? 
_entity_src_gen.pdbx_host_org_vector               ? 
_entity_src_gen.host_org_details                   ? 
_entity_src_gen.expression_system_id               ? 
_entity_src_gen.plasmid_name                       PET15BTEV 
_entity_src_gen.plasmid_details                    ? 
_entity_src_gen.pdbx_description                   ? 
# 
_struct_ref.id                         1 
_struct_ref.db_name                    UNP 
_struct_ref.db_code                    ISPF_PLAF7 
_struct_ref.entity_id                  1 
_struct_ref.pdbx_seq_one_letter_code   ? 
_struct_ref.pdbx_align_begin           ? 
_struct_ref.pdbx_db_accession          P62368 
_struct_ref.pdbx_db_isoform            ? 
# 
_struct_ref_seq.align_id                      1 
_struct_ref_seq.ref_id                        1 
_struct_ref_seq.pdbx_PDB_id_code              4C82 
_struct_ref_seq.pdbx_strand_id                A 
_struct_ref_seq.seq_align_beg                 4 
_struct_ref_seq.pdbx_seq_align_beg_ins_code   ? 
_struct_ref_seq.seq_align_end                 184 
_struct_ref_seq.pdbx_seq_align_end_ins_code   ? 
_struct_ref_seq.pdbx_db_accession             P62368 
_struct_ref_seq.db_align_beg                  60 
_struct_ref_seq.pdbx_db_align_beg_ins_code    ? 
_struct_ref_seq.db_align_end                  240 
_struct_ref_seq.pdbx_db_align_end_ins_code    ? 
_struct_ref_seq.pdbx_auth_seq_align_beg       60 
_struct_ref_seq.pdbx_auth_seq_align_end       240 
# 
loop_
_struct_ref_seq_dif.align_id 
_struct_ref_seq_dif.pdbx_pdb_id_code 
_struct_ref_seq_dif.mon_id 
_struct_ref_seq_dif.pdbx_pdb_strand_id 
_struct_ref_seq_dif.seq_num 
_struct_ref_seq_dif.pdbx_pdb_ins_code 
_struct_ref_seq_dif.pdbx_seq_db_name 
_struct_ref_seq_dif.pdbx_seq_db_accession_code 
_struct_ref_seq_dif.db_mon_id 
_struct_ref_seq_dif.pdbx_seq_db_seq_num 
_struct_ref_seq_dif.details 
_struct_ref_seq_dif.pdbx_auth_seq_num 
_struct_ref_seq_dif.pdbx_ordinal 
1 4C82 GLY A 1 ? UNP P62368 ?   ?  'expression tag'      57 1 
1 4C82 HIS A 2 ? UNP P62368 ?   ?  'expression tag'      58 2 
1 4C82 MET A 3 ? UNP P62368 ?   ?  'expression tag'      59 3 
1 4C82 SER A 4 ? UNP P62368 CYS 60 'engineered mutation' 60 4 
# 
loop_
_chem_comp.id 
_chem_comp.type 
_chem_comp.mon_nstd_flag 
_chem_comp.name 
_chem_comp.pdbx_synonyms 
_chem_comp.formula 
_chem_comp.formula_weight 
ALA 'L-peptide linking' y ALANINE         ? 'C3 H7 N O2'     89.093  
ARG 'L-peptide linking' y ARGININE        ? 'C6 H15 N4 O2 1' 175.209 
ASN 'L-peptide linking' y ASPARAGINE      ? 'C4 H8 N2 O3'    132.118 
ASP 'L-peptide linking' y 'ASPARTIC ACID' ? 'C4 H7 N O4'     133.103 
CYS 'L-peptide linking' y CYSTEINE        ? 'C3 H7 N O2 S'   121.158 
GLN 'L-peptide linking' y GLUTAMINE       ? 'C5 H10 N2 O3'   146.144 
GLU 'L-peptide linking' y 'GLUTAMIC ACID' ? 'C5 H9 N O4'     147.129 
GLY 'peptide linking'   y GLYCINE         ? 'C2 H5 N O2'     75.067  
HIS 'L-peptide linking' y HISTIDINE       ? 'C6 H10 N3 O2 1' 156.162 
HOH non-polymer         . WATER           ? 'H2 O'           18.015  
ILE 'L-peptide linking' y ISOLEUCINE      ? 'C6 H13 N O2'    131.173 
LEU 'L-peptide linking' y LEUCINE         ? 'C6 H13 N O2'    131.173 
LYS 'L-peptide linking' y LYSINE          ? 'C6 H15 N2 O2 1' 147.195 
MET 'L-peptide linking' y METHIONINE      ? 'C5 H11 N O2 S'  149.211 
PHE 'L-peptide linking' y PHENYLALANINE   ? 'C9 H11 N O2'    165.189 
PRO 'L-peptide linking' y PROLINE         ? 'C5 H9 N O2'     115.130 
SER 'L-peptide linking' y SERINE          ? 'C3 H7 N O3'     105.093 
SO4 non-polymer         . 'SULFATE ION'   ? 'O4 S -2'        96.063  
THR 'L-peptide linking' y THREONINE       ? 'C4 H9 N O3'     119.119 
TYR 'L-peptide linking' y TYROSINE        ? 'C9 H11 N O3'    181.189 
VAL 'L-peptide linking' y VALINE          ? 'C5 H11 N O2'    117.146 
ZN  non-polymer         . 'ZINC ION'      ? 'Zn 2'           65.409  
# 
_exptl.entry_id          4C82 
_exptl.method            'X-RAY DIFFRACTION' 
_exptl.crystals_number   1 
# 
_exptl_crystal.id                    1 
_exptl_crystal.density_meas          ? 
_exptl_crystal.density_Matthews      3.4 
_exptl_crystal.density_percent_sol   64 
_exptl_crystal.description           NONE 
_exptl_crystal.preparation           ? 
# 
_exptl_crystal_grow.crystal_id      1 
_exptl_crystal_grow.method          'VAPOR DIFFUSION, HANGING DROP' 
_exptl_crystal_grow.temp            293 
_exptl_crystal_grow.temp_details    ? 
_exptl_crystal_grow.pH              5.5 
_exptl_crystal_grow.pdbx_pH_range   ? 
_exptl_crystal_grow.pdbx_details    
;PROTEIN WAS CRYSTALLISED BY HANGING-DROP VAPOUR DIFFUSION. PFISPF SAMPLE IN 100 MM KCL, 100 MM L-ARGININE, 2 MM MGCL2, 50 MM CHES, PH 9.5; WAS CONCENTRATED TO 6 MG/ML, AND HAD FOSMIDOMYCIN ADDED (20 MM FINAL CONCENTRATION). CRYSTALS WERE OBTAINED BY MIXING 2 MICROLITES OF PROTEIN WITH 2 MICROLITRES OF RESERVOIR SOLUTION AT 20 DEGREES C. RESERVOIR SOLUTION: 1.8-2.5 M (NH4)2SO4, 5MM ZNCL2, 100 MM BIS-TRIS, PH 5.5. SATURATED SUCROSE WAS USED AS A CRYO-PROTECTANT DURING COLLECTION.
;
# 
_diffrn.id                               1 
_diffrn.ambient_temp                     100 
_diffrn.ambient_temp_details             ? 
_diffrn.crystal_id                       1 
_diffrn.pdbx_serial_crystal_experiment   ? 
# 
_diffrn_detector.diffrn_id              1 
_diffrn_detector.detector               'IMAGE PLATE' 
_diffrn_detector.type                   'RIGAKU RAXIS IV PLUS PLUS' 
_diffrn_detector.pdbx_collection_date   2010-10-12 
_diffrn_detector.details                ? 
# 
_diffrn_radiation.diffrn_id                        1 
_diffrn_radiation.wavelength_id                    1 
_diffrn_radiation.pdbx_monochromatic_or_laue_m_l   M 
_diffrn_radiation.monochromator                    ? 
_diffrn_radiation.pdbx_diffrn_protocol             'SINGLE WAVELENGTH' 
_diffrn_radiation.pdbx_scattering_type             x-ray 
# 
_diffrn_radiation_wavelength.id           1 
_diffrn_radiation_wavelength.wavelength   1.5418 
_diffrn_radiation_wavelength.wt           1.0 
# 
_diffrn_source.diffrn_id                   1 
_diffrn_source.source                      'ROTATING ANODE' 
_diffrn_source.type                        'RIGAKU MICROMAX-007 HF' 
_diffrn_source.pdbx_synchrotron_site       ? 
_diffrn_source.pdbx_synchrotron_beamline   ? 
_diffrn_source.pdbx_wavelength             1.5418 
_diffrn_source.pdbx_wavelength_list        ? 
# 
_reflns.pdbx_diffrn_id               1 
_reflns.pdbx_ordinal                 1 
_reflns.entry_id                     4C82 
_reflns.observed_criterion_sigma_I   2.0 
_reflns.observed_criterion_sigma_F   ? 
_reflns.d_resolution_low             29.71 
_reflns.d_resolution_high            2.00 
_reflns.number_obs                   18068 
_reflns.number_all                   ? 
_reflns.percent_possible_obs         98.6 
_reflns.pdbx_Rmerge_I_obs            0.09 
_reflns.pdbx_Rsym_value              ? 
_reflns.pdbx_netI_over_sigmaI        5.30 
_reflns.B_iso_Wilson_estimate        32.0 
_reflns.pdbx_redundancy              2.3 
# 
_reflns_shell.pdbx_diffrn_id         1 
_reflns_shell.pdbx_ordinal           1 
_reflns_shell.d_res_high             2.00 
_reflns_shell.d_res_low              2.11 
_reflns_shell.percent_possible_all   97.0 
_reflns_shell.Rmerge_I_obs           0.48 
_reflns_shell.pdbx_Rsym_value        ? 
_reflns_shell.meanI_over_sigI_obs    2.00 
_reflns_shell.pdbx_redundancy        2.2 
# 
_refine.pdbx_refine_id                           'X-RAY DIFFRACTION' 
_refine.entry_id                                 4C82 
_refine.pdbx_diffrn_id                           1 
_refine.pdbx_TLS_residual_ADP_flag               ? 
_refine.ls_number_reflns_obs                     17023 
_refine.ls_number_reflns_all                     ? 
_refine.pdbx_ls_sigma_I                          ? 
_refine.pdbx_ls_sigma_F                          . 
_refine.pdbx_data_cutoff_high_absF               ? 
_refine.pdbx_data_cutoff_low_absF                ? 
_refine.pdbx_data_cutoff_high_rms_absF           ? 
_refine.ls_d_res_low                             29.72 
_refine.ls_d_res_high                            2.00 
_refine.ls_percent_reflns_obs                    98.58 
_refine.ls_R_factor_obs                          0.19689 
_refine.ls_R_factor_all                          ? 
_refine.ls_R_factor_R_work                       0.19441 
_refine.ls_R_factor_R_free                       0.22629 
_refine.ls_R_factor_R_free_error                 ? 
_refine.ls_R_factor_R_free_error_details         ? 
_refine.ls_percent_reflns_R_free                 5.8 
_refine.ls_number_reflns_R_free                  1044 
_refine.ls_number_parameters                     ? 
_refine.ls_number_restraints                     ? 
_refine.occupancy_min                            ? 
_refine.occupancy_max                            ? 
_refine.correlation_coeff_Fo_to_Fc               0.944 
_refine.correlation_coeff_Fo_to_Fc_free          0.940 
_refine.B_iso_mean                               37.598 
_refine.aniso_B[1][1]                            -0.26 
_refine.aniso_B[2][2]                            -0.26 
_refine.aniso_B[3][3]                            0.39 
_refine.aniso_B[1][2]                            -0.13 
_refine.aniso_B[1][3]                            0.00 
_refine.aniso_B[2][3]                            0.00 
_refine.solvent_model_details                    MASK 
_refine.solvent_model_param_ksol                 ? 
_refine.solvent_model_param_bsol                 ? 
_refine.pdbx_solvent_vdw_probe_radii             1.20 
_refine.pdbx_solvent_ion_probe_radii             0.80 
_refine.pdbx_solvent_shrinkage_radii             0.80 
_refine.pdbx_ls_cross_valid_method               THROUGHOUT 
_refine.details                                  
;HYDROGENS HAVE BEEN ADDED IN THE RIDING POSITIONS. RESIDUES 82-97 AND 144-151 ARE DISORDERED. HYDROGENS HAVE BEEN USED IF PRESENT IN THE INPUT U VALUES REFINED INDIVIDUALLY
;
_refine.pdbx_starting_model                      'PDB ENTRY 4C81' 
_refine.pdbx_method_to_determine_struct          'MOLECULAR REPLACEMENT' 
_refine.pdbx_isotropic_thermal_model             ? 
_refine.pdbx_stereochemistry_target_values       'MAXIMUM LIKELIHOOD' 
_refine.pdbx_stereochem_target_val_spec_case     ? 
_refine.pdbx_R_Free_selection_details            RANDOM 
_refine.pdbx_overall_ESU_R                       0.133 
_refine.pdbx_overall_ESU_R_Free                  0.129 
_refine.overall_SU_ML                            0.096 
_refine.pdbx_overall_phase_error                 ? 
_refine.overall_SU_B                             3.406 
_refine.overall_SU_R_Cruickshank_DPI             ? 
_refine.pdbx_overall_SU_R_free_Cruickshank_DPI   ? 
_refine.pdbx_overall_SU_R_Blow_DPI               ? 
_refine.pdbx_overall_SU_R_free_Blow_DPI          ? 
# 
_refine_hist.pdbx_refine_id                   'X-RAY DIFFRACTION' 
_refine_hist.cycle_id                         LAST 
_refine_hist.pdbx_number_atoms_protein        1213 
_refine_hist.pdbx_number_atoms_nucleic_acid   0 
_refine_hist.pdbx_number_atoms_ligand         7 
_refine_hist.number_atoms_solvent             94 
_refine_hist.number_atoms_total               1314 
_refine_hist.d_res_high                       2.00 
_refine_hist.d_res_low                        29.72 
# 
loop_
_refine_ls_restr.type 
_refine_ls_restr.dev_ideal 
_refine_ls_restr.dev_ideal_target 
_refine_ls_restr.weight 
_refine_ls_restr.number 
_refine_ls_restr.pdbx_refine_id 
_refine_ls_restr.pdbx_restraint_function 
r_bond_refined_d             0.019  0.020  ? 1230 'X-RAY DIFFRACTION' ? 
r_bond_other_d               ?      ?      ? ?    'X-RAY DIFFRACTION' ? 
r_angle_refined_deg          2.087  1.983  ? 1656 'X-RAY DIFFRACTION' ? 
r_angle_other_deg            ?      ?      ? ?    'X-RAY DIFFRACTION' ? 
r_dihedral_angle_1_deg       6.662  5.000  ? 153  'X-RAY DIFFRACTION' ? 
r_dihedral_angle_2_deg       45.073 25.625 ? 48   'X-RAY DIFFRACTION' ? 
r_dihedral_angle_3_deg       19.187 15.000 ? 241  'X-RAY DIFFRACTION' ? 
r_dihedral_angle_4_deg       10.280 15.000 ? 4    'X-RAY DIFFRACTION' ? 
r_chiral_restr               0.152  0.200  ? 202  'X-RAY DIFFRACTION' ? 
r_gen_planes_refined         0.010  0.020  ? 861  'X-RAY DIFFRACTION' ? 
r_gen_planes_other           ?      ?      ? ?    'X-RAY DIFFRACTION' ? 
r_nbd_refined                ?      ?      ? ?    'X-RAY DIFFRACTION' ? 
r_nbd_other                  ?      ?      ? ?    'X-RAY DIFFRACTION' ? 
r_nbtor_refined              ?      ?      ? ?    'X-RAY DIFFRACTION' ? 
r_nbtor_other                ?      ?      ? ?    'X-RAY DIFFRACTION' ? 
r_xyhbond_nbd_refined        ?      ?      ? ?    'X-RAY DIFFRACTION' ? 
r_xyhbond_nbd_other          ?      ?      ? ?    'X-RAY DIFFRACTION' ? 
r_metal_ion_refined          ?      ?      ? ?    'X-RAY DIFFRACTION' ? 
r_metal_ion_other            ?      ?      ? ?    'X-RAY DIFFRACTION' ? 
r_symmetry_vdw_refined       ?      ?      ? ?    'X-RAY DIFFRACTION' ? 
r_symmetry_vdw_other         ?      ?      ? ?    'X-RAY DIFFRACTION' ? 
r_symmetry_hbond_refined     ?      ?      ? ?    'X-RAY DIFFRACTION' ? 
r_symmetry_hbond_other       ?      ?      ? ?    'X-RAY DIFFRACTION' ? 
r_symmetry_metal_ion_refined ?      ?      ? ?    'X-RAY DIFFRACTION' ? 
r_symmetry_metal_ion_other   ?      ?      ? ?    'X-RAY DIFFRACTION' ? 
r_mcbond_it                  ?      ?      ? ?    'X-RAY DIFFRACTION' ? 
r_mcbond_other               ?      ?      ? ?    'X-RAY DIFFRACTION' ? 
r_mcangle_it                 ?      ?      ? ?    'X-RAY DIFFRACTION' ? 
r_mcangle_other              ?      ?      ? ?    'X-RAY DIFFRACTION' ? 
r_scbond_it                  ?      ?      ? ?    'X-RAY DIFFRACTION' ? 
r_scbond_other               ?      ?      ? ?    'X-RAY DIFFRACTION' ? 
r_scangle_it                 ?      ?      ? ?    'X-RAY DIFFRACTION' ? 
r_scangle_other              ?      ?      ? ?    'X-RAY DIFFRACTION' ? 
r_long_range_B_refined       ?      ?      ? ?    'X-RAY DIFFRACTION' ? 
r_long_range_B_other         ?      ?      ? ?    'X-RAY DIFFRACTION' ? 
r_rigid_bond_restr           ?      ?      ? ?    'X-RAY DIFFRACTION' ? 
r_sphericity_free            ?      ?      ? ?    'X-RAY DIFFRACTION' ? 
r_sphericity_bonded          ?      ?      ? ?    'X-RAY DIFFRACTION' ? 
# 
_refine_ls_shell.pdbx_refine_id                   'X-RAY DIFFRACTION' 
_refine_ls_shell.pdbx_total_number_of_bins_used   20 
_refine_ls_shell.d_res_high                       2.000 
_refine_ls_shell.d_res_low                        2.052 
_refine_ls_shell.number_reflns_R_work             1246 
_refine_ls_shell.R_factor_R_work                  0.292 
_refine_ls_shell.percent_reflns_obs               94.22 
_refine_ls_shell.R_factor_R_free                  0.373 
_refine_ls_shell.R_factor_R_free_error            ? 
_refine_ls_shell.percent_reflns_R_free            ? 
_refine_ls_shell.number_reflns_R_free             59 
_refine_ls_shell.number_reflns_all                ? 
_refine_ls_shell.R_factor_all                     ? 
# 
_struct.entry_id                  4C82 
_struct.title                     'IspF (Plasmodium falciparum) unliganded structure' 
_struct.pdbx_model_details        ? 
_struct.pdbx_CASP_flag            ? 
_struct.pdbx_model_type_details   ? 
# 
_struct_keywords.entry_id        4C82 
_struct_keywords.pdbx_keywords   LYASE 
_struct_keywords.text            LYASE 
# 
loop_
_struct_asym.id 
_struct_asym.pdbx_blank_PDB_chainid_flag 
_struct_asym.pdbx_modified 
_struct_asym.entity_id 
_struct_asym.details 
A N N 1 ? 
B N N 2 ? 
C N N 2 ? 
D N N 3 ? 
E N N 4 ? 
# 
loop_
_struct_conf.conf_type_id 
_struct_conf.id 
_struct_conf.pdbx_PDB_helix_id 
_struct_conf.beg_label_comp_id 
_struct_conf.beg_label_asym_id 
_struct_conf.beg_label_seq_id 
_struct_conf.pdbx_beg_PDB_ins_code 
_struct_conf.end_label_comp_id 
_struct_conf.end_label_asym_id 
_struct_conf.end_label_seq_id 
_struct_conf.pdbx_end_PDB_ins_code 
_struct_conf.beg_auth_comp_id 
_struct_conf.beg_auth_asym_id 
_struct_conf.beg_auth_seq_id 
_struct_conf.end_auth_comp_id 
_struct_conf.end_auth_asym_id 
_struct_conf.end_auth_seq_id 
_struct_conf.pdbx_PDB_helix_class 
_struct_conf.details 
_struct_conf.pdbx_PDB_helix_length 
HELX_P HELX_P1 1 ASP A 63  ? GLY A 78  ? ASP A 119 GLY A 134 1 ? 16 
HELX_P HELX_P2 2 ASP A 81  ? PHE A 86  ? ASP A 137 PHE A 142 1 ? 6  
HELX_P HELX_P3 3 LYS A 96  ? LYS A 112 ? LYS A 152 LYS A 168 1 ? 17 
HELX_P HELX_P4 4 ILE A 133 ? ASN A 146 ? ILE A 189 ASN A 202 1 ? 14 
HELX_P HELX_P5 5 ASP A 148 ? SER A 150 ? ASP A 204 SER A 206 5 ? 3  
HELX_P HELX_P6 6 LEU A 162 ? GLU A 167 ? LEU A 218 GLU A 223 1 ? 6  
# 
_struct_conf_type.id          HELX_P 
_struct_conf_type.criteria    ? 
_struct_conf_type.reference   ? 
# 
loop_
_struct_conn.id 
_struct_conn.conn_type_id 
_struct_conn.pdbx_leaving_atom_flag 
_struct_conn.pdbx_PDB_id 
_struct_conn.ptnr1_label_asym_id 
_struct_conn.ptnr1_label_comp_id 
_struct_conn.ptnr1_label_seq_id 
_struct_conn.ptnr1_label_atom_id 
_struct_conn.pdbx_ptnr1_label_alt_id 
_struct_conn.pdbx_ptnr1_PDB_ins_code 
_struct_conn.pdbx_ptnr1_standard_comp_id 
_struct_conn.ptnr1_symmetry 
_struct_conn.ptnr2_label_asym_id 
_struct_conn.ptnr2_label_comp_id 
_struct_conn.ptnr2_label_seq_id 
_struct_conn.ptnr2_label_atom_id 
_struct_conn.pdbx_ptnr2_label_alt_id 
_struct_conn.pdbx_ptnr2_PDB_ins_code 
_struct_conn.ptnr1_auth_asym_id 
_struct_conn.ptnr1_auth_comp_id 
_struct_conn.ptnr1_auth_seq_id 
_struct_conn.ptnr2_auth_asym_id 
_struct_conn.ptnr2_auth_comp_id 
_struct_conn.ptnr2_auth_seq_id 
_struct_conn.ptnr2_symmetry 
_struct_conn.pdbx_ptnr3_label_atom_id 
_struct_conn.pdbx_ptnr3_label_seq_id 
_struct_conn.pdbx_ptnr3_label_comp_id 
_struct_conn.pdbx_ptnr3_label_asym_id 
_struct_conn.pdbx_ptnr3_label_alt_id 
_struct_conn.pdbx_ptnr3_PDB_ins_code 
_struct_conn.details 
_struct_conn.pdbx_dist_value 
_struct_conn.pdbx_value_order 
_struct_conn.pdbx_role 
metalc1 metalc ? ? A ASP 15  OD2 ? ? ? 1_555 B ZN . ZN ? ? A ASP 71  A ZN 1240 1_555 ? ? ? ? ? ? ? 2.009 ? ? 
metalc2 metalc ? ? A HIS 17  NE2 ? ? ? 1_555 B ZN . ZN ? ? A HIS 73  A ZN 1240 1_555 ? ? ? ? ? ? ? 2.056 ? ? 
metalc3 metalc ? ? A HIS 67  ND1 ? ? ? 1_555 B ZN . ZN ? ? A HIS 123 A ZN 1240 1_555 ? ? ? ? ? ? ? 1.996 ? ? 
metalc4 metalc ? ? A HIS 159 NE2 ? ? ? 1_555 C ZN . ZN ? ? A HIS 215 A ZN 1241 1_555 ? ? ? ? ? ? ? 2.632 ? ? 
metalc5 metalc ? ? A GLU 172 OE1 ? ? ? 2_545 C ZN . ZN ? ? A GLU 228 A ZN 1241 1_555 ? ? ? ? ? ? ? 2.605 ? ? 
# 
_struct_conn_type.id          metalc 
_struct_conn_type.criteria    ? 
_struct_conn_type.reference   ? 
# 
_struct_mon_prot_cis.pdbx_id                1 
_struct_mon_prot_cis.label_comp_id          VAL 
_struct_mon_prot_cis.label_seq_id           127 
_struct_mon_prot_cis.label_asym_id          A 
_struct_mon_prot_cis.label_alt_id           . 
_struct_mon_prot_cis.pdbx_PDB_ins_code      ? 
_struct_mon_prot_cis.auth_comp_id           VAL 
_struct_mon_prot_cis.auth_seq_id            183 
_struct_mon_prot_cis.auth_asym_id           A 
_struct_mon_prot_cis.pdbx_label_comp_id_2   PRO 
_struct_mon_prot_cis.pdbx_label_seq_id_2    128 
_struct_mon_prot_cis.pdbx_label_asym_id_2   A 
_struct_mon_prot_cis.pdbx_PDB_ins_code_2    ? 
_struct_mon_prot_cis.pdbx_auth_comp_id_2    PRO 
_struct_mon_prot_cis.pdbx_auth_seq_id_2     184 
_struct_mon_prot_cis.pdbx_auth_asym_id_2    A 
_struct_mon_prot_cis.pdbx_PDB_model_num     1 
_struct_mon_prot_cis.pdbx_omega_angle       -0.05 
# 
_struct_sheet.id               AA 
_struct_sheet.type             ? 
_struct_sheet.number_strands   6 
_struct_sheet.details          ? 
# 
loop_
_struct_sheet_order.sheet_id 
_struct_sheet_order.range_id_1 
_struct_sheet_order.range_id_2 
_struct_sheet_order.offset 
_struct_sheet_order.sense 
AA 1 2 ? anti-parallel 
AA 2 3 ? anti-parallel 
AA 3 4 ? anti-parallel 
AA 4 5 ? anti-parallel 
AA 5 6 ? parallel      
# 
loop_
_struct_sheet_range.sheet_id 
_struct_sheet_range.id 
_struct_sheet_range.beg_label_comp_id 
_struct_sheet_range.beg_label_asym_id 
_struct_sheet_range.beg_label_seq_id 
_struct_sheet_range.pdbx_beg_PDB_ins_code 
_struct_sheet_range.end_label_comp_id 
_struct_sheet_range.end_label_asym_id 
_struct_sheet_range.end_label_seq_id 
_struct_sheet_range.pdbx_end_PDB_ins_code 
_struct_sheet_range.beg_auth_comp_id 
_struct_sheet_range.beg_auth_asym_id 
_struct_sheet_range.beg_auth_seq_id 
_struct_sheet_range.end_auth_comp_id 
_struct_sheet_range.end_auth_asym_id 
_struct_sheet_range.end_auth_seq_id 
AA 1 THR A 43  ? LEU A 46  ? THR A 99  LEU A 102 
AA 2 VAL A 49  ? VAL A 56  ? VAL A 105 VAL A 112 
AA 3 ARG A 9   ? VAL A 21  ? ARG A 65  VAL A 77  
AA 4 ALA A 170 ? PRO A 181 ? ALA A 226 PRO A 237 
AA 5 TYR A 114 ? ILE A 124 ? TYR A 170 ILE A 180 
AA 6 ILE A 152 ? LYS A 157 ? ILE A 208 LYS A 213 
# 
loop_
_pdbx_struct_sheet_hbond.sheet_id 
_pdbx_struct_sheet_hbond.range_id_1 
_pdbx_struct_sheet_hbond.range_id_2 
_pdbx_struct_sheet_hbond.range_1_label_atom_id 
_pdbx_struct_sheet_hbond.range_1_label_comp_id 
_pdbx_struct_sheet_hbond.range_1_label_asym_id 
_pdbx_struct_sheet_hbond.range_1_label_seq_id 
_pdbx_struct_sheet_hbond.range_1_PDB_ins_code 
_pdbx_struct_sheet_hbond.range_1_auth_atom_id 
_pdbx_struct_sheet_hbond.range_1_auth_comp_id 
_pdbx_struct_sheet_hbond.range_1_auth_asym_id 
_pdbx_struct_sheet_hbond.range_1_auth_seq_id 
_pdbx_struct_sheet_hbond.range_2_label_atom_id 
_pdbx_struct_sheet_hbond.range_2_label_comp_id 
_pdbx_struct_sheet_hbond.range_2_label_asym_id 
_pdbx_struct_sheet_hbond.range_2_label_seq_id 
_pdbx_struct_sheet_hbond.range_2_PDB_ins_code 
_pdbx_struct_sheet_hbond.range_2_auth_atom_id 
_pdbx_struct_sheet_hbond.range_2_auth_comp_id 
_pdbx_struct_sheet_hbond.range_2_auth_asym_id 
_pdbx_struct_sheet_hbond.range_2_auth_seq_id 
AA 1 2 N LEU A 46  ? N LEU A 102 O VAL A 49  ? O VAL A 105 
AA 2 3 N LEU A 55  ? N LEU A 111 O LYS A 20  ? O LYS A 76  
AA 3 4 N HIS A 17  ? N HIS A 73  O ILE A 171 ? O ILE A 227 
AA 4 5 N ILE A 180 ? N ILE A 236 O ASP A 115 ? O ASP A 171 
AA 5 6 N ILE A 121 ? N ILE A 177 O SER A 153 ? O SER A 209 
# 
loop_
_struct_site.id 
_struct_site.pdbx_evidence_code 
_struct_site.pdbx_auth_asym_id 
_struct_site.pdbx_auth_comp_id 
_struct_site.pdbx_auth_seq_id 
_struct_site.pdbx_auth_ins_code 
_struct_site.pdbx_num_residues 
_struct_site.details 
AC1 Software A ZN  1240 ? 3 'BINDING SITE FOR RESIDUE ZN A 1240'  
AC2 Software A ZN  1241 ? 4 'BINDING SITE FOR RESIDUE ZN A 1241'  
AC3 Software A SO4 1242 ? 5 'BINDING SITE FOR RESIDUE SO4 A 1242' 
# 
loop_
_struct_site_gen.id 
_struct_site_gen.site_id 
_struct_site_gen.pdbx_num_res 
_struct_site_gen.label_comp_id 
_struct_site_gen.label_asym_id 
_struct_site_gen.label_seq_id 
_struct_site_gen.pdbx_auth_ins_code 
_struct_site_gen.auth_comp_id 
_struct_site_gen.auth_asym_id 
_struct_site_gen.auth_seq_id 
_struct_site_gen.label_atom_id 
_struct_site_gen.label_alt_id 
_struct_site_gen.symmetry 
_struct_site_gen.details 
1  AC1 3 ASP A 15  ? ASP A 71   . ? 1_555 ? 
2  AC1 3 HIS A 17  ? HIS A 73   . ? 1_555 ? 
3  AC1 3 HIS A 67  ? HIS A 123  . ? 1_555 ? 
4  AC2 4 TYR A 14  ? TYR A 70   . ? 2_545 ? 
5  AC2 4 HIS A 159 ? HIS A 215  . ? 1_555 ? 
6  AC2 4 GLU A 172 ? GLU A 228  . ? 2_545 ? 
7  AC2 4 HOH E .   ? HOH A 2088 . ? 1_555 ? 
8  AC3 5 GLY A 163 ? GLY A 219  . ? 2_545 ? 
9  AC3 5 GLY A 163 ? GLY A 219  . ? 1_555 ? 
10 AC3 5 VAL A 164 ? VAL A 220  . ? 2_545 ? 
11 AC3 5 VAL A 164 ? VAL A 220  . ? 1_555 ? 
12 AC3 5 VAL A 164 ? VAL A 220  . ? 3_655 ? 
# 
_atom_sites.entry_id                    4C82 
_atom_sites.fract_transf_matrix[1][1]   0.01288371 
_atom_sites.fract_transf_matrix[1][2]   0.00213688 
_atom_sites.fract_transf_matrix[1][3]   0.00417168 
_atom_sites.fract_transf_matrix[2][1]   0.00636620 
_atom_sites.fract_transf_matrix[2][2]   -0.00940212 
_atom_sites.fract_transf_matrix[2][3]   0.00768348 
_atom_sites.fract_transf_matrix[3][1]   0.00333652 
_atom_sites.fract_transf_matrix[3][2]   -0.00434348 
_atom_sites.fract_transf_matrix[3][3]   -0.00807953 
_atom_sites.fract_transf_vector[1]      0.311448 
_atom_sites.fract_transf_vector[2]      -0.186212 
_atom_sites.fract_transf_vector[3]      0.119535 
# 
loop_
_atom_type.symbol 
C  
N  
O  
S  
ZN 
# 
loop_
_atom_site.group_PDB 
_atom_site.id 
_atom_site.type_symbol 
_atom_site.label_atom_id 
_atom_site.label_alt_id 
_atom_site.label_comp_id 
_atom_site.label_asym_id 
_atom_site.label_entity_id 
_atom_site.label_seq_id 
_atom_site.pdbx_PDB_ins_code 
_atom_site.Cartn_x 
_atom_site.Cartn_y 
_atom_site.Cartn_z 
_atom_site.occupancy 
_atom_site.B_iso_or_equiv 
_atom_site.pdbx_formal_charge 
_atom_site.auth_seq_id 
_atom_site.auth_comp_id 
_atom_site.auth_asym_id 
_atom_site.auth_atom_id 
_atom_site.pdbx_PDB_model_num 
ATOM   1    N  N   . SER A 1 4   ? 11.354  19.555  17.802  1.00  53.77  ? 60   SER A N   1 
ATOM   2    C  CA  . SER A 1 4   ? 10.584  18.355  17.346  1.00  55.53  ? 60   SER A CA  1 
ATOM   3    C  C   . SER A 1 4   ? 9.126   18.725  16.938  1.00  57.66  ? 60   SER A C   1 
ATOM   4    O  O   . SER A 1 4   ? 8.353   19.259  17.750  1.00  55.09  ? 60   SER A O   1 
ATOM   5    C  CB  . SER A 1 4   ? 10.610  17.270  18.431  1.00  56.13  ? 60   SER A CB  1 
ATOM   6    O  OG  . SER A 1 4   ? 9.771   16.164  18.101  1.00  65.56  ? 60   SER A OG  1 
ATOM   7    N  N   . TYR A 1 5   ? 8.753   18.423  15.691  1.00  46.20  ? 61   TYR A N   1 
ATOM   8    C  CA  . TYR A 1 5   ? 7.474   18.875  15.190  1.00  38.78  ? 61   TYR A CA  1 
ATOM   9    C  C   . TYR A 1 5   ? 6.445   17.840  15.549  1.00  35.34  ? 61   TYR A C   1 
ATOM   10   O  O   . TYR A 1 5   ? 6.631   16.629  15.322  1.00  40.47  ? 61   TYR A O   1 
ATOM   11   C  CB  . TYR A 1 5   ? 7.549   19.189  13.677  1.00  35.33  ? 61   TYR A CB  1 
ATOM   12   C  CG  . TYR A 1 5   ? 6.218   19.495  12.993  1.00  34.47  ? 61   TYR A CG  1 
ATOM   13   C  CD1 . TYR A 1 5   ? 5.599   20.721  13.155  1.00  31.20  ? 61   TYR A CD1 1 
ATOM   14   C  CD2 . TYR A 1 5   ? 5.565   18.509  12.204  1.00  28.79  ? 61   TYR A CD2 1 
ATOM   15   C  CE1 . TYR A 1 5   ? 4.349   20.980  12.566  1.00  34.25  ? 61   TYR A CE1 1 
ATOM   16   C  CE2 . TYR A 1 5   ? 4.342   18.755  11.606  1.00  26.92  ? 61   TYR A CE2 1 
ATOM   17   C  CZ  . TYR A 1 5   ? 3.735   19.987  11.738  1.00  26.62  ? 61   TYR A CZ  1 
ATOM   18   O  OH  . TYR A 1 5   ? 2.505   20.267  11.139  1.00  27.10  ? 61   TYR A OH  1 
ATOM   19   N  N   . ASN A 1 6   ? 5.355   18.305  16.154  1.00  38.49  ? 62   ASN A N   1 
ATOM   20   C  CA  . ASN A 1 6   ? 4.243   17.411  16.499  1.00  37.89  ? 62   ASN A CA  1 
ATOM   21   C  C   . ASN A 1 6   ? 2.944   17.918  15.952  1.00  32.95  ? 62   ASN A C   1 
ATOM   22   O  O   . ASN A 1 6   ? 1.886   17.512  16.416  1.00  37.96  ? 62   ASN A O   1 
ATOM   23   C  CB  . ASN A 1 6   ? 4.117   17.215  18.038  1.00  48.20  ? 62   ASN A CB  1 
ATOM   24   C  CG  . ASN A 1 6   ? 5.262   16.409  18.607  1.00  57.23  ? 62   ASN A CG  1 
ATOM   25   O  OD1 . ASN A 1 6   ? 5.221   15.162  18.650  1.00  62.44  ? 62   ASN A OD1 1 
ATOM   26   N  ND2 . ASN A 1 6   ? 6.302   17.104  19.042  1.00  53.66  ? 62   ASN A ND2 1 
ATOM   27   N  N   . GLY A 1 7   ? 2.967   18.779  14.939  1.00  28.56  ? 63   GLY A N   1 
ATOM   28   C  CA  . GLY A 1 7   ? 1.663   19.152  14.319  1.00  28.38  ? 63   GLY A CA  1 
ATOM   29   C  C   . GLY A 1 7   ? 1.211   18.048  13.321  1.00  30.07  ? 63   GLY A C   1 
ATOM   30   O  O   . GLY A 1 7   ? 1.847   16.978  13.219  1.00  29.17  ? 63   GLY A O   1 
ATOM   31   N  N   . ILE A 1 8   ? 0.129   18.315  12.578  1.00  31.24  ? 64   ILE A N   1 
ATOM   32   C  CA  . ILE A 1 8   ? -0.352  17.464  11.491  1.00  28.86  ? 64   ILE A CA  1 
ATOM   33   C  C   . ILE A 1 8   ? 0.724   17.094  10.431  1.00  24.93  ? 64   ILE A C   1 
ATOM   34   O  O   . ILE A 1 8   ? 1.603   17.886  10.117  1.00  25.93  ? 64   ILE A O   1 
ATOM   35   C  CB  . ILE A 1 8   ? -1.632  18.061  10.859  1.00  32.92  ? 64   ILE A CB  1 
ATOM   36   C  CG1 . ILE A 1 8   ? -2.193  17.134  9.790   1.00  28.24  ? 64   ILE A CG1 1 
ATOM   37   C  CG2 . ILE A 1 8   ? -1.319  19.450  10.308  1.00  42.39  ? 64   ILE A CG2 1 
ATOM   38   C  CD1 . ILE A 1 8   ? -3.444  17.649  9.164   1.00  40.84  ? 64   ILE A CD1 1 
ATOM   39   N  N   . ARG A 1 9   ? 0.758   15.831  10.022  1.00  24.46  ? 65   ARG A N   1 
ATOM   40   C  CA  . ARG A 1 9   ? 1.817   15.385  9.101   1.00  26.94  ? 65   ARG A CA  1 
ATOM   41   C  C   . ARG A 1 9   ? 1.245   14.749  7.850   1.00  25.47  ? 65   ARG A C   1 
ATOM   42   O  O   . ARG A 1 9   ? 0.238   14.028  7.933   1.00  26.27  ? 65   ARG A O   1 
ATOM   43   C  CB  . ARG A 1 9   ? 2.811   14.431  9.776   1.00  26.69  ? 65   ARG A CB  1 
ATOM   44   C  CG  . ARG A 1 9   ? 3.828   15.125  10.730  1.00  27.67  ? 65   ARG A CG  1 
ATOM   45   C  CD  . ARG A 1 9   ? 4.492   14.066  11.619  1.00  28.23  ? 65   ARG A CD  1 
ATOM   46   N  NE  . ARG A 1 9   ? 5.650   14.557  12.381  1.00  28.78  ? 65   ARG A NE  1 
ATOM   47   C  CZ  . ARG A 1 9   ? 6.869   14.830  11.946  1.00  34.30  ? 65   ARG A CZ  1 
ATOM   48   N  NH1 . ARG A 1 9   ? 7.230   14.669  10.654  1.00  32.09  ? 65   ARG A NH1 1 
ATOM   49   N  NH2 . ARG A 1 9   ? 7.785   15.280  12.853  1.00  32.27  ? 65   ARG A NH2 1 
ATOM   50   N  N   . ILE A 1 10  ? 1.896   15.029  6.708   1.00  24.39  ? 66   ILE A N   1 
ATOM   51   C  CA  . ILE A 1 10  ? 1.577   14.412  5.445   1.00  22.37  ? 66   ILE A CA  1 
ATOM   52   C  C   . ILE A 1 10  ? 2.601   13.314  5.140   1.00  19.97  ? 66   ILE A C   1 
ATOM   53   O  O   . ILE A 1 10  ? 3.848   13.439  5.458   1.00  20.75  ? 66   ILE A O   1 
ATOM   54   C  CB  . ILE A 1 10  ? 1.427   15.447  4.283   1.00  21.90  ? 66   ILE A CB  1 
ATOM   55   C  CG1 . ILE A 1 10  ? 0.982   14.783  2.965   1.00  22.13  ? 66   ILE A CG1 1 
ATOM   56   C  CG2 . ILE A 1 10  ? 2.746   16.282  3.985   1.00  20.96  ? 66   ILE A CG2 1 
ATOM   57   C  CD1 . ILE A 1 10  ? 0.797   15.845  1.862   1.00  25.17  ? 66   ILE A CD1 1 
ATOM   58   N  N   . GLY A 1 11  ? 2.100   12.245  4.482   1.00  22.18  ? 67   GLY A N   1 
ATOM   59   C  CA  . GLY A 1 11  ? 3.043   11.181  3.977   1.00  21.54  ? 67   GLY A CA  1 
ATOM   60   C  C   . GLY A 1 11  ? 2.584   10.772  2.563   1.00  24.98  ? 67   GLY A C   1 
ATOM   61   O  O   . GLY A 1 11  ? 1.395   10.716  2.286   1.00  20.08  ? 67   GLY A O   1 
ATOM   62   N  N   . GLN A 1 12  ? 3.537   10.452  1.683   1.00  21.18  ? 68   GLN A N   1 
ATOM   63   C  CA  . GLN A 1 12  ? 3.116   9.828   0.437   1.00  20.95  ? 68   GLN A CA  1 
ATOM   64   C  C   . GLN A 1 12  ? 3.955   8.573   0.225   1.00  20.79  ? 68   GLN A C   1 
ATOM   65   O  O   . GLN A 1 12  ? 5.177   8.682   0.171   1.00  23.49  ? 68   GLN A O   1 
ATOM   66   C  CB  . GLN A 1 12  ? 3.247   10.837  -0.690  1.00  20.39  ? 68   GLN A CB  1 
ATOM   67   C  CG  . GLN A 1 12  ? 2.884   10.182  -2.034  1.00  25.67  ? 68   GLN A CG  1 
ATOM   68   C  CD  . GLN A 1 12  ? 3.055   11.090  -3.178  1.00  28.97  ? 68   GLN A CD  1 
ATOM   69   O  OE1 . GLN A 1 12  ? 2.071   11.669  -3.690  1.00  31.07  ? 68   GLN A OE1 1 
ATOM   70   N  NE2 . GLN A 1 12  ? 4.313   11.278  -3.587  1.00  27.81  ? 68   GLN A NE2 1 
ATOM   71   N  N   . GLY A 1 13  ? 3.345   7.409   0.131   1.00  19.42  ? 69   GLY A N   1 
ATOM   72   C  CA  . GLY A 1 13  ? 4.177   6.231   -0.146  1.00  20.10  ? 69   GLY A CA  1 
ATOM   73   C  C   . GLY A 1 13  ? 4.106   5.931   -1.674  1.00  19.10  ? 69   GLY A C   1 
ATOM   74   O  O   . GLY A 1 13  ? 3.111   6.244   -2.363  1.00  16.73  ? 69   GLY A O   1 
ATOM   75   N  N   . TYR A 1 14  ? 5.160   5.362   -2.201  1.00  20.39  ? 70   TYR A N   1 
ATOM   76   C  CA  . TYR A 1 14  ? 5.093   4.913   -3.594  1.00  19.78  ? 70   TYR A CA  1 
ATOM   77   C  C   . TYR A 1 14  ? 5.704   3.525   -3.692  1.00  23.67  ? 70   TYR A C   1 
ATOM   78   O  O   . TYR A 1 14  ? 6.716   3.223   -3.012  1.00  25.44  ? 70   TYR A O   1 
ATOM   79   C  CB  . TYR A 1 14  ? 5.905   5.924   -4.457  1.00  20.20  ? 70   TYR A CB  1 
ATOM   80   C  CG  . TYR A 1 14  ? 6.138   5.365   -5.852  1.00  22.19  ? 70   TYR A CG  1 
ATOM   81   C  CD1 . TYR A 1 14  ? 5.199   5.516   -6.810  1.00  19.81  ? 70   TYR A CD1 1 
ATOM   82   C  CD2 . TYR A 1 14  ? 7.294   4.633   -6.161  1.00  21.12  ? 70   TYR A CD2 1 
ATOM   83   C  CE1 . TYR A 1 14  ? 5.403   5.042   -8.106  1.00  21.22  ? 70   TYR A CE1 1 
ATOM   84   C  CE2 . TYR A 1 14  ? 7.514   4.117   -7.444  1.00  19.45  ? 70   TYR A CE2 1 
ATOM   85   C  CZ  . TYR A 1 14  ? 6.565   4.342   -8.420  1.00  21.69  ? 70   TYR A CZ  1 
ATOM   86   O  OH  . TYR A 1 14  ? 6.689   3.817   -9.746  1.00  21.30  ? 70   TYR A OH  1 
ATOM   87   N  N   . ASP A 1 15  ? 5.157   2.668   -4.559  1.00  21.70  ? 71   ASP A N   1 
ATOM   88   C  CA  . ASP A 1 15  ? 5.769   1.348   -4.709  1.00  23.44  ? 71   ASP A CA  1 
ATOM   89   C  C   . ASP A 1 15  ? 5.509   0.908   -6.156  1.00  21.73  ? 71   ASP A C   1 
ATOM   90   O  O   . ASP A 1 15  ? 4.543   1.337   -6.775  1.00  21.02  ? 71   ASP A O   1 
ATOM   91   C  CB  . ASP A 1 15  ? 5.152   0.266   -3.771  1.00  21.96  ? 71   ASP A CB  1 
ATOM   92   C  CG  . ASP A 1 15  ? 6.095   -0.964  -3.562  1.00  25.64  ? 71   ASP A CG  1 
ATOM   93   O  OD1 . ASP A 1 15  ? 7.325   -0.897  -3.947  1.00  22.43  ? 71   ASP A OD1 1 
ATOM   94   O  OD2 . ASP A 1 15  ? 5.606   -2.006  -2.991  1.00  29.29  ? 71   ASP A OD2 1 
ATOM   95   N  N   . ILE A 1 16  ? 6.349   0.003   -6.650  1.00  22.57  ? 72   ILE A N   1 
ATOM   96   C  CA  . ILE A 1 16  ? 6.128   -0.533  -8.008  1.00  20.06  ? 72   ILE A CA  1 
ATOM   97   C  C   . ILE A 1 16  ? 6.673   -1.948  -7.982  1.00  20.54  ? 72   ILE A C   1 
ATOM   98   O  O   . ILE A 1 16  ? 7.744   -2.220  -7.391  1.00  24.61  ? 72   ILE A O   1 
ATOM   99   C  CB  . ILE A 1 16  ? 6.791   0.354   -9.110  1.00  19.62  ? 72   ILE A CB  1 
ATOM   100  C  CG1 . ILE A 1 16  ? 6.704   -0.380  -10.513 1.00  20.83  ? 72   ILE A CG1 1 
ATOM   101  C  CG2 . ILE A 1 16  ? 8.237   0.663   -8.699  1.00  20.45  ? 72   ILE A CG2 1 
ATOM   102  C  CD1 . ILE A 1 16  ? 7.178   0.479   -11.667 1.00  20.72  ? 72   ILE A CD1 1 
ATOM   103  N  N   . HIS A 1 17  ? 5.909   -2.893  -8.545  1.00  23.40  ? 73   HIS A N   1 
ATOM   104  C  CA  . HIS A 1 17  ? 6.426   -4.248  -8.688  1.00  24.75  ? 73   HIS A CA  1 
ATOM   105  C  C   . HIS A 1 17  ? 6.227   -4.778  -10.069 1.00  26.31  ? 73   HIS A C   1 
ATOM   106  O  O   . HIS A 1 17  ? 5.188   -4.519  -10.686 1.00  25.81  ? 73   HIS A O   1 
ATOM   107  C  CB  . HIS A 1 17  ? 5.816   -5.203  -7.655  1.00  23.42  ? 73   HIS A CB  1 
ATOM   108  C  CG  . HIS A 1 17  ? 6.456   -5.079  -6.315  1.00  26.85  ? 73   HIS A CG  1 
ATOM   109  N  ND1 . HIS A 1 17  ? 7.725   -5.495  -6.064  1.00  28.62  ? 73   HIS A ND1 1 
ATOM   110  C  CD2 . HIS A 1 17  ? 5.990   -4.504  -5.138  1.00  26.76  ? 73   HIS A CD2 1 
ATOM   111  C  CE1 . HIS A 1 17  ? 8.027   -5.209  -4.782  1.00  31.47  ? 73   HIS A CE1 1 
ATOM   112  N  NE2 . HIS A 1 17  ? 6.957   -4.598  -4.229  1.00  31.42  ? 73   HIS A NE2 1 
ATOM   113  N  N   . LYS A 1 18  ? 7.216   -5.533  -10.553 1.00  26.07  ? 74   LYS A N   1 
ATOM   114  C  CA  . LYS A 1 18  ? 7.076   -6.333  -11.803 1.00  27.84  ? 74   LYS A CA  1 
ATOM   115  C  C   . LYS A 1 18  ? 6.063   -7.470  -11.685 1.00  26.40  ? 74   LYS A C   1 
ATOM   116  O  O   . LYS A 1 18  ? 6.053   -8.200  -10.675 1.00  28.11  ? 74   LYS A O   1 
ATOM   117  C  CB  . LYS A 1 18  ? 8.439   -6.971  -12.155 1.00  31.01  ? 74   LYS A CB  1 
ATOM   118  C  CG  . LYS A 1 18  ? 9.478   -5.956  -12.539 1.00  39.16  ? 74   LYS A CG  1 
ATOM   119  C  CD  . LYS A 1 18  ? 10.888  -6.543  -12.757 1.00  47.30  ? 74   LYS A CD  1 
ATOM   120  C  CE  . LYS A 1 18  ? 10.845  -7.850  -13.518 1.00  53.89  ? 74   LYS A CE  1 
ATOM   121  N  NZ  . LYS A 1 18  ? 10.146  -7.738  -14.828 1.00  61.51  ? 74   LYS A NZ  1 
ATOM   122  N  N   . ILE A 1 19  ? 5.246   -7.655  -12.725 1.00  22.54  ? 75   ILE A N   1 
ATOM   123  C  CA  . ILE A 1 19  ? 4.234   -8.679  -12.706 1.00  25.18  ? 75   ILE A CA  1 
ATOM   124  C  C   . ILE A 1 19  ? 4.272   -9.472  -14.025 1.00  28.90  ? 75   ILE A C   1 
ATOM   125  O  O   . ILE A 1 19  ? 4.880   -9.044  -15.002 1.00  27.15  ? 75   ILE A O   1 
ATOM   126  C  CB  . ILE A 1 19  ? 2.825   -8.116  -12.532 1.00  24.49  ? 75   ILE A CB  1 
ATOM   127  C  CG1 . ILE A 1 19  ? 2.536   -7.045  -13.593 1.00  26.16  ? 75   ILE A CG1 1 
ATOM   128  C  CG2 . ILE A 1 19  ? 2.633   -7.571  -11.107 1.00  25.89  ? 75   ILE A CG2 1 
ATOM   129  C  CD1 . ILE A 1 19  ? 1.025   -6.926  -13.818 1.00  20.56  ? 75   ILE A CD1 1 
ATOM   130  N  N   . LYS A 1 20  ? 3.621   -10.626 -14.009 1.00  31.21  ? 76   LYS A N   1 
ATOM   131  C  CA  . LYS A 1 20  ? 3.377   -11.401 -15.216 1.00  35.01  ? 76   LYS A CA  1 
ATOM   132  C  C   . LYS A 1 20  ? 1.926   -11.919 -15.165 1.00  28.23  ? 76   LYS A C   1 
ATOM   133  O  O   . LYS A 1 20  ? 1.524   -12.550 -14.209 1.00  31.80  ? 76   LYS A O   1 
ATOM   134  C  CB  . LYS A 1 20  ? 4.391   -12.533 -15.303 1.00  39.32  ? 76   LYS A CB  1 
ATOM   135  C  CG  . LYS A 1 20  ? 3.858   -13.811 -15.977 1.00  48.31  ? 76   LYS A CG  1 
ATOM   136  C  CD  . LYS A 1 20  ? 4.933   -14.899 -16.017 1.00  47.01  ? 76   LYS A CD  1 
ATOM   137  C  CE  . LYS A 1 20  ? 6.032   -14.449 -16.966 1.00  52.37  ? 76   LYS A CE  1 
ATOM   138  N  NZ  . LYS A 1 20  ? 7.256   -14.998 -16.377 1.00  53.22  ? 76   LYS A NZ  1 
ATOM   139  N  N   . VAL A 1 21  ? 1.128   -11.542 -16.143 1.00  26.70  ? 77   VAL A N   1 
ATOM   140  C  CA  . VAL A 1 21  ? -0.269  -11.886 -16.149 1.00  28.75  ? 77   VAL A CA  1 
ATOM   141  C  C   . VAL A 1 21  ? -0.276  -13.325 -16.725 1.00  32.95  ? 77   VAL A C   1 
ATOM   142  O  O   . VAL A 1 21  ? 0.510   -13.617 -17.657 1.00  31.87  ? 77   VAL A O   1 
ATOM   143  C  CB  . VAL A 1 21  ? -1.017  -10.921 -17.046 1.00  32.04  ? 77   VAL A CB  1 
ATOM   144  C  CG1 . VAL A 1 21  ? -2.449  -11.371 -17.270 1.00  37.25  ? 77   VAL A CG1 1 
ATOM   145  C  CG2 . VAL A 1 21  ? -0.940  -9.513  -16.412 1.00  35.48  ? 77   VAL A CG2 1 
ATOM   146  N  N   . LEU A 1 22  ? -1.081  -14.199 -16.113 1.00  30.10  ? 78   LEU A N   1 
ATOM   147  C  CA  . LEU A 1 22  ? -1.218  -15.607 -16.573 1.00  34.67  ? 78   LEU A CA  1 
ATOM   148  C  C   . LEU A 1 22  ? -2.229  -15.586 -17.704 1.00  36.43  ? 78   LEU A C   1 
ATOM   149  O  O   . LEU A 1 22  ? -3.443  -15.808 -17.508 1.00  36.21  ? 78   LEU A O   1 
ATOM   150  C  CB  . LEU A 1 22  ? -1.634  -16.522 -15.403 1.00  31.74  ? 78   LEU A CB  1 
ATOM   151  C  CG  . LEU A 1 22  ? -0.582  -16.607 -14.272 1.00  31.16  ? 78   LEU A CG  1 
ATOM   152  C  CD1 . LEU A 1 22  ? -1.050  -17.367 -13.011 1.00  28.75  ? 78   LEU A CD1 1 
ATOM   153  C  CD2 . LEU A 1 22  ? 0.758   -17.138 -14.806 1.00  37.04  ? 78   LEU A CD2 1 
ATOM   154  N  N   . ASP A 1 23  ? -1.742  -15.239 -18.885 1.00  42.06  ? 79   ASP A N   1 
ATOM   155  C  CA  . ASP A 1 23  ? -2.654  -15.150 -20.010 1.00  49.41  ? 79   ASP A CA  1 
ATOM   156  C  C   . ASP A 1 23  ? -2.451  -16.418 -20.788 1.00  53.02  ? 79   ASP A C   1 
ATOM   157  O  O   . ASP A 1 23  ? -2.084  -17.441 -20.226 1.00  55.82  ? 79   ASP A O   1 
ATOM   158  C  CB  . ASP A 1 23  ? -2.448  -13.881 -20.883 1.00  49.31  ? 79   ASP A CB  1 
ATOM   159  C  CG  . ASP A 1 23  ? -0.983  -13.610 -21.239 1.00  48.06  ? 79   ASP A CG  1 
ATOM   160  O  OD1 . ASP A 1 23  ? -0.169  -14.537 -21.416 1.00  44.39  ? 79   ASP A OD1 1 
ATOM   161  O  OD2 . ASP A 1 23  ? -0.638  -12.421 -21.356 1.00  59.79  ? 79   ASP A OD2 1 
ATOM   162  N  N   . GLU A 1 24  ? -2.687  -16.352 -22.088 1.00  64.56  ? 80   GLU A N   1 
ATOM   163  C  CA  . GLU A 1 24  ? -2.352  -17.460 -22.942 1.00  65.19  ? 80   GLU A CA  1 
ATOM   164  C  C   . GLU A 1 24  ? -1.038  -17.113 -23.706 1.00  67.13  ? 80   GLU A C   1 
ATOM   165  O  O   . GLU A 1 24  ? -1.058  -16.688 -24.858 1.00  66.95  ? 80   GLU A O   1 
ATOM   166  C  CB  . GLU A 1 24  ? -3.568  -17.799 -23.801 1.00  61.10  ? 80   GLU A CB  1 
ATOM   167  C  CG  . GLU A 1 24  ? -4.731  -18.431 -23.011 1.00  72.66  ? 80   GLU A CG  1 
ATOM   168  C  CD  . GLU A 1 24  ? -5.440  -17.511 -21.990 1.00  73.24  ? 80   GLU A CD  1 
ATOM   169  O  OE1 . GLU A 1 24  ? -5.749  -16.339 -22.313 1.00  77.60  ? 80   GLU A OE1 1 
ATOM   170  O  OE2 . GLU A 1 24  ? -5.714  -17.968 -20.853 1.00  56.43  ? 80   GLU A OE2 1 
ATOM   171  N  N   . GLU A 1 25  ? 0.089   -17.263 -22.990 1.00  70.37  ? 81   GLU A N   1 
ATOM   172  C  CA  . GLU A 1 25  ? 1.499   -17.047 -23.448 1.00  51.94  ? 81   GLU A CA  1 
ATOM   173  C  C   . GLU A 1 25  ? 2.061   -15.651 -23.084 1.00  70.47  ? 81   GLU A C   1 
ATOM   174  O  O   . GLU A 1 25  ? 2.116   -15.236 -21.897 1.00  70.21  ? 81   GLU A O   1 
ATOM   175  C  CB  . GLU A 1 25  ? 1.678   -17.336 -24.940 1.00  49.63  ? 81   GLU A CB  1 
ATOM   176  C  CG  . GLU A 1 25  ? 2.895   -18.208 -25.269 1.00  48.46  ? 81   GLU A CG  1 
ATOM   177  C  CD  . GLU A 1 25  ? 4.207   -17.673 -24.726 1.00  45.78  ? 81   GLU A CD  1 
ATOM   178  O  OE1 . GLU A 1 25  ? 4.564   -16.527 -25.052 1.00  58.58  ? 81   GLU A OE1 1 
ATOM   179  O  OE2 . GLU A 1 25  ? 4.880   -18.380 -23.947 1.00  46.19  ? 81   GLU A OE2 1 
ATOM   180  N  N   . LYS A 1 42  ? 5.259   -17.149 -8.090  1.00  56.63  ? 98   LYS A N   1 
ATOM   181  C  CA  . LYS A 1 42  ? 4.627   -16.573 -6.882  1.00  56.59  ? 98   LYS A CA  1 
ATOM   182  C  C   . LYS A 1 42  ? 3.506   -15.556 -7.146  1.00  51.51  ? 98   LYS A C   1 
ATOM   183  O  O   . LYS A 1 42  ? 3.697   -14.591 -7.877  1.00  44.28  ? 98   LYS A O   1 
ATOM   184  C  CB  . LYS A 1 42  ? 5.663   -15.921 -5.978  1.00  56.82  ? 98   LYS A CB  1 
ATOM   185  C  CG  . LYS A 1 42  ? 5.024   -15.267 -4.756  1.00  51.74  ? 98   LYS A CG  1 
ATOM   186  C  CD  . LYS A 1 42  ? 5.772   -14.014 -4.330  1.00  60.73  ? 98   LYS A CD  1 
ATOM   187  C  CE  . LYS A 1 42  ? 7.011   -14.316 -3.492  1.00  59.90  ? 98   LYS A CE  1 
ATOM   188  N  NZ  . LYS A 1 42  ? 8.268   -14.150 -4.264  1.00  55.94  ? 98   LYS A NZ  1 
ATOM   189  N  N   . THR A 1 43  ? 2.380   -15.760 -6.460  1.00  50.14  ? 99   THR A N   1 
ATOM   190  C  CA  . THR A 1 43  ? 1.081   -15.151 -6.775  1.00  53.46  ? 99   THR A CA  1 
ATOM   191  C  C   . THR A 1 43  ? 0.986   -13.758 -6.140  1.00  44.78  ? 99   THR A C   1 
ATOM   192  O  O   . THR A 1 43  ? 1.370   -13.574 -5.002  1.00  40.84  ? 99   THR A O   1 
ATOM   193  C  CB  . THR A 1 43  ? -0.107  -16.103 -6.375  1.00  53.85  ? 99   THR A CB  1 
ATOM   194  O  OG1 . THR A 1 43  ? -1.330  -15.370 -6.252  1.00  61.07  ? 99   THR A OG1 1 
ATOM   195  C  CG2 . THR A 1 43  ? 0.158   -16.805 -5.047  1.00  63.82  ? 99   THR A CG2 1 
ATOM   196  N  N   . LEU A 1 44  ? 0.515   -12.779 -6.903  1.00  41.94  ? 100  LEU A N   1 
ATOM   197  C  CA  . LEU A 1 44  ? 0.407   -11.385 -6.417  1.00  33.92  ? 100  LEU A CA  1 
ATOM   198  C  C   . LEU A 1 44  ? -0.583  -11.304 -5.257  1.00  34.60  ? 100  LEU A C   1 
ATOM   199  O  O   . LEU A 1 44  ? -1.630  -11.954 -5.297  1.00  32.14  ? 100  LEU A O   1 
ATOM   200  C  CB  . LEU A 1 44  ? -0.083  -10.463 -7.551  1.00  34.14  ? 100  LEU A CB  1 
ATOM   201  C  CG  . LEU A 1 44  ? -0.312  -8.952  -7.229  1.00  34.57  ? 100  LEU A CG  1 
ATOM   202  C  CD1 . LEU A 1 44  ? 0.980   -8.279  -6.724  1.00  34.98  ? 100  LEU A CD1 1 
ATOM   203  C  CD2 . LEU A 1 44  ? -0.897  -8.235  -8.441  1.00  30.44  ? 100  LEU A CD2 1 
ATOM   204  N  N   . THR A 1 45  ? -0.251  -10.499 -4.237  1.00  29.79  ? 101  THR A N   1 
ATOM   205  C  CA  . THR A 1 45  ? -1.174  -10.155 -3.158  1.00  30.69  ? 101  THR A CA  1 
ATOM   206  C  C   . THR A 1 45  ? -1.277  -8.630  -3.238  1.00  31.85  ? 101  THR A C   1 
ATOM   207  O  O   . THR A 1 45  ? -0.243  -7.971  -3.336  1.00  30.57  ? 101  THR A O   1 
ATOM   208  C  CB  . THR A 1 45  ? -0.522  -10.476 -1.784  1.00  32.66  ? 101  THR A CB  1 
ATOM   209  O  OG1 . THR A 1 45  ? -0.035  -11.821 -1.806  1.00  37.60  ? 101  THR A OG1 1 
ATOM   210  C  CG2 . THR A 1 45  ? -1.515  -10.309 -0.614  1.00  32.24  ? 101  THR A CG2 1 
ATOM   211  N  N   . LEU A 1 46  ? -2.488  -8.101  -3.137  1.00  30.22  ? 102  LEU A N   1 
ATOM   212  C  CA  . LEU A 1 46  ? -2.758  -6.701  -3.270  1.00  34.40  ? 102  LEU A CA  1 
ATOM   213  C  C   . LEU A 1 46  ? -3.694  -6.338  -2.140  1.00  29.62  ? 102  LEU A C   1 
ATOM   214  O  O   . LEU A 1 46  ? -4.813  -6.827  -2.111  1.00  28.47  ? 102  LEU A O   1 
ATOM   215  C  CB  . LEU A 1 46  ? -3.466  -6.519  -4.635  1.00  38.41  ? 102  LEU A CB  1 
ATOM   216  C  CG  . LEU A 1 46  ? -3.380  -5.299  -5.538  1.00  47.63  ? 102  LEU A CG  1 
ATOM   217  C  CD1 . LEU A 1 46  ? -1.941  -4.777  -5.626  1.00  41.76  ? 102  LEU A CD1 1 
ATOM   218  C  CD2 . LEU A 1 46  ? -3.996  -5.557  -6.934  1.00  32.51  ? 102  LEU A CD2 1 
ATOM   219  N  N   . GLY A 1 47  ? -3.251  -5.480  -1.210  1.00  29.42  ? 103  GLY A N   1 
ATOM   220  C  CA  . GLY A 1 47  ? -4.090  -5.074  -0.056  1.00  27.60  ? 103  GLY A CA  1 
ATOM   221  C  C   . GLY A 1 47  ? -4.490  -6.300  0.715   1.00  29.10  ? 103  GLY A C   1 
ATOM   222  O  O   . GLY A 1 47  ? -5.629  -6.400  1.227   1.00  29.21  ? 103  GLY A O   1 
ATOM   223  N  N   . GLY A 1 48  ? -3.555  -7.246  0.768   1.00  33.85  ? 104  GLY A N   1 
ATOM   224  C  CA  . GLY A 1 48  ? -3.763  -8.529  1.457   1.00  37.28  ? 104  GLY A CA  1 
ATOM   225  C  C   . GLY A 1 48  ? -4.654  -9.511  0.685   1.00  41.46  ? 104  GLY A C   1 
ATOM   226  O  O   . GLY A 1 48  ? -4.888  -10.609 1.159   1.00  41.12  ? 104  GLY A O   1 
ATOM   227  N  N   . VAL A 1 49  ? -5.164  -9.129  -0.493  1.00  37.74  ? 105  VAL A N   1 
ATOM   228  C  CA  . VAL A 1 49  ? -5.986  -10.036 -1.329  1.00  39.09  ? 105  VAL A CA  1 
ATOM   229  C  C   . VAL A 1 49  ? -5.129  -10.799 -2.399  1.00  36.97  ? 105  VAL A C   1 
ATOM   230  O  O   . VAL A 1 49  ? -4.397  -10.183 -3.175  1.00  36.48  ? 105  VAL A O   1 
ATOM   231  C  CB  . VAL A 1 49  ? -7.168  -9.278  -2.022  1.00  37.16  ? 105  VAL A CB  1 
ATOM   232  C  CG1 . VAL A 1 49  ? -8.052  -10.226 -2.852  1.00  36.96  ? 105  VAL A CG1 1 
ATOM   233  C  CG2 . VAL A 1 49  ? -8.038  -8.568  -0.989  1.00  37.37  ? 105  VAL A CG2 1 
ATOM   234  N  N   . LYS A 1 50  ? -5.238  -12.125 -2.472  1.00  37.03  ? 106  LYS A N   1 
ATOM   235  C  CA  . LYS A 1 50  ? -4.503  -12.916 -3.522  1.00  38.30  ? 106  LYS A CA  1 
ATOM   236  C  C   . LYS A 1 50  ? -5.139  -12.706 -4.893  1.00  32.42  ? 106  LYS A C   1 
ATOM   237  O  O   . LYS A 1 50  ? -6.355  -12.671 -4.989  1.00  32.68  ? 106  LYS A O   1 
ATOM   238  C  CB  . LYS A 1 50  ? -4.495  -14.436 -3.191  1.00  43.09  ? 106  LYS A CB  1 
ATOM   239  C  CG  . LYS A 1 50  ? -3.759  -14.782 -1.904  1.00  49.90  ? 106  LYS A CG  1 
ATOM   240  C  CD  . LYS A 1 50  ? -2.258  -14.635 -2.118  1.00  57.47  ? 106  LYS A CD  1 
ATOM   241  C  CE  . LYS A 1 50  ? -1.440  -15.475 -1.154  1.00  66.85  ? 106  LYS A CE  1 
ATOM   242  N  NZ  . LYS A 1 50  ? -0.094  -15.706 -1.751  1.00  72.02  ? 106  LYS A NZ  1 
ATOM   243  N  N   . ILE A 1 51  ? -4.316  -12.542 -5.939  1.00  32.66  ? 107  ILE A N   1 
ATOM   244  C  CA  . ILE A 1 51  ? -4.787  -12.209 -7.269  1.00  29.92  ? 107  ILE A CA  1 
ATOM   245  C  C   . ILE A 1 51  ? -4.364  -13.413 -8.118  1.00  31.97  ? 107  ILE A C   1 
ATOM   246  O  O   . ILE A 1 51  ? -3.204  -13.530 -8.501  1.00  34.35  ? 107  ILE A O   1 
ATOM   247  C  CB  . ILE A 1 51  ? -4.126  -10.911 -7.806  1.00  29.18  ? 107  ILE A CB  1 
ATOM   248  C  CG1 . ILE A 1 51  ? -4.312  -9.741  -6.782  1.00  27.07  ? 107  ILE A CG1 1 
ATOM   249  C  CG2 . ILE A 1 51  ? -4.743  -10.523 -9.184  1.00  25.30  ? 107  ILE A CG2 1 
ATOM   250  C  CD1 . ILE A 1 51  ? -5.776  -9.460  -6.522  1.00  22.42  ? 107  ILE A CD1 1 
ATOM   251  N  N   . ASN A 1 52  ? -5.282  -14.331 -8.391  1.00  38.17  ? 108  ASN A N   1 
ATOM   252  C  CA  . ASN A 1 52  ? -4.797  -15.664 -8.814  1.00  42.40  ? 108  ASN A CA  1 
ATOM   253  C  C   . ASN A 1 52  ? -4.315  -15.811 -10.244 1.00  38.04  ? 108  ASN A C   1 
ATOM   254  O  O   . ASN A 1 52  ? -3.680  -16.820 -10.579 1.00  36.97  ? 108  ASN A O   1 
ATOM   255  C  CB  . ASN A 1 52  ? -5.795  -16.759 -8.463  1.00  44.95  ? 108  ASN A CB  1 
ATOM   256  C  CG  . ASN A 1 52  ? -6.023  -16.870 -6.980  1.00  47.42  ? 108  ASN A CG  1 
ATOM   257  O  OD1 . ASN A 1 52  ? -5.080  -16.992 -6.184  1.00  54.91  ? 108  ASN A OD1 1 
ATOM   258  N  ND2 . ASN A 1 52  ? -7.291  -16.830 -6.591  1.00  50.91  ? 108  ASN A ND2 1 
ATOM   259  N  N   . ASN A 1 53  ? -4.632  -14.820 -11.068 1.00  33.23  ? 109  ASN A N   1 
ATOM   260  C  CA  . ASN A 1 53  ? -4.139  -14.773 -12.457 1.00  38.75  ? 109  ASN A CA  1 
ATOM   261  C  C   . ASN A 1 53  ? -2.917  -13.907 -12.679 1.00  35.42  ? 109  ASN A C   1 
ATOM   262  O  O   . ASN A 1 53  ? -2.559  -13.651 -13.809 1.00  34.80  ? 109  ASN A O   1 
ATOM   263  C  CB  . ASN A 1 53  ? -5.249  -14.379 -13.441 1.00  36.50  ? 109  ASN A CB  1 
ATOM   264  C  CG  . ASN A 1 53  ? -5.742  -12.954 -13.244 1.00  43.69  ? 109  ASN A CG  1 
ATOM   265  O  OD1 . ASN A 1 53  ? -6.103  -12.279 -14.213 1.00  49.18  ? 109  ASN A OD1 1 
ATOM   266  N  ND2 . ASN A 1 53  ? -5.745  -12.480 -11.996 1.00  36.05  ? 109  ASN A ND2 1 
ATOM   267  N  N   . VAL A 1 54  ? -2.225  -13.504 -11.615 1.00  36.63  ? 110  VAL A N   1 
ATOM   268  C  CA  . VAL A 1 54  ? -1.026  -12.645 -11.818 1.00  31.34  ? 110  VAL A CA  1 
ATOM   269  C  C   . VAL A 1 54  ? 0.087   -13.079 -10.909 1.00  31.51  ? 110  VAL A C   1 
ATOM   270  O  O   . VAL A 1 54  ? -0.094  -13.247 -9.700  1.00  35.08  ? 110  VAL A O   1 
ATOM   271  C  CB  . VAL A 1 54  ? -1.343  -11.142 -11.565 1.00  29.43  ? 110  VAL A CB  1 
ATOM   272  C  CG1 . VAL A 1 54  ? -0.131  -10.273 -11.912 1.00  25.21  ? 110  VAL A CG1 1 
ATOM   273  C  CG2 . VAL A 1 54  ? -2.611  -10.715 -12.290 1.00  26.01  ? 110  VAL A CG2 1 
ATOM   274  N  N   . LEU A 1 55  ? 1.248   -13.246 -11.499 1.00  31.50  ? 111  LEU A N   1 
ATOM   275  C  CA  . LEU A 1 55  ? 2.425   -13.475 -10.730 1.00  35.14  ? 111  LEU A CA  1 
ATOM   276  C  C   . LEU A 1 55  ? 3.169   -12.150 -10.545 1.00  35.99  ? 111  LEU A C   1 
ATOM   277  O  O   . LEU A 1 55  ? 3.172   -11.286 -11.422 1.00  32.79  ? 111  LEU A O   1 
ATOM   278  C  CB  . LEU A 1 55  ? 3.358   -14.452 -11.461 1.00  36.02  ? 111  LEU A CB  1 
ATOM   279  C  CG  . LEU A 1 55  ? 2.735   -15.867 -11.687 1.00  41.46  ? 111  LEU A CG  1 
ATOM   280  C  CD1 . LEU A 1 55  ? 3.741   -16.787 -12.355 1.00  38.73  ? 111  LEU A CD1 1 
ATOM   281  C  CD2 . LEU A 1 55  ? 2.200   -16.488 -10.397 1.00  40.53  ? 111  LEU A CD2 1 
ATOM   282  N  N   . VAL A 1 56  ? 3.872   -12.063 -9.436  1.00  33.26  ? 112  VAL A N   1 
ATOM   283  C  CA  . VAL A 1 56  ? 4.618   -10.880 -9.103  1.00  40.53  ? 112  VAL A CA  1 
ATOM   284  C  C   . VAL A 1 56  ? 6.047   -11.402 -9.024  1.00  48.08  ? 112  VAL A C   1 
ATOM   285  O  O   . VAL A 1 56  ? 6.301   -12.463 -8.445  1.00  47.51  ? 112  VAL A O   1 
ATOM   286  C  CB  . VAL A 1 56  ? 4.073   -10.249 -7.788  1.00  37.39  ? 112  VAL A CB  1 
ATOM   287  C  CG1 . VAL A 1 56  ? 4.308   -11.174 -6.578  1.00  38.44  ? 112  VAL A CG1 1 
ATOM   288  C  CG2 . VAL A 1 56  ? 4.595   -8.811  -7.561  1.00  34.87  ? 112  VAL A CG2 1 
ATOM   289  N  N   . LEU A 1 57  ? 6.969   -10.706 -9.680  1.00  51.75  ? 113  LEU A N   1 
ATOM   290  C  CA  . LEU A 1 57  ? 8.349   -11.171 -9.743  1.00  51.93  ? 113  LEU A CA  1 
ATOM   291  C  C   . LEU A 1 57  ? 9.103   -10.316 -8.769  1.00  52.65  ? 113  LEU A C   1 
ATOM   292  O  O   . LEU A 1 57  ? 9.507   -9.210  -9.097  1.00  50.85  ? 113  LEU A O   1 
ATOM   293  C  CB  . LEU A 1 57  ? 8.921   -11.113 -11.189 1.00  50.96  ? 113  LEU A CB  1 
ATOM   294  C  CG  . LEU A 1 57  ? 8.080   -11.647 -12.394 1.00  59.78  ? 113  LEU A CG  1 
ATOM   295  C  CD1 . LEU A 1 57  ? 8.962   -12.066 -13.566 1.00  51.26  ? 113  LEU A CD1 1 
ATOM   296  C  CD2 . LEU A 1 57  ? 7.088   -12.784 -12.093 1.00  54.30  ? 113  LEU A CD2 1 
ATOM   297  N  N   . SER A 1 58  ? 9.246   -10.833 -7.548  1.00  54.86  ? 114  SER A N   1 
ATOM   298  C  CA  . SER A 1 58  ? 9.744   -10.088 -6.397  1.00  53.43  ? 114  SER A CA  1 
ATOM   299  C  C   . SER A 1 58  ? 10.330  -11.025 -5.313  1.00  63.40  ? 114  SER A C   1 
ATOM   300  O  O   . SER A 1 58  ? 9.815   -12.123 -5.089  1.00  60.87  ? 114  SER A O   1 
ATOM   301  C  CB  . SER A 1 58  ? 8.582   -9.317  -5.761  1.00  53.31  ? 114  SER A CB  1 
ATOM   302  O  OG  . SER A 1 58  ? 7.841   -8.586  -6.736  1.00  62.80  ? 114  SER A OG  1 
ATOM   303  N  N   . HIS A 1 59  ? 11.380  -10.571 -4.627  1.00  63.91  ? 115  HIS A N   1 
ATOM   304  C  CA  . HIS A 1 59  ? 11.853  -11.206 -3.393  1.00  61.93  ? 115  HIS A CA  1 
ATOM   305  C  C   . HIS A 1 59  ? 10.873  -11.073 -2.249  1.00  59.30  ? 115  HIS A C   1 
ATOM   306  O  O   . HIS A 1 59  ? 10.829  -11.918 -1.351  1.00  59.91  ? 115  HIS A O   1 
ATOM   307  C  CB  . HIS A 1 59  ? 13.212  -10.640 -2.991  1.00  74.15  ? 115  HIS A CB  1 
ATOM   308  C  CG  . HIS A 1 59  ? 14.362  -11.166 -3.820  1.00  91.64  ? 115  HIS A CG  1 
ATOM   309  N  ND1 . HIS A 1 59  ? 14.955  -12.354 -3.568  1.00  99.07  ? 115  HIS A ND1 1 
ATOM   310  C  CD2 . HIS A 1 59  ? 15.023  -10.623 -4.926  1.00  99.41  ? 115  HIS A CD2 1 
ATOM   311  C  CE1 . HIS A 1 59  ? 15.942  -12.562 -4.465  1.00  106.11 ? 115  HIS A CE1 1 
ATOM   312  N  NE2 . HIS A 1 59  ? 15.984  -11.501 -5.294  1.00  105.96 ? 115  HIS A NE2 1 
ATOM   313  N  N   . SER A 1 60  ? 10.085  -10.002 -2.260  1.00  49.41  ? 116  SER A N   1 
ATOM   314  C  CA  . SER A 1 60  ? 9.044   -9.756  -1.257  1.00  45.44  ? 116  SER A CA  1 
ATOM   315  C  C   . SER A 1 60  ? 7.703   -10.304 -1.824  1.00  45.32  ? 116  SER A C   1 
ATOM   316  O  O   . SER A 1 60  ? 7.679   -10.879 -2.918  1.00  49.72  ? 116  SER A O   1 
ATOM   317  C  CB  . SER A 1 60  ? 8.962   -8.227  -0.994  1.00  46.72  ? 116  SER A CB  1 
ATOM   318  O  OG  . SER A 1 60  ? 8.391   -7.560  -2.143  1.00  48.87  ? 116  SER A OG  1 
ATOM   319  N  N   . ASP A 1 61  ? 6.593   -10.140 -1.095  1.00  43.80  ? 117  ASP A N   1 
ATOM   320  C  CA  . ASP A 1 61  ? 5.270   -10.613 -1.550  1.00  38.67  ? 117  ASP A CA  1 
ATOM   321  C  C   . ASP A 1 61  ? 4.615   -9.735  -2.651  1.00  39.39  ? 117  ASP A C   1 
ATOM   322  O  O   . ASP A 1 61  ? 3.494   -10.007 -3.129  1.00  41.79  ? 117  ASP A O   1 
ATOM   323  C  CB  . ASP A 1 61  ? 4.318   -10.717 -0.363  1.00  38.58  ? 117  ASP A CB  1 
ATOM   324  C  CG  . ASP A 1 61  ? 3.884   -9.342  0.179   1.00  45.09  ? 117  ASP A CG  1 
ATOM   325  O  OD1 . ASP A 1 61  ? 4.248   -8.311  -0.454  1.00  45.25  ? 117  ASP A OD1 1 
ATOM   326  O  OD2 . ASP A 1 61  ? 3.151   -9.298  1.204   1.00  36.21  ? 117  ASP A OD2 1 
ATOM   327  N  N   . GLY A 1 62  ? 5.259   -8.629  -2.992  1.00  36.11  ? 118  GLY A N   1 
ATOM   328  C  CA  . GLY A 1 62  ? 4.794   -7.796  -4.124  1.00  34.26  ? 118  GLY A CA  1 
ATOM   329  C  C   . GLY A 1 62  ? 3.589   -6.923  -3.813  1.00  30.10  ? 118  GLY A C   1 
ATOM   330  O  O   . GLY A 1 62  ? 3.042   -6.299  -4.714  1.00  35.89  ? 118  GLY A O   1 
ATOM   331  N  N   . ASP A 1 63  ? 3.190   -6.852  -2.547  1.00  30.76  ? 119  ASP A N   1 
ATOM   332  C  CA  . ASP A 1 63  ? 1.975   -6.087  -2.168  1.00  30.63  ? 119  ASP A CA  1 
ATOM   333  C  C   . ASP A 1 63  ? 2.212   -4.573  -2.214  1.00  30.25  ? 119  ASP A C   1 
ATOM   334  O  O   . ASP A 1 63  ? 2.475   -3.935  -1.169  1.00  27.28  ? 119  ASP A O   1 
ATOM   335  C  CB  . ASP A 1 63  ? 1.415   -6.606  -0.825  1.00  31.40  ? 119  ASP A CB  1 
ATOM   336  C  CG  . ASP A 1 63  ? -0.025  -6.219  -0.602  1.00  31.94  ? 119  ASP A CG  1 
ATOM   337  O  OD1 . ASP A 1 63  ? -0.409  -5.114  -1.055  1.00  32.18  ? 119  ASP A OD1 1 
ATOM   338  O  OD2 . ASP A 1 63  ? -0.804  -6.991  -0.014  1.00  28.73  ? 119  ASP A OD2 1 
ATOM   339  N  N   . ILE A 1 64  ? 2.080   -3.988  -3.424  1.00  30.23  ? 120  ILE A N   1 
ATOM   340  C  CA  . ILE A 1 64  ? 2.332   -2.554  -3.608  1.00  30.99  ? 120  ILE A CA  1 
ATOM   341  C  C   . ILE A 1 64  ? 1.438   -1.748  -2.646  1.00  25.31  ? 120  ILE A C   1 
ATOM   342  O  O   . ILE A 1 64  ? 1.799   -0.689  -2.273  1.00  27.11  ? 120  ILE A O   1 
ATOM   343  C  CB  . ILE A 1 64  ? 2.083   -2.030  -5.049  1.00  27.19  ? 120  ILE A CB  1 
ATOM   344  C  CG1 . ILE A 1 64  ? 0.709   -2.552  -5.558  1.00  26.64  ? 120  ILE A CG1 1 
ATOM   345  C  CG2 . ILE A 1 64  ? 3.321   -2.245  -5.973  1.00  23.55  ? 120  ILE A CG2 1 
ATOM   346  C  CD1 . ILE A 1 64  ? 0.315   -1.900  -6.898  1.00  30.56  ? 120  ILE A CD1 1 
ATOM   347  N  N   . ILE A 1 65  ? 0.286   -2.274  -2.285  1.00  24.74  ? 121  ILE A N   1 
ATOM   348  C  CA  . ILE A 1 65  ? -0.684  -1.487  -1.495  1.00  24.08  ? 121  ILE A CA  1 
ATOM   349  C  C   . ILE A 1 65  ? -0.204  -1.441  -0.032  1.00  27.13  ? 121  ILE A C   1 
ATOM   350  O  O   . ILE A 1 65  ? 0.009   -0.330  0.547   1.00  23.87  ? 121  ILE A O   1 
ATOM   351  C  CB  . ILE A 1 65  ? -2.125  -2.005  -1.612  1.00  23.70  ? 121  ILE A CB  1 
ATOM   352  C  CG1 . ILE A 1 65  ? -2.745  -1.643  -2.974  1.00  22.61  ? 121  ILE A CG1 1 
ATOM   353  C  CG2 . ILE A 1 65  ? -3.078  -1.332  -0.548  1.00  23.52  ? 121  ILE A CG2 1 
ATOM   354  C  CD1 . ILE A 1 65  ? -4.227  -2.116  -3.099  1.00  23.11  ? 121  ILE A CD1 1 
ATOM   355  N  N   . TYR A 1 66  ? -0.010  -2.633  0.565   1.00  24.77  ? 122  TYR A N   1 
ATOM   356  C  CA  . TYR A 1 66  ? 0.656   -2.667  1.885   1.00  26.66  ? 122  TYR A CA  1 
ATOM   357  C  C   . TYR A 1 66  ? 1.985   -1.964  1.968   1.00  27.80  ? 122  TYR A C   1 
ATOM   358  O  O   . TYR A 1 66  ? 2.227   -1.234  2.935   1.00  24.99  ? 122  TYR A O   1 
ATOM   359  C  CB  . TYR A 1 66  ? 0.796   -4.118  2.402   1.00  28.98  ? 122  TYR A CB  1 
ATOM   360  C  CG  . TYR A 1 66  ? -0.518  -4.702  2.889   1.00  29.02  ? 122  TYR A CG  1 
ATOM   361  C  CD1 . TYR A 1 66  ? -1.675  -3.899  3.009   1.00  28.80  ? 122  TYR A CD1 1 
ATOM   362  C  CD2 . TYR A 1 66  ? -0.574  -6.044  3.328   1.00  32.05  ? 122  TYR A CD2 1 
ATOM   363  C  CE1 . TYR A 1 66  ? -2.880  -4.445  3.495   1.00  31.55  ? 122  TYR A CE1 1 
ATOM   364  C  CE2 . TYR A 1 66  ? -1.748  -6.603  3.841   1.00  32.34  ? 122  TYR A CE2 1 
ATOM   365  C  CZ  . TYR A 1 66  ? -2.887  -5.820  3.908   1.00  33.39  ? 122  TYR A CZ  1 
ATOM   366  O  OH  . TYR A 1 66  ? -4.007  -6.424  4.403   1.00  35.77  ? 122  TYR A OH  1 
ATOM   367  N  N   . HIS A 1 67  ? 2.873   -2.149  0.982   1.00  25.61  ? 123  HIS A N   1 
ATOM   368  C  CA  . HIS A 1 67  ? 4.173   -1.497  1.093   1.00  25.61  ? 123  HIS A CA  1 
ATOM   369  C  C   . HIS A 1 67  ? 4.043   -0.017  0.933   1.00  25.68  ? 123  HIS A C   1 
ATOM   370  O  O   . HIS A 1 67  ? 4.759   0.692   1.599   1.00  25.59  ? 123  HIS A O   1 
ATOM   371  C  CB  . HIS A 1 67  ? 5.219   -1.999  0.078   1.00  26.99  ? 123  HIS A CB  1 
ATOM   372  C  CG  . HIS A 1 67  ? 5.350   -3.494  0.026   1.00  29.64  ? 123  HIS A CG  1 
ATOM   373  N  ND1 . HIS A 1 67  ? 6.067   -4.125  -0.951  1.00  29.91  ? 123  HIS A ND1 1 
ATOM   374  C  CD2 . HIS A 1 67  ? 4.854   -4.514  0.905   1.00  29.11  ? 123  HIS A CD2 1 
ATOM   375  C  CE1 . HIS A 1 67  ? 6.028   -5.478  -0.720  1.00  33.00  ? 123  HIS A CE1 1 
ATOM   376  N  NE2 . HIS A 1 67  ? 5.246   -5.710  0.394   1.00  30.18  ? 123  HIS A NE2 1 
ATOM   377  N  N   . SER A 1 68  ? 3.130   0.498   0.095   1.00  23.79  ? 124  SER A N   1 
ATOM   378  C  CA  . SER A 1 68  ? 3.165   1.972   -0.081  1.00  21.78  ? 124  SER A CA  1 
ATOM   379  C  C   . SER A 1 68  ? 2.516   2.587   1.151   1.00  19.84  ? 124  SER A C   1 
ATOM   380  O  O   . SER A 1 68  ? 2.895   3.671   1.596   1.00  20.71  ? 124  SER A O   1 
ATOM   381  C  CB  . SER A 1 68  ? 2.482   2.457   -1.380  1.00  19.98  ? 124  SER A CB  1 
ATOM   382  O  OG  . SER A 1 68  ? 1.157   2.121   -1.355  1.00  25.12  ? 124  SER A OG  1 
ATOM   383  N  N   . ILE A 1 69  ? 1.525   1.930   1.695   1.00  22.20  ? 125  ILE A N   1 
ATOM   384  C  CA  . ILE A 1 69  ? 0.962   2.406   2.999   1.00  24.09  ? 125  ILE A CA  1 
ATOM   385  C  C   . ILE A 1 69  ? 2.046   2.470   4.056   1.00  21.60  ? 125  ILE A C   1 
ATOM   386  O  O   . ILE A 1 69  ? 2.234   3.491   4.691   1.00  25.66  ? 125  ILE A O   1 
ATOM   387  C  CB  . ILE A 1 69  ? -0.228  1.554   3.501   1.00  26.58  ? 125  ILE A CB  1 
ATOM   388  C  CG1 . ILE A 1 69  ? -1.399  1.702   2.558   1.00  26.50  ? 125  ILE A CG1 1 
ATOM   389  C  CG2 . ILE A 1 69  ? -0.705  2.006   4.925   1.00  26.03  ? 125  ILE A CG2 1 
ATOM   390  C  CD1 . ILE A 1 69  ? -2.464  0.629   2.810   1.00  27.28  ? 125  ILE A CD1 1 
ATOM   391  N  N   . VAL A 1 70  ? 2.847   1.441   4.220   1.00  23.60  ? 126  VAL A N   1 
ATOM   392  C  CA  . VAL A 1 70  ? 3.939   1.550   5.226   1.00  25.97  ? 126  VAL A CA  1 
ATOM   393  C  C   . VAL A 1 70  ? 4.840   2.759   4.898   1.00  26.98  ? 126  VAL A C   1 
ATOM   394  O  O   . VAL A 1 70  ? 5.240   3.583   5.777   1.00  23.05  ? 126  VAL A O   1 
ATOM   395  C  CB  . VAL A 1 70  ? 4.778   0.234   5.326   1.00  27.30  ? 126  VAL A CB  1 
ATOM   396  C  CG1 . VAL A 1 70  ? 6.033   0.508   6.103   1.00  29.07  ? 126  VAL A CG1 1 
ATOM   397  C  CG2 . VAL A 1 70  ? 3.954   -0.932  5.927   1.00  29.40  ? 126  VAL A CG2 1 
ATOM   398  N  N   . ASP A 1 71  ? 5.164   2.915   3.622   1.00  24.55  ? 127  ASP A N   1 
ATOM   399  C  CA  . ASP A 1 71  ? 6.081   3.976   3.267   1.00  24.39  ? 127  ASP A CA  1 
ATOM   400  C  C   . ASP A 1 71  ? 5.477   5.353   3.481   1.00  21.30  ? 127  ASP A C   1 
ATOM   401  O  O   . ASP A 1 71  ? 6.229   6.276   3.764   1.00  22.28  ? 127  ASP A O   1 
ATOM   402  C  CB  . ASP A 1 71  ? 6.582   3.805   1.819   1.00  32.93  ? 127  ASP A CB  1 
ATOM   403  C  CG  . ASP A 1 71  ? 7.894   3.030   1.751   1.00  45.25  ? 127  ASP A CG  1 
ATOM   404  O  OD1 . ASP A 1 71  ? 8.363   2.504   2.804   1.00  56.51  ? 127  ASP A OD1 1 
ATOM   405  O  OD2 . ASP A 1 71  ? 8.478   2.969   0.654   1.00  47.46  ? 127  ASP A OD2 1 
ATOM   406  N  N   . SER A 1 72  ? 4.152   5.498   3.352   1.00  23.43  ? 128  SER A N   1 
ATOM   407  C  CA  . SER A 1 72  ? 3.524   6.815   3.581   1.00  24.80  ? 128  SER A CA  1 
ATOM   408  C  C   . SER A 1 72  ? 3.583   7.191   5.112   1.00  23.37  ? 128  SER A C   1 
ATOM   409  O  O   . SER A 1 72  ? 3.736   8.385   5.480   1.00  19.28  ? 128  SER A O   1 
ATOM   410  C  CB  . SER A 1 72  ? 2.073   6.907   3.107   1.00  23.28  ? 128  SER A CB  1 
ATOM   411  O  OG  . SER A 1 72  ? 1.157   6.163   3.860   1.00  22.60  ? 128  SER A OG  1 
ATOM   412  N  N   . ILE A 1 73  ? 3.433   6.165   5.939   1.00  20.67  ? 129  ILE A N   1 
ATOM   413  C  CA  . ILE A 1 73  ? 3.533   6.350   7.418   1.00  22.67  ? 129  ILE A CA  1 
ATOM   414  C  C   . ILE A 1 73  ? 4.923   6.715   7.818   1.00  24.78  ? 129  ILE A C   1 
ATOM   415  O  O   . ILE A 1 73  ? 5.111   7.712   8.514   1.00  24.87  ? 129  ILE A O   1 
ATOM   416  C  CB  . ILE A 1 73  ? 3.049   5.101   8.171   1.00  23.39  ? 129  ILE A CB  1 
ATOM   417  C  CG1 . ILE A 1 73  ? 1.540   5.016   7.976   1.00  22.27  ? 129  ILE A CG1 1 
ATOM   418  C  CG2 . ILE A 1 73  ? 3.440   5.169   9.701   1.00  23.83  ? 129  ILE A CG2 1 
ATOM   419  C  CD1 . ILE A 1 73  ? 0.858   3.627   8.103   1.00  20.04  ? 129  ILE A CD1 1 
ATOM   420  N  N   . LEU A 1 74  ? 5.919   5.975   7.288   1.00  20.34  ? 130  LEU A N   1 
ATOM   421  C  CA  . LEU A 1 74  ? 7.290   6.241   7.596   1.00  23.55  ? 130  LEU A CA  1 
ATOM   422  C  C   . LEU A 1 74  ? 7.673   7.567   7.095   1.00  27.25  ? 130  LEU A C   1 
ATOM   423  O  O   . LEU A 1 74  ? 8.387   8.325   7.782   1.00  25.30  ? 130  LEU A O   1 
ATOM   424  C  CB  . LEU A 1 74  ? 8.228   5.190   6.925   1.00  27.72  ? 130  LEU A CB  1 
ATOM   425  C  CG  . LEU A 1 74  ? 8.587   3.907   7.753   1.00  38.25  ? 130  LEU A CG  1 
ATOM   426  C  CD1 . LEU A 1 74  ? 7.576   3.585   8.838   1.00  35.19  ? 130  LEU A CD1 1 
ATOM   427  C  CD2 . LEU A 1 74  ? 8.940   2.702   6.873   1.00  31.17  ? 130  LEU A CD2 1 
ATOM   428  N  N   . GLY A 1 75  ? 7.191   7.893   5.882   1.00  25.26  ? 131  GLY A N   1 
ATOM   429  C  CA  . GLY A 1 75  ? 7.504   9.166   5.342   1.00  23.63  ? 131  GLY A CA  1 
ATOM   430  C  C   . GLY A 1 75  ? 6.862   10.285  6.153   1.00  24.76  ? 131  GLY A C   1 
ATOM   431  O  O   . GLY A 1 75  ? 7.489   11.324  6.413   1.00  22.31  ? 131  GLY A O   1 
ATOM   432  N  N   . ALA A 1 76  ? 5.590   10.122  6.506   1.00  21.17  ? 132  ALA A N   1 
ATOM   433  C  CA  . ALA A 1 76  ? 4.988   11.153  7.292   1.00  20.38  ? 132  ALA A CA  1 
ATOM   434  C  C   . ALA A 1 76  ? 5.814   11.468  8.541   1.00  24.01  ? 132  ALA A C   1 
ATOM   435  O  O   . ALA A 1 76  ? 5.951   12.620  8.934   1.00  22.05  ? 132  ALA A O   1 
ATOM   436  C  CB  . ALA A 1 76  ? 3.550   10.790  7.632   1.00  19.12  ? 132  ALA A CB  1 
ATOM   437  N  N   . LEU A 1 77  ? 6.410   10.435  9.139   1.00  27.57  ? 133  LEU A N   1 
ATOM   438  C  CA  . LEU A 1 77  ? 7.053   10.612  10.451  1.00  27.38  ? 133  LEU A CA  1 
ATOM   439  C  C   . LEU A 1 77  ? 8.540   10.819  10.364  1.00  35.36  ? 133  LEU A C   1 
ATOM   440  O  O   . LEU A 1 77  ? 9.181   11.080  11.377  1.00  36.02  ? 133  LEU A O   1 
ATOM   441  C  CB  . LEU A 1 77  ? 6.807   9.392   11.261  1.00  25.78  ? 133  LEU A CB  1 
ATOM   442  C  CG  . LEU A 1 77  ? 5.358   9.268   11.582  1.00  23.82  ? 133  LEU A CG  1 
ATOM   443  C  CD1 . LEU A 1 77  ? 5.152   7.796   11.970  1.00  25.55  ? 133  LEU A CD1 1 
ATOM   444  C  CD2 . LEU A 1 77  ? 5.014   10.252  12.699  1.00  23.70  ? 133  LEU A CD2 1 
ATOM   445  N  N   . GLY A 1 78  ? 9.097   10.705  9.159   1.00  33.95  ? 134  GLY A N   1 
ATOM   446  C  CA  . GLY A 1 78  ? 10.522  10.906  8.965   1.00  32.84  ? 134  GLY A CA  1 
ATOM   447  C  C   . GLY A 1 78  ? 11.414  9.727   9.359   1.00  38.32  ? 134  GLY A C   1 
ATOM   448  O  O   . GLY A 1 78  ? 12.618  9.937   9.589   1.00  38.09  ? 134  GLY A O   1 
ATOM   449  N  N   . SER A 1 79  ? 10.884  8.492   9.406   1.00  35.73  ? 135  SER A N   1 
ATOM   450  C  CA  . SER A 1 79  ? 11.753  7.327   9.619   1.00  44.29  ? 135  SER A CA  1 
ATOM   451  C  C   . SER A 1 79  ? 12.584  6.894   8.391   1.00  44.58  ? 135  SER A C   1 
ATOM   452  O  O   . SER A 1 79  ? 12.243  7.225   7.268   1.00  47.51  ? 135  SER A O   1 
ATOM   453  C  CB  . SER A 1 79  ? 10.918  6.128   10.058  1.00  41.80  ? 135  SER A CB  1 
ATOM   454  O  OG  . SER A 1 79  ? 10.119  6.562   11.128  1.00  55.22  ? 135  SER A OG  1 
ATOM   455  N  N   . LEU A 1 80  ? 13.657  6.143   8.640   1.00  50.33  ? 136  LEU A N   1 
ATOM   456  C  CA  . LEU A 1 80  ? 14.337  5.310   7.634   1.00  52.86  ? 136  LEU A CA  1 
ATOM   457  C  C   . LEU A 1 80  ? 13.260  4.408   7.055   1.00  55.55  ? 136  LEU A C   1 
ATOM   458  O  O   . LEU A 1 80  ? 12.304  4.061   7.771   1.00  59.09  ? 136  LEU A O   1 
ATOM   459  C  CB  . LEU A 1 80  ? 15.433  4.460   8.308   1.00  50.12  ? 136  LEU A CB  1 
ATOM   460  C  CG  . LEU A 1 80  ? 16.644  5.259   8.836   1.00  57.58  ? 136  LEU A CG  1 
ATOM   461  C  CD1 . LEU A 1 80  ? 17.491  4.521   9.890   1.00  52.22  ? 136  LEU A CD1 1 
ATOM   462  C  CD2 . LEU A 1 80  ? 17.508  5.746   7.663   1.00  56.12  ? 136  LEU A CD2 1 
ATOM   463  N  N   . ASP A 1 81  ? 13.362  4.032   5.783   1.00  54.24  ? 137  ASP A N   1 
ATOM   464  C  CA  . ASP A 1 81  ? 12.307  3.153   5.225   1.00  59.24  ? 137  ASP A CA  1 
ATOM   465  C  C   . ASP A 1 81  ? 12.513  1.674   5.604   1.00  50.82  ? 137  ASP A C   1 
ATOM   466  O  O   . ASP A 1 81  ? 13.425  1.332   6.377   1.00  63.34  ? 137  ASP A O   1 
ATOM   467  C  CB  . ASP A 1 81  ? 12.079  3.372   3.714   1.00  63.49  ? 137  ASP A CB  1 
ATOM   468  C  CG  . ASP A 1 81  ? 13.372  3.443   2.937   1.00  67.03  ? 137  ASP A CG  1 
ATOM   469  O  OD1 . ASP A 1 81  ? 13.963  2.384   2.633   1.00  60.57  ? 137  ASP A OD1 1 
ATOM   470  O  OD2 . ASP A 1 81  ? 13.799  4.574   2.642   1.00  74.19  ? 137  ASP A OD2 1 
ATOM   471  N  N   . ILE A 1 82  ? 11.637  0.815   5.114   1.00  55.43  ? 138  ILE A N   1 
ATOM   472  C  CA  . ILE A 1 82  ? 11.569  -0.603  5.536   1.00  63.19  ? 138  ILE A CA  1 
ATOM   473  C  C   . ILE A 1 82  ? 12.889  -1.408  5.358   1.00  66.74  ? 138  ILE A C   1 
ATOM   474  O  O   . ILE A 1 82  ? 13.432  -1.994  6.329   1.00  59.03  ? 138  ILE A O   1 
ATOM   475  C  CB  . ILE A 1 82  ? 10.331  -1.274  4.877   1.00  63.08  ? 138  ILE A CB  1 
ATOM   476  C  CG1 . ILE A 1 82  ? 9.080   -1.091  5.765   1.00  67.44  ? 138  ILE A CG1 1 
ATOM   477  C  CG2 . ILE A 1 82  ? 10.574  -2.732  4.483   1.00  68.46  ? 138  ILE A CG2 1 
ATOM   478  C  CD1 . ILE A 1 82  ? 9.279   -1.210  7.269   1.00  59.75  ? 138  ILE A CD1 1 
ATOM   479  N  N   . GLY A 1 83  ? 13.394  -1.403  4.123   1.00  65.84  ? 139  GLY A N   1 
ATOM   480  C  CA  . GLY A 1 83  ? 14.657  -2.036  3.776   1.00  65.56  ? 139  GLY A CA  1 
ATOM   481  C  C   . GLY A 1 83  ? 15.783  -1.491  4.627   1.00  71.79  ? 139  GLY A C   1 
ATOM   482  O  O   . GLY A 1 83  ? 16.578  -2.264  5.197   1.00  69.53  ? 139  GLY A O   1 
ATOM   483  N  N   . THR A 1 84  ? 15.844  -0.161  4.740   1.00  66.75  ? 140  THR A N   1 
ATOM   484  C  CA  . THR A 1 84  ? 16.865  0.457   5.583   1.00  57.56  ? 140  THR A CA  1 
ATOM   485  C  C   . THR A 1 84  ? 16.700  0.095   7.066   1.00  62.83  ? 140  THR A C   1 
ATOM   486  O  O   . THR A 1 84  ? 17.696  -0.225  7.730   1.00  66.46  ? 140  THR A O   1 
ATOM   487  C  CB  . THR A 1 84  ? 17.090  1.971   5.296   1.00  63.04  ? 140  THR A CB  1 
ATOM   488  O  OG1 . THR A 1 84  ? 16.062  2.497   4.426   1.00  65.80  ? 140  THR A OG1 1 
ATOM   489  C  CG2 . THR A 1 84  ? 18.431  2.162   4.612   1.00  56.29  ? 140  THR A CG2 1 
ATOM   490  N  N   . LEU A 1 85  ? 15.454  0.071   7.562   1.00  67.70  ? 141  LEU A N   1 
ATOM   491  C  CA  . LEU A 1 85  ? 15.179  -0.236  8.993   1.00  66.17  ? 141  LEU A CA  1 
ATOM   492  C  C   . LEU A 1 85  ? 15.470  -1.680  9.367   1.00  71.67  ? 141  LEU A C   1 
ATOM   493  O  O   . LEU A 1 85  ? 16.009  -1.954  10.445  1.00  78.30  ? 141  LEU A O   1 
ATOM   494  C  CB  . LEU A 1 85  ? 13.717  0.075   9.402   1.00  59.12  ? 141  LEU A CB  1 
ATOM   495  C  CG  . LEU A 1 85  ? 13.376  1.474   9.934   1.00  55.39  ? 141  LEU A CG  1 
ATOM   496  C  CD1 . LEU A 1 85  ? 11.871  1.663   10.132  1.00  46.12  ? 141  LEU A CD1 1 
ATOM   497  C  CD2 . LEU A 1 85  ? 14.145  1.866   11.194  1.00  53.32  ? 141  LEU A CD2 1 
ATOM   498  N  N   . PHE A 1 86  ? 15.064  -2.600  8.496   1.00  71.00  ? 142  PHE A N   1 
ATOM   499  C  CA  . PHE A 1 86  ? 15.229  -4.016  8.755   1.00  71.68  ? 142  PHE A CA  1 
ATOM   500  C  C   . PHE A 1 86  ? 16.032  -4.600  7.596   1.00  73.95  ? 142  PHE A C   1 
ATOM   501  O  O   . PHE A 1 86  ? 15.456  -5.115  6.640   1.00  69.36  ? 142  PHE A O   1 
ATOM   502  C  CB  . PHE A 1 86  ? 13.864  -4.696  8.920   1.00  70.42  ? 142  PHE A CB  1 
ATOM   503  C  CG  . PHE A 1 86  ? 12.935  -3.966  9.846   1.00  72.36  ? 142  PHE A CG  1 
ATOM   504  C  CD1 . PHE A 1 86  ? 13.100  -4.041  11.231  1.00  72.61  ? 142  PHE A CD1 1 
ATOM   505  C  CD2 . PHE A 1 86  ? 11.912  -3.170  9.338   1.00  70.13  ? 142  PHE A CD2 1 
ATOM   506  C  CE1 . PHE A 1 86  ? 12.242  -3.351  12.087  1.00  70.67  ? 142  PHE A CE1 1 
ATOM   507  C  CE2 . PHE A 1 86  ? 11.055  -2.478  10.190  1.00  71.95  ? 142  PHE A CE2 1 
ATOM   508  C  CZ  . PHE A 1 86  ? 11.215  -2.574  11.562  1.00  64.44  ? 142  PHE A CZ  1 
ATOM   509  N  N   . PRO A 1 87  ? 17.372  -4.483  7.666   1.00  77.63  ? 143  PRO A N   1 
ATOM   510  C  CA  . PRO A 1 87  ? 18.205  -4.932  6.563   1.00  80.91  ? 143  PRO A CA  1 
ATOM   511  C  C   . PRO A 1 87  ? 18.643  -6.388  6.753   1.00  82.19  ? 143  PRO A C   1 
ATOM   512  O  O   . PRO A 1 87  ? 17.868  -7.208  7.265   1.00  84.62  ? 143  PRO A O   1 
ATOM   513  C  CB  . PRO A 1 87  ? 19.408  -3.972  6.624   1.00  80.71  ? 143  PRO A CB  1 
ATOM   514  C  CG  . PRO A 1 87  ? 19.417  -3.410  8.021   1.00  78.63  ? 143  PRO A CG  1 
ATOM   515  C  CD  . PRO A 1 87  ? 18.189  -3.899  8.746   1.00  81.27  ? 143  PRO A CD  1 
ATOM   516  N  N   . LYS A 1 96  ? 4.115   -12.989 5.347   1.00  79.98  ? 152  LYS A N   1 
ATOM   517  C  CA  . LYS A 1 96  ? 5.529   -12.951 5.681   1.00  74.81  ? 152  LYS A CA  1 
ATOM   518  C  C   . LYS A 1 96  ? 5.922   -11.540 6.149   1.00  78.62  ? 152  LYS A C   1 
ATOM   519  O  O   . LYS A 1 96  ? 5.562   -11.112 7.256   1.00  70.71  ? 152  LYS A O   1 
ATOM   520  C  CB  . LYS A 1 96  ? 6.384   -13.382 4.471   1.00  78.74  ? 152  LYS A CB  1 
ATOM   521  C  CG  . LYS A 1 96  ? 5.757   -14.443 3.571   1.00  75.91  ? 152  LYS A CG  1 
ATOM   522  C  CD  . LYS A 1 96  ? 6.494   -14.576 2.247   1.00  79.83  ? 152  LYS A CD  1 
ATOM   523  C  CE  . LYS A 1 96  ? 7.778   -15.392 2.362   1.00  87.68  ? 152  LYS A CE  1 
ATOM   524  N  NZ  . LYS A 1 96  ? 8.946   -14.585 2.826   1.00  85.46  ? 152  LYS A NZ  1 
ATOM   525  N  N   . ASN A 1 97  ? 6.653   -10.814 5.298   1.00  75.76  ? 153  ASN A N   1 
ATOM   526  C  CA  . ASN A 1 97  ? 7.187   -9.519  5.690   1.00  68.27  ? 153  ASN A CA  1 
ATOM   527  C  C   . ASN A 1 97  ? 6.165   -8.366  5.752   1.00  67.69  ? 153  ASN A C   1 
ATOM   528  O  O   . ASN A 1 97  ? 6.375   -7.424  6.542   1.00  66.08  ? 153  ASN A O   1 
ATOM   529  C  CB  . ASN A 1 97  ? 8.418   -9.149  4.854   1.00  72.02  ? 153  ASN A CB  1 
ATOM   530  C  CG  . ASN A 1 97  ? 9.662   -9.953  5.243   1.00  75.72  ? 153  ASN A CG  1 
ATOM   531  O  OD1 . ASN A 1 97  ? 10.331  -9.667  6.244   1.00  67.03  ? 153  ASN A OD1 1 
ATOM   532  N  ND2 . ASN A 1 97  ? 9.992   -10.944 4.425   1.00  79.55  ? 153  ASN A ND2 1 
ATOM   533  N  N   . SER A 1 98  ? 5.063   -8.441  4.980   1.00  58.53  ? 154  SER A N   1 
ATOM   534  C  CA  . SER A 1 98  ? 4.171   -7.260  4.847   1.00  46.59  ? 154  SER A CA  1 
ATOM   535  C  C   . SER A 1 98  ? 3.374   -6.972  6.092   1.00  47.36  ? 154  SER A C   1 
ATOM   536  O  O   . SER A 1 98  ? 3.148   -5.799  6.401   1.00  35.27  ? 154  SER A O   1 
ATOM   537  C  CB  . SER A 1 98  ? 3.297   -7.228  3.584   1.00  41.62  ? 154  SER A CB  1 
ATOM   538  O  OG  . SER A 1 98  ? 4.079   -7.336  2.395   1.00  34.86  ? 154  SER A OG  1 
ATOM   539  N  N   . ALA A 1 99  ? 3.019   -8.029  6.828   1.00  45.07  ? 155  ALA A N   1 
ATOM   540  C  CA  . ALA A 1 99  ? 2.296   -7.894  8.073   1.00  46.00  ? 155  ALA A CA  1 
ATOM   541  C  C   . ALA A 1 99  ? 3.199   -7.429  9.208   1.00  41.76  ? 155  ALA A C   1 
ATOM   542  O  O   . ALA A 1 99  ? 2.776   -6.621  9.988   1.00  48.62  ? 155  ALA A O   1 
ATOM   543  C  CB  . ALA A 1 99  ? 1.532   -9.178  8.440   1.00  49.38  ? 155  ALA A CB  1 
ATOM   544  N  N   . ILE A 1 100 ? 4.426   -7.939  9.294   1.00  42.14  ? 156  ILE A N   1 
ATOM   545  C  CA  . ILE A 1 100 ? 5.442   -7.475  10.233  1.00  43.02  ? 156  ILE A CA  1 
ATOM   546  C  C   . ILE A 1 100 ? 5.625   -5.946  10.118  1.00  45.55  ? 156  ILE A C   1 
ATOM   547  O  O   . ILE A 1 100 ? 5.783   -5.238  11.143  1.00  38.34  ? 156  ILE A O   1 
ATOM   548  C  CB  . ILE A 1 100 ? 6.830   -8.202  10.078  1.00  45.50  ? 156  ILE A CB  1 
ATOM   549  C  CG1 . ILE A 1 100 ? 6.686   -9.750  10.135  1.00  48.28  ? 156  ILE A CG1 1 
ATOM   550  C  CG2 . ILE A 1 100 ? 7.777   -7.803  11.213  1.00  45.89  ? 156  ILE A CG2 1 
ATOM   551  C  CD1 . ILE A 1 100 ? 7.979   -10.542 10.013  1.00  41.55  ? 156  ILE A CD1 1 
ATOM   552  N  N   . PHE A 1 101 ? 5.554   -5.425  8.891   1.00  39.51  ? 157  PHE A N   1 
ATOM   553  C  CA  . PHE A 1 101 ? 5.873   -4.005  8.657   1.00  36.35  ? 157  PHE A CA  1 
ATOM   554  C  C   . PHE A 1 101 ? 4.696   -3.093  8.921   1.00  31.23  ? 157  PHE A C   1 
ATOM   555  O  O   . PHE A 1 101 ? 4.848   -1.972  9.474   1.00  34.51  ? 157  PHE A O   1 
ATOM   556  C  CB  . PHE A 1 101 ? 6.499   -3.838  7.259   1.00  44.03  ? 157  PHE A CB  1 
ATOM   557  C  CG  . PHE A 1 101 ? 7.753   -4.665  7.081   1.00  50.97  ? 157  PHE A CG  1 
ATOM   558  C  CD1 . PHE A 1 101 ? 8.621   -4.885  8.170   1.00  53.28  ? 157  PHE A CD1 1 
ATOM   559  C  CD2 . PHE A 1 101 ? 8.053   -5.253  5.868   1.00  54.87  ? 157  PHE A CD2 1 
ATOM   560  C  CE1 . PHE A 1 101 ? 9.765   -5.660  8.025   1.00  62.55  ? 157  PHE A CE1 1 
ATOM   561  C  CE2 . PHE A 1 101 ? 9.205   -6.015  5.708   1.00  64.20  ? 157  PHE A CE2 1 
ATOM   562  C  CZ  . PHE A 1 101 ? 10.059  -6.227  6.788   1.00  67.68  ? 157  PHE A CZ  1 
ATOM   563  N  N   . LEU A 1 102 ? 3.519   -3.568  8.564   1.00  29.18  ? 158  LEU A N   1 
ATOM   564  C  CA  . LEU A 1 102 ? 2.309   -2.836  8.833   1.00  35.48  ? 158  LEU A CA  1 
ATOM   565  C  C   . LEU A 1 102 ? 1.974   -2.701  10.330  1.00  41.89  ? 158  LEU A C   1 
ATOM   566  O  O   . LEU A 1 102 ? 1.491   -1.627  10.777  1.00  34.47  ? 158  LEU A O   1 
ATOM   567  C  CB  . LEU A 1 102 ? 1.167   -3.542  8.195   1.00  40.82  ? 158  LEU A CB  1 
ATOM   568  C  CG  . LEU A 1 102 ? 0.256   -2.996  7.108   1.00  47.29  ? 158  LEU A CG  1 
ATOM   569  C  CD1 . LEU A 1 102 ? 0.415   -1.516  6.763   1.00  47.55  ? 158  LEU A CD1 1 
ATOM   570  C  CD2 . LEU A 1 102 ? 0.447   -3.946  5.943   1.00  45.02  ? 158  LEU A CD2 1 
ATOM   571  N  N   . ARG A 1 103 ? 2.214   -3.791  11.081  1.00  38.93  ? 159  ARG A N   1 
ATOM   572  C  CA  . ARG A 1 103 ? 2.043   -3.799  12.556  1.00  40.92  ? 159  ARG A CA  1 
ATOM   573  C  C   . ARG A 1 103 ? 3.041   -2.833  13.139  1.00  32.51  ? 159  ARG A C   1 
ATOM   574  O  O   . ARG A 1 103 ? 2.716   -2.051  14.006  1.00  36.54  ? 159  ARG A O   1 
ATOM   575  C  CB  . ARG A 1 103 ? 2.211   -5.226  13.155  1.00  41.65  ? 159  ARG A CB  1 
ATOM   576  C  CG  . ARG A 1 103 ? 3.072   -5.241  14.420  1.00  43.40  ? 159  ARG A CG  1 
ATOM   577  C  CD  . ARG A 1 103 ? 2.937   -6.440  15.366  1.00  51.86  ? 159  ARG A CD  1 
ATOM   578  N  NE  . ARG A 1 103 ? 2.013   -7.457  14.904  1.00  48.81  ? 159  ARG A NE  1 
ATOM   579  C  CZ  . ARG A 1 103 ? 2.368   -8.603  14.334  1.00  52.32  ? 159  ARG A CZ  1 
ATOM   580  N  NH1 . ARG A 1 103 ? 3.649   -8.915  14.156  1.00  57.01  ? 159  ARG A NH1 1 
ATOM   581  N  NH2 . ARG A 1 103 ? 1.418   -9.437  13.947  1.00  49.90  ? 159  ARG A NH2 1 
ATOM   582  N  N   . TYR A 1 104 ? 4.244   -2.877  12.607  1.00  33.21  ? 160  TYR A N   1 
ATOM   583  C  CA  . TYR A 1 104 ? 5.298   -1.933  12.907  1.00  34.80  ? 160  TYR A CA  1 
ATOM   584  C  C   . TYR A 1 104 ? 4.909   -0.478  12.754  1.00  34.60  ? 160  TYR A C   1 
ATOM   585  O  O   . TYR A 1 104 ? 5.257   0.388   13.631  1.00  31.15  ? 160  TYR A O   1 
ATOM   586  C  CB  . TYR A 1 104 ? 6.568   -2.203  12.087  1.00  34.87  ? 160  TYR A CB  1 
ATOM   587  C  CG  . TYR A 1 104 ? 7.589   -1.160  12.388  1.00  38.29  ? 160  TYR A CG  1 
ATOM   588  C  CD1 . TYR A 1 104 ? 8.250   -1.147  13.653  1.00  36.61  ? 160  TYR A CD1 1 
ATOM   589  C  CD2 . TYR A 1 104 ? 7.829   -0.089  11.487  1.00  37.27  ? 160  TYR A CD2 1 
ATOM   590  C  CE1 . TYR A 1 104 ? 9.130   -0.130  13.963  1.00  35.46  ? 160  TYR A CE1 1 
ATOM   591  C  CE2 . TYR A 1 104 ? 8.719   0.934   11.798  1.00  35.56  ? 160  TYR A CE2 1 
ATOM   592  C  CZ  . TYR A 1 104 ? 9.357   0.914   13.042  1.00  39.23  ? 160  TYR A CZ  1 
ATOM   593  O  OH  . TYR A 1 104 ? 10.231  1.936   13.371  1.00  40.19  ? 160  TYR A OH  1 
ATOM   594  N  N   . ALA A 1 105 ? 4.138   -0.195  11.685  1.00  31.73  ? 161  ALA A N   1 
ATOM   595  C  CA  . ALA A 1 105 ? 3.898   1.191   11.294  1.00  29.01  ? 161  ALA A CA  1 
ATOM   596  C  C   . ALA A 1 105 ? 2.798   1.653   12.202  1.00  29.02  ? 161  ALA A C   1 
ATOM   597  O  O   . ALA A 1 105 ? 2.830   2.784   12.663  1.00  29.05  ? 161  ALA A O   1 
ATOM   598  C  CB  . ALA A 1 105 ? 3.458   1.294   9.823   1.00  25.35  ? 161  ALA A CB  1 
ATOM   599  N  N   . ARG A 1 106 ? 1.840   0.769   12.458  1.00  29.31  ? 162  ARG A N   1 
ATOM   600  C  CA  . ARG A 1 106 ? 0.734   1.083   13.342  1.00  31.38  ? 162  ARG A CA  1 
ATOM   601  C  C   . ARG A 1 106 ? 1.215   1.428   14.764  1.00  30.22  ? 162  ARG A C   1 
ATOM   602  O  O   . ARG A 1 106 ? 0.692   2.363   15.423  1.00  29.25  ? 162  ARG A O   1 
ATOM   603  C  CB  . ARG A 1 106 ? -0.227  -0.081  13.378  1.00  33.39  ? 162  ARG A CB  1 
ATOM   604  C  CG  . ARG A 1 106 ? -1.463  0.086   14.256  1.00  34.20  ? 162  ARG A CG  1 
ATOM   605  C  CD  . ARG A 1 106 ? -2.365  -1.160  14.173  1.00  39.30  ? 162  ARG A CD  1 
ATOM   606  N  NE  . ARG A 1 106 ? -1.727  -2.303  14.803  1.00  47.78  ? 162  ARG A NE  1 
ATOM   607  C  CZ  . ARG A 1 106 ? -1.789  -2.529  16.117  1.00  57.92  ? 162  ARG A CZ  1 
ATOM   608  N  NH1 . ARG A 1 106 ? -2.473  -1.699  16.912  1.00  49.94  ? 162  ARG A NH1 1 
ATOM   609  N  NH2 . ARG A 1 106 ? -1.151  -3.566  16.641  1.00  46.25  ? 162  ARG A NH2 1 
ATOM   610  N  N   . LEU A 1 107 ? 2.206   0.677   15.217  1.00  28.67  ? 163  LEU A N   1 
ATOM   611  C  CA  . LEU A 1 107 ? 2.684   0.857   16.574  1.00  32.49  ? 163  LEU A CA  1 
ATOM   612  C  C   . LEU A 1 107 ? 3.629   2.023   16.652  1.00  30.56  ? 163  LEU A C   1 
ATOM   613  O  O   . LEU A 1 107 ? 3.759   2.631   17.732  1.00  31.34  ? 163  LEU A O   1 
ATOM   614  C  CB  . LEU A 1 107 ? 3.342   -0.429  17.105  1.00  28.74  ? 163  LEU A CB  1 
ATOM   615  C  CG  . LEU A 1 107 ? 2.238   -1.454  17.273  1.00  30.96  ? 163  LEU A CG  1 
ATOM   616  C  CD1 . LEU A 1 107 ? 2.949   -2.778  17.477  1.00  32.93  ? 163  LEU A CD1 1 
ATOM   617  C  CD2 . LEU A 1 107 ? 1.319   -1.085  18.451  1.00  36.15  ? 163  LEU A CD2 1 
ATOM   618  N  N   . LEU A 1 108 ? 4.243   2.380   15.514  1.00  28.71  ? 164  LEU A N   1 
ATOM   619  C  CA  . LEU A 1 108 ? 5.044   3.587   15.445  1.00  28.70  ? 164  LEU A CA  1 
ATOM   620  C  C   . LEU A 1 108 ? 4.231   4.889   15.531  1.00  31.44  ? 164  LEU A C   1 
ATOM   621  O  O   . LEU A 1 108 ? 4.688   5.818   16.170  1.00  31.42  ? 164  LEU A O   1 
ATOM   622  C  CB  . LEU A 1 108 ? 5.969   3.576   14.244  1.00  32.20  ? 164  LEU A CB  1 
ATOM   623  C  CG  . LEU A 1 108 ? 6.524   4.906   13.754  1.00  31.59  ? 164  LEU A CG  1 
ATOM   624  C  CD1 . LEU A 1 108 ? 7.712   5.387   14.604  1.00  32.13  ? 164  LEU A CD1 1 
ATOM   625  C  CD2 . LEU A 1 108 ? 6.981   4.730   12.298  1.00  33.08  ? 164  LEU A CD2 1 
ATOM   626  N  N   . ILE A 1 109 ? 3.065   4.951   14.851  1.00  27.85  ? 165  ILE A N   1 
ATOM   627  C  CA  . ILE A 1 109 ? 2.136   6.054   14.905  1.00  28.00  ? 165  ILE A CA  1 
ATOM   628  C  C   . ILE A 1 109 ? 1.701   6.201   16.385  1.00  30.99  ? 165  ILE A C   1 
ATOM   629  O  O   . ILE A 1 109 ? 1.733   7.301   16.888  1.00  26.53  ? 165  ILE A O   1 
ATOM   630  C  CB  . ILE A 1 109 ? 0.951   5.775   13.997  1.00  29.11  ? 165  ILE A CB  1 
ATOM   631  C  CG1 . ILE A 1 109 ? 1.389   5.983   12.480  1.00  29.39  ? 165  ILE A CG1 1 
ATOM   632  C  CG2 . ILE A 1 109 ? -0.297  6.616   14.348  1.00  26.70  ? 165  ILE A CG2 1 
ATOM   633  C  CD1 . ILE A 1 109 ? 0.336   5.320   11.562  1.00  30.62  ? 165  ILE A CD1 1 
ATOM   634  N  N   . TYR A 1 110 ? 1.368   5.069   17.036  1.00  30.29  ? 166  TYR A N   1 
ATOM   635  C  CA  . TYR A 1 110 ? 0.959   5.037   18.447  1.00  34.49  ? 166  TYR A CA  1 
ATOM   636  C  C   . TYR A 1 110 ? 2.044   5.655   19.340  1.00  35.26  ? 166  TYR A C   1 
ATOM   637  O  O   . TYR A 1 110 ? 1.785   6.660   19.988  1.00  33.44  ? 166  TYR A O   1 
ATOM   638  C  CB  . TYR A 1 110 ? 0.584   3.631   18.894  1.00  37.34  ? 166  TYR A CB  1 
ATOM   639  C  CG  . TYR A 1 110 ? -0.128  3.677   20.213  1.00  42.22  ? 166  TYR A CG  1 
ATOM   640  C  CD1 . TYR A 1 110 ? -1.481  3.996   20.277  1.00  44.53  ? 166  TYR A CD1 1 
ATOM   641  C  CD2 . TYR A 1 110 ? 0.570   3.490   21.405  1.00  46.79  ? 166  TYR A CD2 1 
ATOM   642  C  CE1 . TYR A 1 110 ? -2.150  4.086   21.508  1.00  52.49  ? 166  TYR A CE1 1 
ATOM   643  C  CE2 . TYR A 1 110 ? -0.081  3.551   22.643  1.00  49.49  ? 166  TYR A CE2 1 
ATOM   644  C  CZ  . TYR A 1 110 ? -1.437  3.867   22.690  1.00  53.19  ? 166  TYR A CZ  1 
ATOM   645  O  OH  . TYR A 1 110 ? -2.075  3.972   23.906  1.00  52.23  ? 166  TYR A OH  1 
ATOM   646  N  N   . LYS A 1 111 ? 3.261   5.101   19.305  1.00  31.77  ? 167  LYS A N   1 
ATOM   647  C  CA  . LYS A 1 111 ? 4.355   5.548   20.175  1.00  37.15  ? 167  LYS A CA  1 
ATOM   648  C  C   . LYS A 1 111 ? 4.744   6.967   19.951  1.00  37.92  ? 167  LYS A C   1 
ATOM   649  O  O   . LYS A 1 111 ? 5.176   7.607   20.910  1.00  37.40  ? 167  LYS A O   1 
ATOM   650  C  CB  . LYS A 1 111 ? 5.593   4.610   20.140  1.00  38.55  ? 167  LYS A CB  1 
ATOM   651  C  CG  . LYS A 1 111 ? 6.694   4.879   19.104  1.00  41.84  ? 167  LYS A CG  1 
ATOM   652  C  CD  . LYS A 1 111 ? 7.429   3.570   18.813  1.00  37.35  ? 167  LYS A CD  1 
ATOM   653  C  CE  . LYS A 1 111 ? 8.718   3.737   18.014  1.00  40.07  ? 167  LYS A CE  1 
ATOM   654  N  NZ  . LYS A 1 111 ? 8.985   2.380   17.412  1.00  45.27  ? 167  LYS A NZ  1 
ATOM   655  N  N   . LYS A 1 112 ? 4.530   7.494   18.728  1.00  29.99  ? 168  LYS A N   1 
ATOM   656  C  CA  . LYS A 1 112 ? 4.805   8.925   18.442  1.00  28.79  ? 168  LYS A CA  1 
ATOM   657  C  C   . LYS A 1 112 ? 3.665   9.842   18.842  1.00  29.19  ? 168  LYS A C   1 
ATOM   658  O  O   . LYS A 1 112 ? 3.725   11.051  18.573  1.00  30.11  ? 168  LYS A O   1 
ATOM   659  C  CB  . LYS A 1 112 ? 5.086   9.155   16.929  1.00  29.76  ? 168  LYS A CB  1 
ATOM   660  C  CG  . LYS A 1 112 ? 6.246   8.331   16.376  1.00  31.58  ? 168  LYS A CG  1 
ATOM   661  C  CD  . LYS A 1 112 ? 7.528   8.677   17.098  1.00  42.00  ? 168  LYS A CD  1 
ATOM   662  C  CE  . LYS A 1 112 ? 8.192   9.916   16.529  1.00  48.92  ? 168  LYS A CE  1 
ATOM   663  N  NZ  . LYS A 1 112 ? 9.293   9.546   15.588  1.00  48.71  ? 168  LYS A NZ  1 
ATOM   664  N  N   . ASN A 1 113 ? 2.589   9.255   19.357  1.00  30.74  ? 169  ASN A N   1 
ATOM   665  C  CA  . ASN A 1 113 ? 1.375   10.014  19.760  1.00  38.26  ? 169  ASN A CA  1 
ATOM   666  C  C   . ASN A 1 113 ? 0.519   10.632  18.617  1.00  41.56  ? 169  ASN A C   1 
ATOM   667  O  O   . ASN A 1 113 ? -0.045  11.784  18.713  1.00  34.50  ? 169  ASN A O   1 
ATOM   668  C  CB  . ASN A 1 113 ? 1.712   11.054  20.826  1.00  39.73  ? 169  ASN A CB  1 
ATOM   669  C  CG  . ASN A 1 113 ? 0.606   11.166  21.845  1.00  48.07  ? 169  ASN A CG  1 
ATOM   670  O  OD1 . ASN A 1 113 ? 0.238   10.175  22.489  1.00  50.92  ? 169  ASN A OD1 1 
ATOM   671  N  ND2 . ASN A 1 113 ? 0.045   12.356  21.978  1.00  50.06  ? 169  ASN A ND2 1 
ATOM   672  N  N   . TYR A 1 114 ? 0.381   9.842   17.543  1.00  29.72  ? 170  TYR A N   1 
ATOM   673  C  CA  . TYR A 1 114 ? -0.462  10.271  16.417  1.00  29.45  ? 170  TYR A CA  1 
ATOM   674  C  C   . TYR A 1 114 ? -1.603  9.319   16.235  1.00  27.59  ? 170  TYR A C   1 
ATOM   675  O  O   . TYR A 1 114 ? -1.529  8.176   16.704  1.00  31.65  ? 170  TYR A O   1 
ATOM   676  C  CB  . TYR A 1 114 ? 0.404   10.275  15.167  1.00  27.42  ? 170  TYR A CB  1 
ATOM   677  C  CG  . TYR A 1 114 ? 1.158   11.554  15.024  1.00  25.52  ? 170  TYR A CG  1 
ATOM   678  C  CD1 . TYR A 1 114 ? 0.584   12.630  14.352  1.00  24.17  ? 170  TYR A CD1 1 
ATOM   679  C  CD2 . TYR A 1 114 ? 2.476   11.672  15.484  1.00  26.81  ? 170  TYR A CD2 1 
ATOM   680  C  CE1 . TYR A 1 114 ? 1.275   13.826  14.243  1.00  23.52  ? 170  TYR A CE1 1 
ATOM   681  C  CE2 . TYR A 1 114 ? 3.194   12.841  15.315  1.00  27.62  ? 170  TYR A CE2 1 
ATOM   682  C  CZ  . TYR A 1 114 ? 2.567   13.924  14.715  1.00  26.17  ? 170  TYR A CZ  1 
ATOM   683  O  OH  . TYR A 1 114 ? 3.241   15.116  14.525  1.00  25.85  ? 170  TYR A OH  1 
ATOM   684  N  N   . ASP A 1 115 ? -2.667  9.773   15.578  1.00  27.06  ? 171  ASP A N   1 
ATOM   685  C  CA  . ASP A 1 115 ? -3.669  8.876   15.033  1.00  25.82  ? 171  ASP A CA  1 
ATOM   686  C  C   . ASP A 1 115 ? -3.566  9.087   13.511  1.00  28.29  ? 171  ASP A C   1 
ATOM   687  O  O   . ASP A 1 115 ? -3.089  10.127  13.077  1.00  25.99  ? 171  ASP A O   1 
ATOM   688  C  CB  . ASP A 1 115 ? -5.070  9.357   15.389  1.00  31.16  ? 171  ASP A CB  1 
ATOM   689  C  CG  . ASP A 1 115 ? -5.380  9.220   16.875  1.00  37.35  ? 171  ASP A CG  1 
ATOM   690  O  OD1 . ASP A 1 115 ? -5.345  8.084   17.350  1.00  41.32  ? 171  ASP A OD1 1 
ATOM   691  O  OD2 . ASP A 1 115 ? -5.660  10.258  17.514  1.00  38.34  ? 171  ASP A OD2 1 
ATOM   692  N  N   . ILE A 1 116 ? -4.093  8.140   12.733  1.00  28.05  ? 172  ILE A N   1 
ATOM   693  C  CA  . ILE A 1 116 ? -4.253  8.351   11.311  1.00  26.74  ? 172  ILE A CA  1 
ATOM   694  C  C   . ILE A 1 116 ? -5.518  9.188   11.101  1.00  26.93  ? 172  ILE A C   1 
ATOM   695  O  O   . ILE A 1 116 ? -6.534  8.913   11.789  1.00  28.31  ? 172  ILE A O   1 
ATOM   696  C  CB  . ILE A 1 116 ? -4.456  6.989   10.611  1.00  25.82  ? 172  ILE A CB  1 
ATOM   697  C  CG1 . ILE A 1 116 ? -3.100  6.260   10.643  1.00  25.91  ? 172  ILE A CG1 1 
ATOM   698  C  CG2 . ILE A 1 116 ? -4.993  7.264   9.197   1.00  24.37  ? 172  ILE A CG2 1 
ATOM   699  C  CD1 . ILE A 1 116 ? -3.100  4.792   10.221  1.00  27.72  ? 172  ILE A CD1 1 
ATOM   700  N  N   . GLY A 1 117 ? -5.458  10.223  10.243  1.00  25.66  ? 173  GLY A N   1 
ATOM   701  C  CA  . GLY A 1 117 ? -6.673  10.912  9.732   1.00  21.25  ? 173  GLY A CA  1 
ATOM   702  C  C   . GLY A 1 117 ? -7.354  10.052  8.700   1.00  24.50  ? 173  GLY A C   1 
ATOM   703  O  O   . GLY A 1 117 ? -8.266  9.291   9.007   1.00  21.54  ? 173  GLY A O   1 
ATOM   704  N  N   . ASN A 1 118 ? -6.927  10.173  7.427   1.00  23.36  ? 174  ASN A N   1 
ATOM   705  C  CA  . ASN A 1 118 ? -7.466  9.265   6.435   1.00  21.66  ? 174  ASN A CA  1 
ATOM   706  C  C   . ASN A 1 118 ? -6.314  8.851   5.512   1.00  21.95  ? 174  ASN A C   1 
ATOM   707  O  O   . ASN A 1 118 ? -5.223  9.424   5.577   1.00  22.43  ? 174  ASN A O   1 
ATOM   708  C  CB  . ASN A 1 118 ? -8.615  9.902   5.649   1.00  20.96  ? 174  ASN A CB  1 
ATOM   709  C  CG  . ASN A 1 118 ? -8.113  11.001  4.657   1.00  22.34  ? 174  ASN A CG  1 
ATOM   710  O  OD1 . ASN A 1 118 ? -7.501  11.985  5.075   1.00  23.57  ? 174  ASN A OD1 1 
ATOM   711  N  ND2 . ASN A 1 118 ? -8.298  10.765  3.349   1.00  23.19  ? 174  ASN A ND2 1 
ATOM   712  N  N   . VAL A 1 119 ? -6.535  7.831   4.692   1.00  22.46  ? 175  VAL A N   1 
ATOM   713  C  CA  . VAL A 1 119 ? -5.471  7.434   3.751   1.00  22.73  ? 175  VAL A CA  1 
ATOM   714  C  C   . VAL A 1 119 ? -6.195  7.337   2.367   1.00  23.15  ? 175  VAL A C   1 
ATOM   715  O  O   . VAL A 1 119 ? -7.320  6.917   2.325   1.00  21.24  ? 175  VAL A O   1 
ATOM   716  C  CB  . VAL A 1 119 ? -4.819  6.118   4.185   1.00  28.71  ? 175  VAL A CB  1 
ATOM   717  C  CG1 . VAL A 1 119 ? -5.876  5.026   4.315   1.00  27.24  ? 175  VAL A CG1 1 
ATOM   718  C  CG2 . VAL A 1 119 ? -3.678  5.687   3.180   1.00  28.20  ? 175  VAL A CG2 1 
ATOM   719  N  N   . ASP A 1 120 ? -5.583  7.836   1.289   1.00  21.22  ? 176  ASP A N   1 
ATOM   720  C  CA  . ASP A 1 120 ? -6.148  7.735   -0.054  1.00  19.60  ? 176  ASP A CA  1 
ATOM   721  C  C   . ASP A 1 120 ? -5.032  7.034   -0.905  1.00  19.91  ? 176  ASP A C   1 
ATOM   722  O  O   . ASP A 1 120 ? -3.917  7.489   -0.917  1.00  20.54  ? 176  ASP A O   1 
ATOM   723  C  CB  . ASP A 1 120 ? -6.519  9.094   -0.553  1.00  22.29  ? 176  ASP A CB  1 
ATOM   724  C  CG  . ASP A 1 120 ? -7.279  9.044   -1.906  1.00  23.66  ? 176  ASP A CG  1 
ATOM   725  O  OD1 . ASP A 1 120 ? -7.826  7.970   -2.280  1.00  23.35  ? 176  ASP A OD1 1 
ATOM   726  O  OD2 . ASP A 1 120 ? -7.310  10.088  -2.562  1.00  22.97  ? 176  ASP A OD2 1 
ATOM   727  N  N   . ILE A 1 121 ? -5.382  5.897   -1.468  1.00  21.42  ? 177  ILE A N   1 
ATOM   728  C  CA  . ILE A 1 121 ? -4.535  4.963   -2.238  1.00  24.09  ? 177  ILE A CA  1 
ATOM   729  C  C   . ILE A 1 121 ? -4.962  4.902   -3.732  1.00  23.85  ? 177  ILE A C   1 
ATOM   730  O  O   . ILE A 1 121 ? -6.104  4.652   -4.037  1.00  24.58  ? 177  ILE A O   1 
ATOM   731  C  CB  . ILE A 1 121 ? -4.704  3.566   -1.575  1.00  26.12  ? 177  ILE A CB  1 
ATOM   732  C  CG1 . ILE A 1 121 ? -4.300  3.678   -0.069  1.00  27.87  ? 177  ILE A CG1 1 
ATOM   733  C  CG2 . ILE A 1 121 ? -3.810  2.518   -2.241  1.00  25.21  ? 177  ILE A CG2 1 
ATOM   734  C  CD1 . ILE A 1 121 ? -4.875  2.641   0.894   1.00  27.00  ? 177  ILE A CD1 1 
ATOM   735  N  N   . ASN A 1 122 ? -4.020  5.091   -4.646  1.00  19.70  ? 178  ASN A N   1 
ATOM   736  C  CA  . ASN A 1 122 ? -4.261  5.078   -6.083  1.00  21.27  ? 178  ASN A CA  1 
ATOM   737  C  C   . ASN A 1 122 ? -3.415  3.947   -6.585  1.00  21.12  ? 178  ASN A C   1 
ATOM   738  O  O   . ASN A 1 122 ? -2.164  4.056   -6.575  1.00  20.88  ? 178  ASN A O   1 
ATOM   739  C  CB  . ASN A 1 122 ? -3.697  6.404   -6.701  1.00  26.16  ? 178  ASN A CB  1 
ATOM   740  C  CG  . ASN A 1 122 ? -4.668  7.572   -6.549  1.00  28.96  ? 178  ASN A CG  1 
ATOM   741  O  OD1 . ASN A 1 122 ? -5.833  7.402   -6.824  1.00  29.35  ? 178  ASN A OD1 1 
ATOM   742  N  ND2 . ASN A 1 122 ? -4.199  8.744   -6.121  1.00  29.84  ? 178  ASN A ND2 1 
ATOM   743  N  N   . VAL A 1 123 ? -4.054  2.867   -6.991  1.00  21.21  ? 179  VAL A N   1 
ATOM   744  C  CA  . VAL A 1 123 ? -3.306  1.745   -7.601  1.00  24.27  ? 179  VAL A CA  1 
ATOM   745  C  C   . VAL A 1 123 ? -3.344  2.019   -9.131  1.00  26.62  ? 179  VAL A C   1 
ATOM   746  O  O   . VAL A 1 123 ? -4.433  2.265   -9.715  1.00  28.29  ? 179  VAL A O   1 
ATOM   747  C  CB  . VAL A 1 123 ? -4.049  0.448   -7.255  1.00  26.64  ? 179  VAL A CB  1 
ATOM   748  C  CG1 . VAL A 1 123 ? -3.370  -0.789  -7.851  1.00  28.75  ? 179  VAL A CG1 1 
ATOM   749  C  CG2 . VAL A 1 123 ? -4.260  0.354   -5.744  1.00  26.51  ? 179  VAL A CG2 1 
ATOM   750  N  N   . ILE A 1 124 ? -2.175  2.022   -9.776  1.00  22.83  ? 180  ILE A N   1 
ATOM   751  C  CA  . ILE A 1 124 ? -2.104  2.308   -11.221 1.00  23.00  ? 180  ILE A CA  1 
ATOM   752  C  C   . ILE A 1 124 ? -1.647  0.975   -11.819 1.00  24.86  ? 180  ILE A C   1 
ATOM   753  O  O   . ILE A 1 124 ? -0.470  0.521   -11.653 1.00  23.76  ? 180  ILE A O   1 
ATOM   754  C  CB  . ILE A 1 124 ? -1.112  3.453   -11.532 1.00  24.56  ? 180  ILE A CB  1 
ATOM   755  C  CG1 . ILE A 1 124 ? -1.443  4.681   -10.607 1.00  24.13  ? 180  ILE A CG1 1 
ATOM   756  C  CG2 . ILE A 1 124 ? -1.167  3.807   -13.050 1.00  23.68  ? 180  ILE A CG2 1 
ATOM   757  C  CD1 . ILE A 1 124 ? -0.590  5.975   -10.813 1.00  21.11  ? 180  ILE A CD1 1 
ATOM   758  N  N   . ALA A 1 125 ? -2.608  0.340   -12.431 1.00  23.56  ? 181  ALA A N   1 
ATOM   759  C  CA  . ALA A 1 125 ? -2.517  -1.094  -12.781 1.00  28.61  ? 181  ALA A CA  1 
ATOM   760  C  C   . ALA A 1 125 ? -3.429  -1.311  -13.974 1.00  26.36  ? 181  ALA A C   1 
ATOM   761  O  O   . ALA A 1 125 ? -4.599  -1.000  -13.908 1.00  26.82  ? 181  ALA A O   1 
ATOM   762  C  CB  . ALA A 1 125 ? -2.991  -1.953  -11.621 1.00  23.48  ? 181  ALA A CB  1 
ATOM   763  N  N   . GLN A 1 126 ? -2.901  -1.891  -15.039 1.00  30.43  ? 182  GLN A N   1 
ATOM   764  C  CA  . GLN A 1 126 ? -3.723  -2.309  -16.194 1.00  31.53  ? 182  GLN A CA  1 
ATOM   765  C  C   . GLN A 1 126 ? -4.545  -3.522  -15.775 1.00  32.84  ? 182  GLN A C   1 
ATOM   766  O  O   . GLN A 1 126 ? -5.708  -3.594  -16.088 1.00  32.25  ? 182  GLN A O   1 
ATOM   767  C  CB  . GLN A 1 126 ? -2.847  -2.608  -17.468 1.00  32.89  ? 182  GLN A CB  1 
ATOM   768  C  CG  . GLN A 1 126 ? -3.622  -2.557  -18.785 1.00  34.41  ? 182  GLN A CG  1 
ATOM   769  C  CD  . GLN A 1 126 ? -4.260  -1.222  -19.086 1.00  29.41  ? 182  GLN A CD  1 
ATOM   770  O  OE1 . GLN A 1 126 ? -3.636  -0.171  -18.914 1.00  29.41  ? 182  GLN A OE1 1 
ATOM   771  N  NE2 . GLN A 1 126 ? -5.501  -1.245  -19.592 1.00  27.55  ? 182  GLN A NE2 1 
ATOM   772  N  N   . VAL A 1 127 ? -3.952  -4.439  -15.016 1.00  33.92  ? 183  VAL A N   1 
ATOM   773  C  CA  . VAL A 1 127 ? -4.660  -5.566  -14.357 1.00  33.74  ? 183  VAL A CA  1 
ATOM   774  C  C   . VAL A 1 127 ? -4.052  -5.775  -12.947 1.00  33.79  ? 183  VAL A C   1 
ATOM   775  O  O   . VAL A 1 127 ? -2.872  -5.512  -12.764 1.00  33.92  ? 183  VAL A O   1 
ATOM   776  C  CB  . VAL A 1 127 ? -4.478  -6.893  -15.128 1.00  36.62  ? 183  VAL A CB  1 
ATOM   777  C  CG1 . VAL A 1 127 ? -5.113  -6.798  -16.518 1.00  44.05  ? 183  VAL A CG1 1 
ATOM   778  C  CG2 . VAL A 1 127 ? -3.004  -7.217  -15.217 1.00  41.57  ? 183  VAL A CG2 1 
ATOM   779  N  N   . PRO A 1 128 ? -4.846  -6.226  -11.943 1.00  36.71  ? 184  PRO A N   1 
ATOM   780  C  CA  . PRO A 1 128 ? -6.259  -6.548  -12.040 1.00  35.60  ? 184  PRO A CA  1 
ATOM   781  C  C   . PRO A 1 128 ? -7.100  -5.291  -11.895 1.00  32.36  ? 184  PRO A C   1 
ATOM   782  O  O   . PRO A 1 128 ? -6.592  -4.261  -11.535 1.00  31.93  ? 184  PRO A O   1 
ATOM   783  C  CB  . PRO A 1 128 ? -6.475  -7.481  -10.826 1.00  35.73  ? 184  PRO A CB  1 
ATOM   784  C  CG  . PRO A 1 128 ? -5.512  -6.929  -9.772  1.00  36.93  ? 184  PRO A CG  1 
ATOM   785  C  CD  . PRO A 1 128 ? -4.346  -6.353  -10.543 1.00  34.53  ? 184  PRO A CD  1 
ATOM   786  N  N   . LYS A 1 129 ? -8.385  -5.405  -12.164 1.00  35.89  ? 185  LYS A N   1 
ATOM   787  C  CA  . LYS A 1 129 ? -9.375  -4.370  -11.906 1.00  42.15  ? 185  LYS A CA  1 
ATOM   788  C  C   . LYS A 1 129 ? -9.550  -4.269  -10.367 1.00  40.96  ? 185  LYS A C   1 
ATOM   789  O  O   . LYS A 1 129 ? -9.713  -5.276  -9.719  1.00  46.16  ? 185  LYS A O   1 
ATOM   790  C  CB  . LYS A 1 129 ? -10.677 -4.845  -12.569 1.00  44.95  ? 185  LYS A CB  1 
ATOM   791  C  CG  . LYS A 1 129 ? -11.842 -3.858  -12.619 1.00  55.87  ? 185  LYS A CG  1 
ATOM   792  C  CD  . LYS A 1 129 ? -13.163 -4.644  -12.678 1.00  63.83  ? 185  LYS A CD  1 
ATOM   793  C  CE  . LYS A 1 129 ? -14.354 -3.829  -13.187 1.00  63.03  ? 185  LYS A CE  1 
ATOM   794  N  NZ  . LYS A 1 129 ? -14.800 -4.227  -14.557 1.00  71.43  ? 185  LYS A NZ  1 
ATOM   795  N  N   . ILE A 1 130 ? -9.536  -3.066  -9.799  1.00  42.32  ? 186  ILE A N   1 
ATOM   796  C  CA  . ILE A 1 130 ? -9.533  -2.907  -8.333  1.00  41.82  ? 186  ILE A CA  1 
ATOM   797  C  C   . ILE A 1 130 ? -10.966 -2.893  -7.768  1.00  41.33  ? 186  ILE A C   1 
ATOM   798  O  O   . ILE A 1 130 ? -11.200 -3.365  -6.648  1.00  37.36  ? 186  ILE A O   1 
ATOM   799  C  CB  . ILE A 1 130 ? -8.723  -1.636  -7.892  1.00  41.59  ? 186  ILE A CB  1 
ATOM   800  C  CG1 . ILE A 1 130 ? -7.263  -1.652  -8.413  1.00  48.33  ? 186  ILE A CG1 1 
ATOM   801  C  CG2 . ILE A 1 130 ? -8.725  -1.394  -6.379  1.00  42.77  ? 186  ILE A CG2 1 
ATOM   802  C  CD1 . ILE A 1 130 ? -6.459  -2.944  -8.240  1.00  50.91  ? 186  ILE A CD1 1 
ATOM   803  N  N   . SER A 1 131 ? -11.933 -2.406  -8.550  1.00  42.13  ? 187  SER A N   1 
ATOM   804  C  CA  . SER A 1 131 ? -13.330 -2.210  -8.040  1.00  48.55  ? 187  SER A CA  1 
ATOM   805  C  C   . SER A 1 131 ? -13.946 -3.488  -7.474  1.00  43.10  ? 187  SER A C   1 
ATOM   806  O  O   . SER A 1 131 ? -14.673 -3.463  -6.464  1.00  40.89  ? 187  SER A O   1 
ATOM   807  C  CB  . SER A 1 131 ? -14.257 -1.633  -9.120  1.00  47.36  ? 187  SER A CB  1 
ATOM   808  O  OG  . SER A 1 131 ? -14.359 -2.544  -10.205 1.00  55.22  ? 187  SER A OG  1 
ATOM   809  N  N   . ASN A 1 132 ? -13.590 -4.592  -8.113  1.00  40.76  ? 188  ASN A N   1 
ATOM   810  C  CA  . ASN A 1 132 ? -14.024 -5.953  -7.797  1.00  46.47  ? 188  ASN A CA  1 
ATOM   811  C  C   . ASN A 1 132 ? -13.517 -6.442  -6.426  1.00  50.59  ? 188  ASN A C   1 
ATOM   812  O  O   . ASN A 1 132 ? -14.197 -7.176  -5.745  1.00  43.45  ? 188  ASN A O   1 
ATOM   813  C  CB  . ASN A 1 132 ? -13.473 -6.877  -8.905  1.00  53.79  ? 188  ASN A CB  1 
ATOM   814  C  CG  . ASN A 1 132 ? -14.164 -8.242  -8.979  1.00  65.15  ? 188  ASN A CG  1 
ATOM   815  O  OD1 . ASN A 1 132 ? -13.897 -9.043  -9.899  1.00  63.40  ? 188  ASN A OD1 1 
ATOM   816  N  ND2 . ASN A 1 132 ? -15.045 -8.524  -8.020  1.00  67.32  ? 188  ASN A ND2 1 
ATOM   817  N  N   . ILE A 1 133 ? -12.313 -6.029  -6.033  1.00  45.01  ? 189  ILE A N   1 
ATOM   818  C  CA  . ILE A 1 133 ? -11.731 -6.464  -4.776  1.00  40.86  ? 189  ILE A CA  1 
ATOM   819  C  C   . ILE A 1 133 ? -11.617 -5.348  -3.706  1.00  38.00  ? 189  ILE A C   1 
ATOM   820  O  O   . ILE A 1 133 ? -11.037 -5.586  -2.611  1.00  34.49  ? 189  ILE A O   1 
ATOM   821  C  CB  . ILE A 1 133 ? -10.373 -7.155  -5.014  1.00  40.89  ? 189  ILE A CB  1 
ATOM   822  C  CG1 . ILE A 1 133 ? -9.454  -6.292  -5.912  1.00  39.95  ? 189  ILE A CG1 1 
ATOM   823  C  CG2 . ILE A 1 133 ? -10.598 -8.507  -5.697  1.00  40.65  ? 189  ILE A CG2 1 
ATOM   824  C  CD1 . ILE A 1 133 ? -8.015  -6.741  -5.861  1.00  34.82  ? 189  ILE A CD1 1 
ATOM   825  N  N   . ARG A 1 134 ? -12.165 -4.163  -4.032  1.00  32.44  ? 190  ARG A N   1 
ATOM   826  C  CA  . ARG A 1 134 ? -11.987 -2.939  -3.239  1.00  33.48  ? 190  ARG A CA  1 
ATOM   827  C  C   . ARG A 1 134 ? -12.532 -3.077  -1.799  1.00  34.91  ? 190  ARG A C   1 
ATOM   828  O  O   . ARG A 1 134 ? -11.838 -2.710  -0.798  1.00  27.97  ? 190  ARG A O   1 
ATOM   829  C  CB  . ARG A 1 134 ? -12.721 -1.803  -3.940  1.00  38.77  ? 190  ARG A CB  1 
ATOM   830  C  CG  . ARG A 1 134 ? -12.648 -0.484  -3.223  1.00  42.58  ? 190  ARG A CG  1 
ATOM   831  C  CD  . ARG A 1 134 ? -13.874 0.340   -3.549  1.00  48.02  ? 190  ARG A CD  1 
ATOM   832  N  NE  . ARG A 1 134 ? -13.523 1.717   -3.805  1.00  51.06  ? 190  ARG A NE  1 
ATOM   833  C  CZ  . ARG A 1 134 ? -13.271 2.189   -5.036  1.00  59.60  ? 190  ARG A CZ  1 
ATOM   834  N  NH1 . ARG A 1 134 ? -13.346 1.362   -6.082  1.00  63.05  ? 190  ARG A NH1 1 
ATOM   835  N  NH2 . ARG A 1 134 ? -12.939 3.478   -5.228  1.00  45.19  ? 190  ARG A NH2 1 
ATOM   836  N  N   . LYS A 1 135 ? -13.765 -3.583  -1.672  1.00  33.41  ? 191  LYS A N   1 
ATOM   837  C  CA  . LYS A 1 135 ? -14.271 -3.850  -0.270  1.00  41.28  ? 191  LYS A CA  1 
ATOM   838  C  C   . LYS A 1 135 ? -13.346 -4.731  0.601   1.00  35.81  ? 191  LYS A C   1 
ATOM   839  O  O   . LYS A 1 135 ? -13.102 -4.451  1.784   1.00  34.29  ? 191  LYS A O   1 
ATOM   840  C  CB  . LYS A 1 135 ? -15.711 -4.393  -0.258  1.00  43.63  ? 191  LYS A CB  1 
ATOM   841  C  CG  . LYS A 1 135 ? -16.731 -3.410  0.281   1.00  49.17  ? 191  LYS A CG  1 
ATOM   842  C  CD  . LYS A 1 135 ? -16.778 -3.424  1.802   0.010 47.05  ? 191  LYS A CD  1 
ATOM   843  C  CE  . LYS A 1 135 ? -17.866 -2.504  2.331   0.010 47.28  ? 191  LYS A CE  1 
ATOM   844  N  NZ  . LYS A 1 135 ? -17.948 -2.543  3.817   0.010 47.12  ? 191  LYS A NZ  1 
ATOM   845  N  N   . ASN A 1 136 ? -12.847 -5.812  0.027   1.00  32.59  ? 192  ASN A N   1 
ATOM   846  C  CA  . ASN A 1 136 ? -11.980 -6.699  0.749   1.00  32.74  ? 192  ASN A CA  1 
ATOM   847  C  C   . ASN A 1 136 ? -10.660 -5.963  1.130   1.00  35.02  ? 192  ASN A C   1 
ATOM   848  O  O   . ASN A 1 136 ? -10.195 -6.078  2.242   1.00  29.56  ? 192  ASN A O   1 
ATOM   849  C  CB  . ASN A 1 136 ? -11.675 -7.885  -0.167  1.00  41.68  ? 192  ASN A CB  1 
ATOM   850  C  CG  . ASN A 1 136 ? -11.147 -9.102  0.561   1.00  48.02  ? 192  ASN A CG  1 
ATOM   851  O  OD1 . ASN A 1 136 ? -10.751 -9.052  1.728   1.00  53.06  ? 192  ASN A OD1 1 
ATOM   852  N  ND2 . ASN A 1 136 ? -11.118 -10.227 -0.156  1.00  53.16  ? 192  ASN A ND2 1 
ATOM   853  N  N   . ILE A 1 137 ? -10.057 -5.211  0.215   1.00  31.41  ? 193  ILE A N   1 
ATOM   854  C  CA  . ILE A 1 137 ? -8.781  -4.463  0.532   1.00  26.91  ? 193  ILE A CA  1 
ATOM   855  C  C   . ILE A 1 137 ? -9.053  -3.478  1.674   1.00  25.82  ? 193  ILE A C   1 
ATOM   856  O  O   . ILE A 1 137 ? -8.265  -3.348  2.562   1.00  27.68  ? 193  ILE A O   1 
ATOM   857  C  CB  . ILE A 1 137 ? -8.248  -3.733  -0.749  1.00  26.97  ? 193  ILE A CB  1 
ATOM   858  C  CG1 . ILE A 1 137 ? -7.816  -4.775  -1.822  1.00  22.63  ? 193  ILE A CG1 1 
ATOM   859  C  CG2 . ILE A 1 137 ? -7.103  -2.758  -0.464  1.00  25.83  ? 193  ILE A CG2 1 
ATOM   860  C  CD1 . ILE A 1 137 ? -7.627  -4.262  -3.271  1.00  28.49  ? 193  ILE A CD1 1 
ATOM   861  N  N   . ILE A 1 138 ? -10.195 -2.809  1.652   1.00  26.71  ? 194  ILE A N   1 
ATOM   862  C  CA  . ILE A 1 138 ? -10.441 -1.741  2.611   1.00  31.86  ? 194  ILE A CA  1 
ATOM   863  C  C   . ILE A 1 138 ? -10.623 -2.354  4.007   1.00  32.89  ? 194  ILE A C   1 
ATOM   864  O  O   . ILE A 1 138 ? -10.075 -1.834  5.011   1.00  38.94  ? 194  ILE A O   1 
ATOM   865  C  CB  . ILE A 1 138 ? -11.635 -0.885  2.185   1.00  32.19  ? 194  ILE A CB  1 
ATOM   866  C  CG1 . ILE A 1 138 ? -11.256 0.002   0.976   1.00  32.20  ? 194  ILE A CG1 1 
ATOM   867  C  CG2 . ILE A 1 138 ? -12.133 -0.010  3.347   1.00  33.58  ? 194  ILE A CG2 1 
ATOM   868  C  CD1 . ILE A 1 138 ? -12.450 0.737   0.312   1.00  29.68  ? 194  ILE A CD1 1 
ATOM   869  N  N   . LYS A 1 139 ? -11.322 -3.488  4.071   1.00  34.32  ? 195  LYS A N   1 
ATOM   870  C  CA  . LYS A 1 139 ? -11.523 -4.166  5.356   1.00  35.09  ? 195  LYS A CA  1 
ATOM   871  C  C   . LYS A 1 139 ? -10.193 -4.652  5.865   1.00  35.33  ? 195  LYS A C   1 
ATOM   872  O  O   . LYS A 1 139 ? -9.947  -4.588  7.069   1.00  38.47  ? 195  LYS A O   1 
ATOM   873  C  CB  . LYS A 1 139 ? -12.510 -5.357  5.206   1.00  40.70  ? 195  LYS A CB  1 
ATOM   874  C  CG  . LYS A 1 139 ? -12.953 -5.871  6.564   1.00  47.33  ? 195  LYS A CG  1 
ATOM   875  C  CD  . LYS A 1 139 ? -12.715 -7.361  6.702   1.00  61.56  ? 195  LYS A CD  1 
ATOM   876  C  CE  . LYS A 1 139 ? -12.639 -7.770  8.181   1.00  66.20  ? 195  LYS A CE  1 
ATOM   877  N  NZ  . LYS A 1 139 ? -12.335 -9.224  8.304   1.00  67.49  ? 195  LYS A NZ  1 
ATOM   878  N  N   . ASN A 1 140 ? -9.346  -5.190  4.959   1.00  34.20  ? 196  ASN A N   1 
ATOM   879  C  CA  . ASN A 1 140 ? -8.015  -5.685  5.333   1.00  32.47  ? 196  ASN A CA  1 
ATOM   880  C  C   . ASN A 1 140 ? -7.159  -4.562  5.890   1.00  34.45  ? 196  ASN A C   1 
ATOM   881  O  O   . ASN A 1 140 ? -6.497  -4.738  6.904   1.00  34.31  ? 196  ASN A O   1 
ATOM   882  C  CB  . ASN A 1 140 ? -7.228  -6.300  4.140   1.00  32.73  ? 196  ASN A CB  1 
ATOM   883  C  CG  . ASN A 1 140 ? -7.701  -7.705  3.766   1.00  39.09  ? 196  ASN A CG  1 
ATOM   884  O  OD1 . ASN A 1 140 ? -8.537  -8.282  4.469   1.00  36.12  ? 196  ASN A OD1 1 
ATOM   885  N  ND2 . ASN A 1 140 ? -7.155  -8.271  2.643   1.00  33.52  ? 196  ASN A ND2 1 
ATOM   886  N  N   . ILE A 1 141 ? -7.119  -3.416  5.195   1.00  31.08  ? 197  ILE A N   1 
ATOM   887  C  CA  . ILE A 1 141 ? -6.367  -2.261  5.705   1.00  28.60  ? 197  ILE A CA  1 
ATOM   888  C  C   . ILE A 1 141 ? -6.893  -1.789  7.069   1.00  27.65  ? 197  ILE A C   1 
ATOM   889  O  O   . ILE A 1 141 ? -6.110  -1.485  7.994   1.00  26.62  ? 197  ILE A O   1 
ATOM   890  C  CB  . ILE A 1 141 ? -6.420  -1.079  4.699   1.00  28.21  ? 197  ILE A CB  1 
ATOM   891  C  CG1 . ILE A 1 141 ? -5.647  -1.471  3.441   1.00  25.11  ? 197  ILE A CG1 1 
ATOM   892  C  CG2 . ILE A 1 141 ? -5.833  0.203   5.340   1.00  23.32  ? 197  ILE A CG2 1 
ATOM   893  C  CD1 . ILE A 1 141 ? -5.916  -0.517  2.289   1.00  25.99  ? 197  ILE A CD1 1 
ATOM   894  N  N   . SER A 1 142 ? -8.215  -1.692  7.177   1.00  27.47  ? 198  SER A N   1 
ATOM   895  C  CA  . SER A 1 142 ? -8.778  -1.172  8.373   1.00  31.21  ? 198  SER A CA  1 
ATOM   896  C  C   . SER A 1 142 ? -8.459  -2.082  9.583   1.00  35.27  ? 198  SER A C   1 
ATOM   897  O  O   . SER A 1 142 ? -8.071  -1.568  10.620  1.00  34.80  ? 198  SER A O   1 
ATOM   898  C  CB  . SER A 1 142 ? -10.241 -0.815  8.200   1.00  34.97  ? 198  SER A CB  1 
ATOM   899  O  OG  . SER A 1 142 ? -11.080 -1.859  8.530   1.00  48.36  ? 198  SER A OG  1 
ATOM   900  N  N   . THR A 1 143 ? -8.431  -3.407  9.380   1.00  36.19  ? 199  THR A N   1 
ATOM   901  C  CA  . THR A 1 143 ? -8.008  -4.348  10.428  1.00  38.18  ? 199  THR A CA  1 
ATOM   902  C  C   . THR A 1 143 ? -6.537  -4.236  10.791  1.00  36.79  ? 199  THR A C   1 
ATOM   903  O  O   . THR A 1 143 ? -6.181  -4.176  11.976  1.00  39.84  ? 199  THR A O   1 
ATOM   904  C  CB  . THR A 1 143 ? -8.253  -5.801  9.982   1.00  42.97  ? 199  THR A CB  1 
ATOM   905  O  OG1 . THR A 1 143 ? -9.621  -5.941  9.593   1.00  37.64  ? 199  THR A OG1 1 
ATOM   906  C  CG2 . THR A 1 143 ? -7.863  -6.822  11.111  1.00  44.74  ? 199  THR A CG2 1 
ATOM   907  N  N   . VAL A 1 144 ? -5.660  -4.265  9.798   1.00  36.15  ? 200  VAL A N   1 
ATOM   908  C  CA  . VAL A 1 144 ? -4.248  -4.116  10.084  1.00  39.90  ? 200  VAL A CA  1 
ATOM   909  C  C   . VAL A 1 144 ? -3.824  -2.737  10.634  1.00  41.52  ? 200  VAL A C   1 
ATOM   910  O  O   . VAL A 1 144 ? -2.770  -2.647  11.286  1.00  47.05  ? 200  VAL A O   1 
ATOM   911  C  CB  . VAL A 1 144 ? -3.357  -4.546  8.913   1.00  39.76  ? 200  VAL A CB  1 
ATOM   912  C  CG1 . VAL A 1 144 ? -3.769  -5.942  8.462   1.00  49.27  ? 200  VAL A CG1 1 
ATOM   913  C  CG2 . VAL A 1 144 ? -3.463  -3.583  7.741   1.00  42.50  ? 200  VAL A CG2 1 
ATOM   914  N  N   . LEU A 1 145 ? -4.605  -1.679  10.389  1.00  35.24  ? 201  LEU A N   1 
ATOM   915  C  CA  . LEU A 1 145 ? -4.208  -0.317  10.874  1.00  32.49  ? 201  LEU A CA  1 
ATOM   916  C  C   . LEU A 1 145 ? -5.012  0.038   12.092  1.00  33.66  ? 201  LEU A C   1 
ATOM   917  O  O   . LEU A 1 145 ? -4.683  0.991   12.816  1.00  39.11  ? 201  LEU A O   1 
ATOM   918  C  CB  . LEU A 1 145 ? -4.341  0.795   9.785   1.00  27.69  ? 201  LEU A CB  1 
ATOM   919  C  CG  . LEU A 1 145 ? -3.230  0.652   8.694   1.00  34.06  ? 201  LEU A CG  1 
ATOM   920  C  CD1 . LEU A 1 145 ? -3.333  1.684   7.574   1.00  29.14  ? 201  LEU A CD1 1 
ATOM   921  C  CD2 . LEU A 1 145 ? -1.860  0.700   9.331   1.00  34.32  ? 201  LEU A CD2 1 
ATOM   922  N  N   . ASN A 1 146 ? -6.087  -0.718  12.290  1.00  37.47  ? 202  ASN A N   1 
ATOM   923  C  CA  . ASN A 1 146 ? -7.004  -0.552  13.378  1.00  37.96  ? 202  ASN A CA  1 
ATOM   924  C  C   . ASN A 1 146 ? -7.668  0.782   13.283  1.00  42.44  ? 202  ASN A C   1 
ATOM   925  O  O   . ASN A 1 146 ? -7.571  1.598   14.209  1.00  38.53  ? 202  ASN A O   1 
ATOM   926  C  CB  . ASN A 1 146 ? -6.290  -0.733  14.738  1.00  44.65  ? 202  ASN A CB  1 
ATOM   927  C  CG  . ASN A 1 146 ? -7.264  -0.719  15.893  1.00  49.87  ? 202  ASN A CG  1 
ATOM   928  O  OD1 . ASN A 1 146 ? -8.264  -1.436  15.866  1.00  56.54  ? 202  ASN A OD1 1 
ATOM   929  N  ND2 . ASN A 1 146 ? -7.024  0.138   16.874  1.00  49.45  ? 202  ASN A ND2 1 
ATOM   930  N  N   . ILE A 1 147 ? -8.319  1.042   12.140  1.00  37.55  ? 203  ILE A N   1 
ATOM   931  C  CA  . ILE A 1 147 ? -8.977  2.341   11.968  1.00  30.28  ? 203  ILE A CA  1 
ATOM   932  C  C   . ILE A 1 147 ? -10.267 1.993   11.283  1.00  30.59  ? 203  ILE A C   1 
ATOM   933  O  O   . ILE A 1 147 ? -10.397 0.892   10.781  1.00  37.63  ? 203  ILE A O   1 
ATOM   934  C  CB  . ILE A 1 147 ? -8.129  3.342   11.103  1.00  29.73  ? 203  ILE A CB  1 
ATOM   935  C  CG1 . ILE A 1 147 ? -7.844  2.804   9.682   1.00  30.16  ? 203  ILE A CG1 1 
ATOM   936  C  CG2 . ILE A 1 147 ? -6.827  3.712   11.820  1.00  27.04  ? 203  ILE A CG2 1 
ATOM   937  C  CD1 . ILE A 1 147 ? -7.072  3.684   8.704   1.00  28.15  ? 203  ILE A CD1 1 
ATOM   938  N  N   . ASP A 1 148 ? -11.185 2.934   11.196  1.00  31.03  ? 204  ASP A N   1 
ATOM   939  C  CA  . ASP A 1 148 ? -12.450 2.701   10.564  1.00  33.91  ? 204  ASP A CA  1 
ATOM   940  C  C   . ASP A 1 148 ? -12.379 2.663   9.016   1.00  38.02  ? 204  ASP A C   1 
ATOM   941  O  O   . ASP A 1 148 ? -11.487 3.273   8.374   1.00  30.60  ? 204  ASP A O   1 
ATOM   942  C  CB  . ASP A 1 148 ? -13.429 3.792   11.019  1.00  32.28  ? 204  ASP A CB  1 
ATOM   943  C  CG  . ASP A 1 148 ? -14.854 3.427   10.723  1.00  41.41  ? 204  ASP A CG  1 
ATOM   944  O  OD1 . ASP A 1 148 ? -15.329 2.490   11.394  1.00  47.94  ? 204  ASP A OD1 1 
ATOM   945  O  OD2 . ASP A 1 148 ? -15.502 4.024   9.808   1.00  42.62  ? 204  ASP A OD2 1 
ATOM   946  N  N   . GLU A 1 149 ? -13.337 1.972   8.412   1.00  35.63  ? 205  GLU A N   1 
ATOM   947  C  CA  . GLU A 1 149 ? -13.403 1.871   6.958   1.00  35.69  ? 205  GLU A CA  1 
ATOM   948  C  C   . GLU A 1 149 ? -13.667 3.248   6.327   1.00  36.73  ? 205  GLU A C   1 
ATOM   949  O  O   . GLU A 1 149 ? -13.211 3.514   5.225   1.00  36.46  ? 205  GLU A O   1 
ATOM   950  C  CB  . GLU A 1 149 ? -14.382 0.762   6.481   1.00  37.45  ? 205  GLU A CB  1 
ATOM   951  C  CG  . GLU A 1 149 ? -13.967 -0.648  6.965   1.00  47.97  ? 205  GLU A CG  1 
ATOM   952  C  CD  . GLU A 1 149 ? -14.689 -1.820  6.270   1.00  54.99  ? 205  GLU A CD  1 
ATOM   953  O  OE1 . GLU A 1 149 ? -15.434 -1.603  5.294   1.00  61.18  ? 205  GLU A OE1 1 
ATOM   954  O  OE2 . GLU A 1 149 ? -14.506 -2.979  6.690   1.00  58.67  ? 205  GLU A OE2 1 
ATOM   955  N  N   . SER A 1 150 ? -14.357 4.143   7.040   1.00  35.29  ? 206  SER A N   1 
ATOM   956  C  CA  . SER A 1 150 ? -14.544 5.494   6.549   1.00  34.53  ? 206  SER A CA  1 
ATOM   957  C  C   . SER A 1 150 ? -13.247 6.362   6.453   1.00  28.56  ? 206  SER A C   1 
ATOM   958  O  O   . SER A 1 150 ? -13.295 7.484   5.993   1.00  32.23  ? 206  SER A O   1 
ATOM   959  C  CB  . SER A 1 150 ? -15.582 6.210   7.399   1.00  37.83  ? 206  SER A CB  1 
ATOM   960  O  OG  . SER A 1 150 ? -15.131 6.303   8.730   1.00  37.36  ? 206  SER A OG  1 
ATOM   961  N  N   . GLN A 1 151 ? -12.127 5.877   6.973   1.00  27.39  ? 207  GLN A N   1 
ATOM   962  C  CA  . GLN A 1 151 ? -10.866 6.643   6.899   1.00  28.61  ? 207  GLN A CA  1 
ATOM   963  C  C   . GLN A 1 151 ? -10.015 6.153   5.691   1.00  25.28  ? 207  GLN A C   1 
ATOM   964  O  O   . GLN A 1 151 ? -8.944  6.664   5.484   1.00  26.14  ? 207  GLN A O   1 
ATOM   965  C  CB  . GLN A 1 151 ? -10.082 6.523   8.203   1.00  25.11  ? 207  GLN A CB  1 
ATOM   966  C  CG  . GLN A 1 151 ? -10.818 7.254   9.418   1.00  27.13  ? 207  GLN A CG  1 
ATOM   967  C  CD  . GLN A 1 151 ? -10.182 6.809   10.740  1.00  27.22  ? 207  GLN A CD  1 
ATOM   968  O  OE1 . GLN A 1 151 ? -10.608 5.815   11.341  1.00  32.35  ? 207  GLN A OE1 1 
ATOM   969  N  NE2 . GLN A 1 151 ? -9.042  7.404   11.067  1.00  25.78  ? 207  GLN A NE2 1 
ATOM   970  N  N   . ILE A 1 152 ? -10.547 5.196   4.919   1.00  26.81  ? 208  ILE A N   1 
ATOM   971  C  CA  . ILE A 1 152 ? -9.782  4.546   3.834   1.00  25.67  ? 208  ILE A CA  1 
ATOM   972  C  C   . ILE A 1 152 ? -10.461 4.742   2.471   1.00  28.07  ? 208  ILE A C   1 
ATOM   973  O  O   . ILE A 1 152 ? -11.707 4.657   2.316   1.00  26.39  ? 208  ILE A O   1 
ATOM   974  C  CB  . ILE A 1 152 ? -9.562  3.050   4.126   1.00  27.70  ? 208  ILE A CB  1 
ATOM   975  C  CG1 . ILE A 1 152 ? -9.007  2.871   5.546   1.00  23.82  ? 208  ILE A CG1 1 
ATOM   976  C  CG2 . ILE A 1 152 ? -8.727  2.364   3.026   1.00  28.19  ? 208  ILE A CG2 1 
ATOM   977  C  CD1 . ILE A 1 152 ? -9.308  1.500   6.117   1.00  26.05  ? 208  ILE A CD1 1 
ATOM   978  N  N   . SER A 1 153 ? -9.638  4.986   1.451   1.00  24.41  ? 209  SER A N   1 
ATOM   979  C  CA  . SER A 1 153 ? -10.168 5.068   0.074   1.00  27.28  ? 209  SER A CA  1 
ATOM   980  C  C   . SER A 1 153 ? -9.167  4.254   -0.741  1.00  25.13  ? 209  SER A C   1 
ATOM   981  O  O   . SER A 1 153 ? -7.957  4.425   -0.513  1.00  22.70  ? 209  SER A O   1 
ATOM   982  C  CB  . SER A 1 153 ? -10.098 6.479   -0.413  1.00  25.09  ? 209  SER A CB  1 
ATOM   983  O  OG  . SER A 1 153 ? -10.156 6.484   -1.858  1.00  29.12  ? 209  SER A OG  1 
ATOM   984  N  N   . VAL A 1 154 ? -9.629  3.342   -1.599  1.00  24.52  ? 210  VAL A N   1 
ATOM   985  C  CA  . VAL A 1 154 ? -8.682  2.630   -2.445  1.00  27.68  ? 210  VAL A CA  1 
ATOM   986  C  C   . VAL A 1 154 ? -9.269  2.752   -3.866  1.00  29.44  ? 210  VAL A C   1 
ATOM   987  O  O   . VAL A 1 154 ? -10.427 2.369   -4.056  1.00  26.75  ? 210  VAL A O   1 
ATOM   988  C  CB  . VAL A 1 154 ? -8.482  1.132   -2.079  1.00  31.97  ? 210  VAL A CB  1 
ATOM   989  C  CG1 . VAL A 1 154 ? -7.934  0.903   -0.697  1.00  25.64  ? 210  VAL A CG1 1 
ATOM   990  C  CG2 . VAL A 1 154 ? -9.756  0.357   -2.208  1.00  42.70  ? 210  VAL A CG2 1 
ATOM   991  N  N   . LYS A 1 155 ? -8.494  3.316   -4.825  1.00  25.93  ? 211  LYS A N   1 
ATOM   992  C  CA  . LYS A 1 155 ? -8.968  3.577   -6.180  1.00  26.26  ? 211  LYS A CA  1 
ATOM   993  C  C   . LYS A 1 155 ? -8.026  2.944   -7.205  1.00  30.40  ? 211  LYS A C   1 
ATOM   994  O  O   . LYS A 1 155 ? -6.805  2.933   -6.990  1.00  27.36  ? 211  LYS A O   1 
ATOM   995  C  CB  . LYS A 1 155 ? -9.086  5.069   -6.503  1.00  28.52  ? 211  LYS A CB  1 
ATOM   996  C  CG  . LYS A 1 155 ? -9.539  5.972   -5.366  1.00  36.96  ? 211  LYS A CG  1 
ATOM   997  C  CD  . LYS A 1 155 ? -9.948  7.370   -5.819  1.00  29.60  ? 211  LYS A CD  1 
ATOM   998  C  CE  . LYS A 1 155 ? -8.791  8.364   -5.867  1.00  35.20  ? 211  LYS A CE  1 
ATOM   999  N  NZ  . LYS A 1 155 ? -7.742  8.292   -4.824  1.00  29.33  ? 211  LYS A NZ  1 
ATOM   1000 N  N   . GLY A 1 156 ? -8.581  2.448   -8.321  1.00  27.82  ? 212  GLY A N   1 
ATOM   1001 C  CA  . GLY A 1 156 ? -7.742  1.719   -9.320  1.00  27.56  ? 212  GLY A CA  1 
ATOM   1002 C  C   . GLY A 1 156 ? -7.784  2.546   -10.589 1.00  28.97  ? 212  GLY A C   1 
ATOM   1003 O  O   . GLY A 1 156 ? -8.808  3.120   -10.894 1.00  26.60  ? 212  GLY A O   1 
ATOM   1004 N  N   . LYS A 1 157 ? -6.651  2.692   -11.278 1.00  23.91  ? 213  LYS A N   1 
ATOM   1005 C  CA  . LYS A 1 157 ? -6.663  3.428   -12.511 1.00  23.54  ? 213  LYS A CA  1 
ATOM   1006 C  C   . LYS A 1 157 ? -5.906  2.614   -13.468 1.00  23.85  ? 213  LYS A C   1 
ATOM   1007 O  O   . LYS A 1 157 ? -4.805  2.226   -13.158 1.00  22.56  ? 213  LYS A O   1 
ATOM   1008 C  CB  . LYS A 1 157 ? -5.946  4.776   -12.344 1.00  28.82  ? 213  LYS A CB  1 
ATOM   1009 C  CG  . LYS A 1 157 ? -6.891  5.883   -11.765 1.00  39.75  ? 213  LYS A CG  1 
ATOM   1010 C  CD  . LYS A 1 157 ? -7.953  6.304   -12.813 1.00  48.41  ? 213  LYS A CD  1 
ATOM   1011 C  CE  . LYS A 1 157 ? -7.338  6.467   -14.229 1.00  57.35  ? 213  LYS A CE  1 
ATOM   1012 N  NZ  . LYS A 1 157 ? -8.265  7.077   -15.237 1.00  62.38  ? 213  LYS A NZ  1 
ATOM   1013 N  N   . THR A 1 158 ? -6.466  2.376   -14.646 1.00  22.74  ? 214  THR A N   1 
ATOM   1014 C  CA  . THR A 1 158 ? -5.710  1.803   -15.765 1.00  23.45  ? 214  THR A CA  1 
ATOM   1015 C  C   . THR A 1 158 ? -4.835  2.844   -16.495 1.00  24.54  ? 214  THR A C   1 
ATOM   1016 O  O   . THR A 1 158 ? -4.777  4.028   -16.124 1.00  23.46  ? 214  THR A O   1 
ATOM   1017 C  CB  . THR A 1 158 ? -6.714  1.168   -16.777 1.00  22.69  ? 214  THR A CB  1 
ATOM   1018 O  OG1 . THR A 1 158 ? -7.718  2.132   -17.072 1.00  24.39  ? 214  THR A OG1 1 
ATOM   1019 C  CG2 . THR A 1 158 ? -7.425  0.002   -16.130 1.00  21.51  ? 214  THR A CG2 1 
ATOM   1020 N  N   . HIS A 1 159 ? -4.075  2.403   -17.506 1.00  22.54  ? 215  HIS A N   1 
ATOM   1021 C  CA  . HIS A 1 159 ? -3.010  3.272   -17.970 1.00  23.50  ? 215  HIS A CA  1 
ATOM   1022 C  C   . HIS A 1 159 ? -3.049  3.198   -19.471 1.00  23.25  ? 215  HIS A C   1 
ATOM   1023 O  O   . HIS A 1 159 ? -1.978  3.158   -20.117 1.00  22.32  ? 215  HIS A O   1 
ATOM   1024 C  CB  . HIS A 1 159 ? -1.646  2.787   -17.424 1.00  22.88  ? 215  HIS A CB  1 
ATOM   1025 C  CG  . HIS A 1 159 ? -0.504  3.802   -17.555 1.00  24.70  ? 215  HIS A CG  1 
ATOM   1026 N  ND1 . HIS A 1 159 ? 0.362   3.786   -18.600 1.00  21.38  ? 215  HIS A ND1 1 
ATOM   1027 C  CD2 . HIS A 1 159 ? -0.061  4.817   -16.692 1.00  23.13  ? 215  HIS A CD2 1 
ATOM   1028 C  CE1 . HIS A 1 159 ? 1.264   4.787   -18.484 1.00  24.18  ? 215  HIS A CE1 1 
ATOM   1029 N  NE2 . HIS A 1 159 ? 1.012   5.423   -17.303 1.00  25.87  ? 215  HIS A NE2 1 
ATOM   1030 N  N   . GLU A 1 160 ? -4.249  3.018   -20.030 1.00  22.09  ? 216  GLU A N   1 
ATOM   1031 C  CA  . GLU A 1 160 ? -4.439  3.245   -21.508 1.00  24.47  ? 216  GLU A CA  1 
ATOM   1032 C  C   . GLU A 1 160 ? -3.672  2.246   -22.387 1.00  27.44  ? 216  GLU A C   1 
ATOM   1033 O  O   . GLU A 1 160 ? -3.379  2.522   -23.577 1.00  27.64  ? 216  GLU A O   1 
ATOM   1034 C  CB  . GLU A 1 160 ? -4.049  4.691   -21.844 1.00  28.36  ? 216  GLU A CB  1 
ATOM   1035 C  CG  . GLU A 1 160 ? -4.877  5.740   -21.068 1.00  28.56  ? 216  GLU A CG  1 
ATOM   1036 C  CD  . GLU A 1 160 ? -6.319  5.795   -21.606 1.00  36.15  ? 216  GLU A CD  1 
ATOM   1037 O  OE1 . GLU A 1 160 ? -6.499  6.226   -22.744 1.00  42.98  ? 216  GLU A OE1 1 
ATOM   1038 O  OE2 . GLU A 1 160 ? -7.258  5.385   -20.912 1.00  39.22  ? 216  GLU A OE2 1 
ATOM   1039 N  N   . LYS A 1 161 ? -3.278  1.125   -21.770 1.00  26.91  ? 217  LYS A N   1 
ATOM   1040 C  CA  . LYS A 1 161 ? -2.426  0.121   -22.378 1.00  29.70  ? 217  LYS A CA  1 
ATOM   1041 C  C   . LYS A 1 161 ? -1.163  0.691   -22.969 1.00  32.13  ? 217  LYS A C   1 
ATOM   1042 O  O   . LYS A 1 161 ? -0.616  0.114   -23.929 1.00  29.77  ? 217  LYS A O   1 
ATOM   1043 C  CB  . LYS A 1 161 ? -3.161  -0.673  -23.533 1.00  34.28  ? 217  LYS A CB  1 
ATOM   1044 C  CG  . LYS A 1 161 ? -4.607  -0.990  -23.255 1.00  36.22  ? 217  LYS A CG  1 
ATOM   1045 C  CD  . LYS A 1 161 ? -5.113  -2.157  -24.101 1.00  38.16  ? 217  LYS A CD  1 
ATOM   1046 C  CE  . LYS A 1 161 ? -6.304  -2.794  -23.416 1.00  45.83  ? 217  LYS A CE  1 
ATOM   1047 N  NZ  . LYS A 1 161 ? -6.480  -4.219  -23.848 1.00  57.07  ? 217  LYS A NZ  1 
ATOM   1048 N  N   . LEU A 1 162 ? -0.669  1.796   -22.410 1.00  30.64  ? 218  LEU A N   1 
ATOM   1049 C  CA  . LEU A 1 162 ? 0.588   2.390   -22.832 1.00  29.93  ? 218  LEU A CA  1 
ATOM   1050 C  C   . LEU A 1 162 ? 1.647   2.258   -21.737 1.00  32.73  ? 218  LEU A C   1 
ATOM   1051 O  O   . LEU A 1 162 ? 1.333   2.299   -20.527 1.00  22.73  ? 218  LEU A O   1 
ATOM   1052 C  CB  . LEU A 1 162 ? 0.382   3.910   -23.081 1.00  31.71  ? 218  LEU A CB  1 
ATOM   1053 C  CG  . LEU A 1 162 ? -0.574  4.244   -24.231 1.00  32.71  ? 218  LEU A CG  1 
ATOM   1054 C  CD1 . LEU A 1 162 ? -0.775  5.747   -24.223 1.00  32.61  ? 218  LEU A CD1 1 
ATOM   1055 C  CD2 . LEU A 1 162 ? -0.044  3.765   -25.590 1.00  36.94  ? 218  LEU A CD2 1 
ATOM   1056 N  N   . GLY A 1 163 ? 2.888   2.115   -22.180 1.00  33.93  ? 219  GLY A N   1 
ATOM   1057 C  CA  . GLY A 1 163 ? 4.054   2.100   -21.325 1.00  29.90  ? 219  GLY A CA  1 
ATOM   1058 C  C   . GLY A 1 163 ? 4.172   0.820   -20.527 1.00  32.18  ? 219  GLY A C   1 
ATOM   1059 O  O   . GLY A 1 163 ? 3.376   -0.115  -20.754 1.00  32.90  ? 219  GLY A O   1 
ATOM   1060 N  N   . VAL A 1 164 ? 5.115   0.796   -19.571 1.00  35.03  ? 220  VAL A N   1 
ATOM   1061 C  CA  . VAL A 1 164 ? 5.404   -0.415  -18.740 1.00  34.96  ? 220  VAL A CA  1 
ATOM   1062 C  C   . VAL A 1 164 ? 4.154   -0.886  -18.030 1.00  32.32  ? 220  VAL A C   1 
ATOM   1063 O  O   . VAL A 1 164 ? 3.843   -2.080  -18.077 1.00  27.18  ? 220  VAL A O   1 
ATOM   1064 C  CB  . VAL A 1 164 ? 6.570   -0.264  -17.698 1.00  38.67  ? 220  VAL A CB  1 
ATOM   1065 C  CG1 . VAL A 1 164 ? 7.711   0.561   -18.219 1.00  36.97  ? 220  VAL A CG1 1 
ATOM   1066 C  CG2 . VAL A 1 164 ? 6.119   0.293   -16.355 1.00  43.91  ? 220  VAL A CG2 1 
ATOM   1067 N  N   . ILE A 1 165 ? 3.401   0.058   -17.441 1.00  28.67  ? 221  ILE A N   1 
ATOM   1068 C  CA  . ILE A 1 165 ? 2.168   -0.299  -16.708 1.00  25.72  ? 221  ILE A CA  1 
ATOM   1069 C  C   . ILE A 1 165 ? 1.093   -0.751  -17.654 1.00  24.38  ? 221  ILE A C   1 
ATOM   1070 O  O   . ILE A 1 165 ? 0.420   -1.741  -17.395 1.00  23.05  ? 221  ILE A O   1 
ATOM   1071 C  CB  . ILE A 1 165 ? 1.660   0.798   -15.745 1.00  24.19  ? 221  ILE A CB  1 
ATOM   1072 C  CG1 . ILE A 1 165 ? 2.686   0.925   -14.572 1.00  31.04  ? 221  ILE A CG1 1 
ATOM   1073 C  CG2 . ILE A 1 165 ? 0.281   0.482   -15.137 1.00  23.62  ? 221  ILE A CG2 1 
ATOM   1074 C  CD1 . ILE A 1 165 ? 2.932   2.369   -14.270 1.00  34.17  ? 221  ILE A CD1 1 
ATOM   1075 N  N   . GLY A 1 166 ? 0.919   -0.012  -18.730 1.00  25.94  ? 222  GLY A N   1 
ATOM   1076 C  CA  . GLY A 1 166 ? -0.243  -0.262  -19.598 1.00  23.20  ? 222  GLY A CA  1 
ATOM   1077 C  C   . GLY A 1 166 ? 0.004   -1.592  -20.334 1.00  25.30  ? 222  GLY A C   1 
ATOM   1078 O  O   . GLY A 1 166 ? -0.935  -2.269  -20.700 1.00  27.05  ? 222  GLY A O   1 
ATOM   1079 N  N   . GLU A 1 167 ? 1.258   -1.937  -20.543 1.00  26.56  ? 223  GLU A N   1 
ATOM   1080 C  CA  . GLU A 1 167 ? 1.617   -3.244  -21.147 1.00  32.02  ? 223  GLU A CA  1 
ATOM   1081 C  C   . GLU A 1 167 ? 1.670   -4.371  -20.133 1.00  34.40  ? 223  GLU A C   1 
ATOM   1082 O  O   . GLU A 1 167 ? 2.119   -5.447  -20.476 1.00  28.34  ? 223  GLU A O   1 
ATOM   1083 C  CB  . GLU A 1 167 ? 2.962   -3.105  -21.875 1.00  35.78  ? 223  GLU A CB  1 
ATOM   1084 C  CG  . GLU A 1 167 ? 2.764   -2.231  -23.091 1.00  36.99  ? 223  GLU A CG  1 
ATOM   1085 C  CD  . GLU A 1 167 ? 3.986   -2.108  -23.998 1.00  48.04  ? 223  GLU A CD  1 
ATOM   1086 O  OE1 . GLU A 1 167 ? 5.125   -2.478  -23.619 1.00  47.85  ? 223  GLU A OE1 1 
ATOM   1087 O  OE2 . GLU A 1 167 ? 3.764   -1.596  -25.107 1.00  46.40  ? 223  GLU A OE2 1 
ATOM   1088 N  N   . LYS A 1 168 ? 1.221   -4.115  -18.882 1.00  26.11  ? 224  LYS A N   1 
ATOM   1089 C  CA  . LYS A 1 168 ? 1.190   -5.134  -17.846 1.00  27.76  ? 224  LYS A CA  1 
ATOM   1090 C  C   . LYS A 1 168 ? 2.515   -5.738  -17.440 1.00  26.83  ? 224  LYS A C   1 
ATOM   1091 O  O   . LYS A 1 168 ? 2.545   -6.883  -16.960 1.00  27.89  ? 224  LYS A O   1 
ATOM   1092 C  CB  . LYS A 1 168 ? 0.232   -6.264  -18.227 1.00  32.24  ? 224  LYS A CB  1 
ATOM   1093 C  CG  . LYS A 1 168 ? -1.084  -5.756  -18.705 1.00  30.71  ? 224  LYS A CG  1 
ATOM   1094 C  CD  . LYS A 1 168 ? -1.969  -6.909  -19.076 1.00  36.03  ? 224  LYS A CD  1 
ATOM   1095 C  CE  . LYS A 1 168 ? -2.737  -6.567  -20.328 1.00  38.24  ? 224  LYS A CE  1 
ATOM   1096 N  NZ  . LYS A 1 168 ? -4.148  -7.046  -20.198 1.00  49.42  ? 224  LYS A NZ  1 
ATOM   1097 N  N   . LYS A 1 169 ? 3.581   -4.945  -17.497 1.00  22.66  ? 225  LYS A N   1 
ATOM   1098 C  CA  . LYS A 1 169 ? 4.867   -5.415  -17.057 1.00  26.25  ? 225  LYS A CA  1 
ATOM   1099 C  C   . LYS A 1 169 ? 5.090   -5.089  -15.579 1.00  26.34  ? 225  LYS A C   1 
ATOM   1100 O  O   . LYS A 1 169 ? 6.049   -5.545  -14.991 1.00  25.52  ? 225  LYS A O   1 
ATOM   1101 C  CB  . LYS A 1 169 ? 5.998   -4.761  -17.892 1.00  27.68  ? 225  LYS A CB  1 
ATOM   1102 C  CG  . LYS A 1 169 ? 5.959   -5.108  -19.390 1.00  37.75  ? 225  LYS A CG  1 
ATOM   1103 C  CD  . LYS A 1 169 ? 7.025   -4.330  -20.180 1.00  37.23  ? 225  LYS A CD  1 
ATOM   1104 C  CE  . LYS A 1 169 ? 7.011   -4.834  -21.629 1.00  42.63  ? 225  LYS A CE  1 
ATOM   1105 N  NZ  . LYS A 1 169 ? 8.189   -4.257  -22.345 1.00  46.57  ? 225  LYS A NZ  1 
ATOM   1106 N  N   . ALA A 1 170 ? 4.239   -4.239  -15.019 1.00  27.93  ? 226  ALA A N   1 
ATOM   1107 C  CA  . ALA A 1 170 ? 4.454   -3.710  -13.665 1.00  24.72  ? 226  ALA A CA  1 
ATOM   1108 C  C   . ALA A 1 170 ? 3.140   -3.144  -13.170 1.00  24.73  ? 226  ALA A C   1 
ATOM   1109 O  O   . ALA A 1 170 ? 2.299   -2.825  -13.974 1.00  24.06  ? 226  ALA A O   1 
ATOM   1110 C  CB  . ALA A 1 170 ? 5.510   -2.579  -13.684 1.00  24.99  ? 226  ALA A CB  1 
ATOM   1111 N  N   . ILE A 1 171 ? 3.010   -2.971  -11.844 1.00  24.33  ? 227  ILE A N   1 
ATOM   1112 C  CA  . ILE A 1 171 ? 1.893   -2.264  -11.259 1.00  23.70  ? 227  ILE A CA  1 
ATOM   1113 C  C   . ILE A 1 171 ? 2.476   -1.305  -10.245 1.00  22.12  ? 227  ILE A C   1 
ATOM   1114 O  O   . ILE A 1 171 ? 3.551   -1.565  -9.737  1.00  23.57  ? 227  ILE A O   1 
ATOM   1115 C  CB  . ILE A 1 171 ? 0.947   -3.214  -10.526 1.00  24.91  ? 227  ILE A CB  1 
ATOM   1116 C  CG1 . ILE A 1 171 ? 1.705   -4.059  -9.482  1.00  26.80  ? 227  ILE A CG1 1 
ATOM   1117 C  CG2 . ILE A 1 171 ? 0.248   -4.097  -11.576 1.00  27.19  ? 227  ILE A CG2 1 
ATOM   1118 C  CD1 . ILE A 1 171 ? 0.805   -4.970  -8.674  1.00  31.37  ? 227  ILE A CD1 1 
ATOM   1119 N  N   . GLU A 1 172 ? 1.841   -0.168  -10.031 1.00  20.51  ? 228  GLU A N   1 
ATOM   1120 C  CA  . GLU A 1 172 ? 2.433   0.763   -9.030  1.00  20.16  ? 228  GLU A CA  1 
ATOM   1121 C  C   . GLU A 1 172 ? 1.359   1.341   -8.160  1.00  18.95  ? 228  GLU A C   1 
ATOM   1122 O  O   . GLU A 1 172 ? 0.135   1.187   -8.455  1.00  18.20  ? 228  GLU A O   1 
ATOM   1123 C  CB  . GLU A 1 172 ? 3.385   1.790   -9.651  1.00  21.37  ? 228  GLU A CB  1 
ATOM   1124 C  CG  . GLU A 1 172 ? 2.622   2.778   -10.498 1.00  28.69  ? 228  GLU A CG  1 
ATOM   1125 C  CD  . GLU A 1 172 ? 3.455   3.828   -11.257 1.00  28.54  ? 228  GLU A CD  1 
ATOM   1126 O  OE1 . GLU A 1 172 ? 4.700   4.015   -11.153 1.00  26.15  ? 228  GLU A OE1 1 
ATOM   1127 O  OE2 . GLU A 1 172 ? 2.768   4.553   -11.942 1.00  33.21  ? 228  GLU A OE2 1 
ATOM   1128 N  N   . CYS A 1 173 ? 1.754   1.936   -7.030  1.00  19.61  ? 229  CYS A N   1 
ATOM   1129 C  CA  . CYS A 1 173 ? 0.703   2.442   -6.127  1.00  19.67  ? 229  CYS A CA  1 
ATOM   1130 C  C   . CYS A 1 173 ? 1.205   3.695   -5.425  1.00  18.69  ? 229  CYS A C   1 
ATOM   1131 O  O   . CYS A 1 173 ? 2.376   3.734   -5.039  1.00  19.05  ? 229  CYS A O   1 
ATOM   1132 C  CB  . CYS A 1 173 ? 0.507   1.389   -4.999  1.00  23.70  ? 229  CYS A CB  1 
ATOM   1133 S  SG  . CYS A 1 173 ? -0.890  1.786   -3.924  1.00  28.03  ? 229  CYS A SG  1 
ATOM   1134 N  N   . PHE A 1 174 ? 0.325   4.658   -5.244  1.00  15.02  ? 230  PHE A N   1 
ATOM   1135 C  CA  . PHE A 1 174 ? 0.625   5.871   -4.459  1.00  19.30  ? 230  PHE A CA  1 
ATOM   1136 C  C   . PHE A 1 174 ? -0.327  5.853   -3.246  1.00  20.50  ? 230  PHE A C   1 
ATOM   1137 O  O   . PHE A 1 174 ? -1.493  5.591   -3.401  1.00  22.35  ? 230  PHE A O   1 
ATOM   1138 C  CB  . PHE A 1 174 ? 0.332   7.127   -5.244  1.00  17.73  ? 230  PHE A CB  1 
ATOM   1139 C  CG  . PHE A 1 174 ? 1.378   7.486   -6.295  1.00  19.93  ? 230  PHE A CG  1 
ATOM   1140 C  CD1 . PHE A 1 174 ? 1.280   6.960   -7.550  1.00  20.47  ? 230  PHE A CD1 1 
ATOM   1141 C  CD2 . PHE A 1 174 ? 2.460   8.324   -6.022  1.00  24.82  ? 230  PHE A CD2 1 
ATOM   1142 C  CE1 . PHE A 1 174 ? 2.220   7.252   -8.534  1.00  21.36  ? 230  PHE A CE1 1 
ATOM   1143 C  CE2 . PHE A 1 174 ? 3.407   8.652   -7.020  1.00  21.95  ? 230  PHE A CE2 1 
ATOM   1144 C  CZ  . PHE A 1 174 ? 3.286   8.112   -8.279  1.00  20.29  ? 230  PHE A CZ  1 
ATOM   1145 N  N   . ALA A 1 175 ? 0.186   6.068   -2.055  1.00  20.69  ? 231  ALA A N   1 
ATOM   1146 C  CA  . ALA A 1 175 ? -0.659  6.068   -0.907  1.00  19.48  ? 231  ALA A CA  1 
ATOM   1147 C  C   . ALA A 1 175 ? -0.446  7.432   -0.175  1.00  20.62  ? 231  ALA A C   1 
ATOM   1148 O  O   . ALA A 1 175 ? 0.655   7.815   0.103   1.00  21.15  ? 231  ALA A O   1 
ATOM   1149 C  CB  . ALA A 1 175 ? -0.292  4.872   -0.002  1.00  19.42  ? 231  ALA A CB  1 
ATOM   1150 N  N   . ASN A 1 176 ? -1.525  8.143   0.109   1.00  19.72  ? 232  ASN A N   1 
ATOM   1151 C  CA  . ASN A 1 176 ? -1.402  9.492   0.668   1.00  19.75  ? 232  ASN A CA  1 
ATOM   1152 C  C   . ASN A 1 176 ? -2.117  9.462   2.015   1.00  22.81  ? 232  ASN A C   1 
ATOM   1153 O  O   . ASN A 1 176 ? -3.241  8.996   2.116   1.00  21.76  ? 232  ASN A O   1 
ATOM   1154 C  CB  . ASN A 1 176 ? -2.092  10.505  -0.237  1.00  20.41  ? 232  ASN A CB  1 
ATOM   1155 C  CG  . ASN A 1 176 ? -1.512  10.453  -1.677  1.00  24.98  ? 232  ASN A CG  1 
ATOM   1156 O  OD1 . ASN A 1 176 ? -0.642  11.230  -2.017  1.00  32.62  ? 232  ASN A OD1 1 
ATOM   1157 N  ND2 . ASN A 1 176 ? -1.924  9.471   -2.448  1.00  28.97  ? 232  ASN A ND2 1 
ATOM   1158 N  N   . ILE A 1 177 ? -1.435  9.975   3.025   1.00  23.33  ? 233  ILE A N   1 
ATOM   1159 C  CA  . ILE A 1 177 ? -1.954  9.822   4.381   1.00  25.64  ? 233  ILE A CA  1 
ATOM   1160 C  C   . ILE A 1 177 ? -1.755  11.143  5.179   1.00  24.70  ? 233  ILE A C   1 
ATOM   1161 O  O   . ILE A 1 177 ? -0.830  11.926  4.916   1.00  25.63  ? 233  ILE A O   1 
ATOM   1162 C  CB  . ILE A 1 177 ? -1.279  8.605   5.087   1.00  27.33  ? 233  ILE A CB  1 
ATOM   1163 C  CG1 . ILE A 1 177 ? -2.078  8.120   6.347   1.00  25.80  ? 233  ILE A CG1 1 
ATOM   1164 C  CG2 . ILE A 1 177 ? 0.146   8.918   5.447   1.00  24.52  ? 233  ILE A CG2 1 
ATOM   1165 C  CD1 . ILE A 1 177 ? -1.559  6.784   6.903   1.00  27.56  ? 233  ILE A CD1 1 
ATOM   1166 N  N   . LEU A 1 178 ? -2.667  11.389  6.115   1.00  24.54  ? 234  LEU A N   1 
ATOM   1167 C  CA  . LEU A 1 178 ? -2.441  12.438  7.108   1.00  22.78  ? 234  LEU A CA  1 
ATOM   1168 C  C   . LEU A 1 178 ? -2.419  11.776  8.484   1.00  20.95  ? 234  LEU A C   1 
ATOM   1169 O  O   . LEU A 1 178 ? -3.267  10.925  8.790   1.00  21.28  ? 234  LEU A O   1 
ATOM   1170 C  CB  . LEU A 1 178 ? -3.615  13.452  7.090   1.00  23.23  ? 234  LEU A CB  1 
ATOM   1171 C  CG  . LEU A 1 178 ? -3.755  14.422  5.924   1.00  25.54  ? 234  LEU A CG  1 
ATOM   1172 C  CD1 . LEU A 1 178 ? -5.118  15.113  6.114   1.00  25.84  ? 234  LEU A CD1 1 
ATOM   1173 C  CD2 . LEU A 1 178 ? -2.579  15.415  5.844   1.00  25.35  ? 234  LEU A CD2 1 
ATOM   1174 N  N   . LEU A 1 179 ? -1.467  12.194  9.293   1.00  21.50  ? 235  LEU A N   1 
ATOM   1175 C  CA  . LEU A 1 179 ? -1.378  11.795  10.711  1.00  23.21  ? 235  LEU A CA  1 
ATOM   1176 C  C   . LEU A 1 179 ? -1.739  13.039  11.587  1.00  23.55  ? 235  LEU A C   1 
ATOM   1177 O  O   . LEU A 1 179 ? -1.282  14.165  11.333  1.00  25.06  ? 235  LEU A O   1 
ATOM   1178 C  CB  . LEU A 1 179 ? 0.037   11.272  11.046  1.00  19.52  ? 235  LEU A CB  1 
ATOM   1179 C  CG  . LEU A 1 179 ? 0.532   10.090  10.167  1.00  22.23  ? 235  LEU A CG  1 
ATOM   1180 C  CD1 . LEU A 1 179 ? 1.955   9.767   10.629  1.00  18.73  ? 235  LEU A CD1 1 
ATOM   1181 C  CD2 . LEU A 1 179 ? -0.390  8.845   10.131  1.00  22.26  ? 235  LEU A CD2 1 
ATOM   1182 N  N   . ILE A 1 180 ? -2.611  12.801  12.566  1.00  27.37  ? 236  ILE A N   1 
ATOM   1183 C  CA  . ILE A 1 180 ? -3.216  13.870  13.401  1.00  27.96  ? 236  ILE A CA  1 
ATOM   1184 C  C   . ILE A 1 180 ? -2.674  13.675  14.821  1.00  26.40  ? 236  ILE A C   1 
ATOM   1185 O  O   . ILE A 1 180 ? -2.834  12.575  15.384  1.00  26.83  ? 236  ILE A O   1 
ATOM   1186 C  CB  . ILE A 1 180 ? -4.768  13.729  13.462  1.00  26.93  ? 236  ILE A CB  1 
ATOM   1187 C  CG1 . ILE A 1 180 ? -5.341  13.567  12.047  1.00  23.05  ? 236  ILE A CG1 1 
ATOM   1188 C  CG2 . ILE A 1 180 ? -5.467  14.986  14.034  1.00  28.01  ? 236  ILE A CG2 1 
ATOM   1189 C  CD1 . ILE A 1 180 ? -5.091  14.757  11.174  1.00  21.85  ? 236  ILE A CD1 1 
ATOM   1190 N  N   . PRO A 1 181 ? -2.032  14.712  15.382  1.00  30.36  ? 237  PRO A N   1 
ATOM   1191 C  CA  . PRO A 1 181 ? -1.536  14.640  16.767  1.00  32.70  ? 237  PRO A CA  1 
ATOM   1192 C  C   . PRO A 1 181 ? -2.662  14.205  17.718  1.00  31.75  ? 237  PRO A C   1 
ATOM   1193 O  O   . PRO A 1 181 ? -3.833  14.558  17.515  1.00  32.27  ? 237  PRO A O   1 
ATOM   1194 C  CB  . PRO A 1 181 ? -1.010  16.049  17.053  1.00  36.40  ? 237  PRO A CB  1 
ATOM   1195 C  CG  . PRO A 1 181 ? -1.536  16.938  15.965  1.00  36.57  ? 237  PRO A CG  1 
ATOM   1196 C  CD  . PRO A 1 181 ? -1.853  16.058  14.790  1.00  30.52  ? 237  PRO A CD  1 
ATOM   1197 N  N   . LYS A 1 182 ? -2.369  13.269  18.606  1.00  32.67  ? 238  LYS A N   1 
ATOM   1198 C  CA  . LYS A 1 182 ? -3.399  12.893  19.602  1.00  39.40  ? 238  LYS A CA  1 
ATOM   1199 C  C   . LYS A 1 182 ? -3.780  14.063  20.490  1.00  44.41  ? 238  LYS A C   1 
ATOM   1200 O  O   . LYS A 1 182 ? -2.913  14.847  20.873  1.00  46.21  ? 238  LYS A O   1 
ATOM   1201 C  CB  . LYS A 1 182 ? -2.947  11.742  20.475  1.00  38.02  ? 238  LYS A CB  1 
ATOM   1202 C  CG  . LYS A 1 182 ? -3.410  10.428  19.903  1.00  37.61  ? 238  LYS A CG  1 
ATOM   1203 C  CD  . LYS A 1 182 ? -2.818  9.238   20.613  1.00  41.21  ? 238  LYS A CD  1 
ATOM   1204 C  CE  . LYS A 1 182 ? -3.752  8.045   20.471  1.00  45.41  ? 238  LYS A CE  1 
ATOM   1205 N  NZ  . LYS A 1 182 ? -3.021  6.838   20.007  1.00  54.80  ? 238  LYS A NZ  1 
ATOM   1206 N  N   . ASN A 1 183 ? -5.076  14.140  20.778  1.00  56.48  ? 239  ASN A N   1 
ATOM   1207 C  CA  . ASN A 1 183 ? -5.720  15.175  21.606  1.00  70.62  ? 239  ASN A CA  1 
ATOM   1208 C  C   . ASN A 1 183 ? -5.388  16.613  21.207  1.00  71.96  ? 239  ASN A C   1 
ATOM   1209 O  O   . ASN A 1 183 ? -6.071  17.544  21.626  1.00  69.79  ? 239  ASN A O   1 
ATOM   1210 C  CB  . ASN A 1 183 ? -5.497  14.939  23.118  1.00  69.85  ? 239  ASN A CB  1 
ATOM   1211 C  CG  . ASN A 1 183 ? -4.095  15.306  23.571  1.00  73.97  ? 239  ASN A CG  1 
ATOM   1212 O  OD1 . ASN A 1 183 ? -3.499  16.266  23.084  1.00  75.85  ? 239  ASN A OD1 1 
ATOM   1213 N  ND2 . ASN A 1 183 ? -3.557  14.532  24.508  1.00  75.43  ? 239  ASN A ND2 1 
HETATM 1214 ZN ZN  . ZN  B 2 .   ? 6.992   -3.396  -2.562  1.00  29.41  ? 1240 ZN  A ZN  1 
HETATM 1215 ZN ZN  . ZN  C 2 .   ? 2.492   7.211   -16.062 1.00  64.53  ? 1241 ZN  A ZN  1 
HETATM 1216 S  S   . SO4 D 3 .   ? 7.709   4.050   -20.809 0.33  37.81  ? 1242 SO4 A S   1 
HETATM 1217 O  O1  . SO4 D 3 .   ? 8.891   4.722   -20.271 0.33  39.95  ? 1242 SO4 A O1  1 
HETATM 1218 O  O2  . SO4 D 3 .   ? 6.668   5.043   -21.094 0.33  41.30  ? 1242 SO4 A O2  1 
HETATM 1219 O  O3  . SO4 D 3 .   ? 7.205   3.043   -19.870 0.33  40.40  ? 1242 SO4 A O3  1 
HETATM 1220 O  O4  . SO4 D 3 .   ? 8.047   3.378   -22.065 0.33  50.74  ? 1242 SO4 A O4  1 
HETATM 1221 O  O   . HOH E 4 .   ? 9.469   14.659  16.067  1.00  64.68  ? 2001 HOH A O   1 
HETATM 1222 O  O   . HOH E 4 .   ? 6.701   13.876  15.982  1.00  42.19  ? 2002 HOH A O   1 
HETATM 1223 O  O   . HOH E 4 .   ? 4.776   21.173  16.842  1.00  50.97  ? 2003 HOH A O   1 
HETATM 1224 O  O   . HOH E 4 .   ? 1.856   14.360  18.267  1.00  44.95  ? 2004 HOH A O   1 
HETATM 1225 O  O   . HOH E 4 .   ? 5.756   12.605  18.142  1.00  35.91  ? 2005 HOH A O   1 
HETATM 1226 O  O   . HOH E 4 .   ? -0.633  20.515  17.087  1.00  50.73  ? 2006 HOH A O   1 
HETATM 1227 O  O   . HOH E 4 .   ? 7.295   5.321   -0.273  1.00  39.32  ? 2007 HOH A O   1 
HETATM 1228 O  O   . HOH E 4 .   ? 7.480   1.319   -1.231  1.00  31.08  ? 2008 HOH A O   1 
HETATM 1229 O  O   . HOH E 4 .   ? 9.807   -2.841  -5.494  1.00  59.17  ? 2009 HOH A O   1 
HETATM 1230 O  O   . HOH E 4 .   ? 9.320   -6.500  -8.333  1.00  38.63  ? 2010 HOH A O   1 
HETATM 1231 O  O   . HOH E 4 .   ? 7.539   -7.451  -16.413 1.00  37.76  ? 2011 HOH A O   1 
HETATM 1232 O  O   . HOH E 4 .   ? 13.266  -6.040  -15.091 1.00  45.67  ? 2012 HOH A O   1 
HETATM 1233 O  O   . HOH E 4 .   ? 5.844   -9.214  -17.626 1.00  53.68  ? 2013 HOH A O   1 
HETATM 1234 O  O   . HOH E 4 .   ? 3.607   -9.684  -17.531 1.00  63.69  ? 2014 HOH A O   1 
HETATM 1235 O  O   . HOH E 4 .   ? 2.105   -12.492 -19.350 1.00  38.62  ? 2015 HOH A O   1 
HETATM 1236 O  O   . HOH E 4 .   ? 2.086   -9.517  -17.938 1.00  32.96  ? 2016 HOH A O   1 
HETATM 1237 O  O   . HOH E 4 .   ? 1.351   -11.386 -23.030 1.00  59.43  ? 2017 HOH A O   1 
HETATM 1238 O  O   . HOH E 4 .   ? 1.052   -9.886  -20.486 1.00  54.65  ? 2018 HOH A O   1 
HETATM 1239 O  O   . HOH E 4 .   ? -4.218  -14.425 -23.672 1.00  52.82  ? 2019 HOH A O   1 
HETATM 1240 O  O   . HOH E 4 .   ? -8.488  -14.756 -22.894 1.00  67.82  ? 2020 HOH A O   1 
HETATM 1241 O  O   . HOH E 4 .   ? 7.902   23.058  14.935  1.00  51.95  ? 2021 HOH A O   1 
HETATM 1242 O  O   . HOH E 4 .   ? 6.882   -19.221 -21.923 1.00  59.36  ? 2022 HOH A O   1 
HETATM 1243 O  O   . HOH E 4 .   ? 6.750   -19.120 -9.704  1.00  60.83  ? 2023 HOH A O   1 
HETATM 1244 O  O   . HOH E 4 .   ? 2.329   -12.485 -2.850  1.00  43.28  ? 2024 HOH A O   1 
HETATM 1245 O  O   . HOH E 4 .   ? 4.477   -11.437 -18.902 1.00  62.89  ? 2025 HOH A O   1 
HETATM 1246 O  O   . HOH E 4 .   ? -8.124  -11.098 2.341   1.00  50.02  ? 2026 HOH A O   1 
HETATM 1247 O  O   . HOH E 4 .   ? -5.171  -10.827 4.002   1.00  56.93  ? 2027 HOH A O   1 
HETATM 1248 O  O   . HOH E 4 .   ? -7.209  -13.537 -0.747  1.00  41.81  ? 2028 HOH A O   1 
HETATM 1249 O  O   . HOH E 4 .   ? -8.379  -11.710 -6.124  1.00  41.91  ? 2029 HOH A O   1 
HETATM 1250 O  O   . HOH E 4 .   ? -8.704  -13.621 -3.594  1.00  52.55  ? 2030 HOH A O   1 
HETATM 1251 O  O   . HOH E 4 .   ? -8.231  -13.841 -7.884  1.00  40.53  ? 2031 HOH A O   1 
HETATM 1252 O  O   . HOH E 4 .   ? -8.533  -12.018 -15.517 1.00  63.74  ? 2032 HOH A O   1 
HETATM 1253 O  O   . HOH E 4 .   ? -7.732  -11.189 -11.104 1.00  46.21  ? 2033 HOH A O   1 
HETATM 1254 O  O   . HOH E 4 .   ? -7.620  -12.127 4.736   1.00  58.53  ? 2034 HOH A O   1 
HETATM 1255 O  O   . HOH E 4 .   ? -10.531 -12.261 -4.236  1.00  48.26  ? 2035 HOH A O   1 
HETATM 1256 O  O   . HOH E 4 .   ? -8.187  -12.187 -17.611 1.00  54.54  ? 2036 HOH A O   1 
HETATM 1257 O  O   . HOH E 4 .   ? 15.282  -9.467  -9.313  1.00  60.76  ? 2037 HOH A O   1 
HETATM 1258 O  O   . HOH E 4 .   ? 8.323   -11.065 1.942   1.00  58.61  ? 2038 HOH A O   1 
HETATM 1259 O  O   . HOH E 4 .   ? 0.534   -8.786  1.399   1.00  44.46  ? 2039 HOH A O   1 
HETATM 1260 O  O   . HOH E 4 .   ? 3.975   -3.769  4.167   1.00  34.57  ? 2040 HOH A O   1 
HETATM 1261 O  O   . HOH E 4 .   ? -3.806  -8.839  5.392   1.00  35.93  ? 2041 HOH A O   1 
HETATM 1262 O  O   . HOH E 4 .   ? 9.187   -0.267  0.748   1.00  52.69  ? 2042 HOH A O   1 
HETATM 1263 O  O   . HOH E 4 .   ? 14.052  12.748  9.299   1.00  51.35  ? 2043 HOH A O   1 
HETATM 1264 O  O   . HOH E 4 .   ? 15.402  8.236   11.773  1.00  66.00  ? 2044 HOH A O   1 
HETATM 1265 O  O   . HOH E 4 .   ? 16.245  1.710   1.217   1.00  59.60  ? 2045 HOH A O   1 
HETATM 1266 O  O   . HOH E 4 .   ? 16.409  -8.722  4.624   1.00  59.55  ? 2046 HOH A O   1 
HETATM 1267 O  O   . HOH E 4 .   ? -15.827 -10.930 -0.991  1.00  60.19  ? 2047 HOH A O   1 
HETATM 1268 O  O   . HOH E 4 .   ? -14.294 -13.639 -0.520  1.00  68.53  ? 2048 HOH A O   1 
HETATM 1269 O  O   . HOH E 4 .   ? -17.444 0.079   8.644   1.00  51.32  ? 2049 HOH A O   1 
HETATM 1270 O  O   . HOH E 4 .   ? 6.807   0.418   16.111  1.00  30.92  ? 2050 HOH A O   1 
HETATM 1271 O  O   . HOH E 4 .   ? -11.390 3.921   -17.114 1.00  48.70  ? 2051 HOH A O   1 
HETATM 1272 O  O   . HOH E 4 .   ? -1.855  3.321   15.594  1.00  27.89  ? 2052 HOH A O   1 
HETATM 1273 O  O   . HOH E 4 .   ? -2.452  0.857   17.214  1.00  48.68  ? 2053 HOH A O   1 
HETATM 1274 O  O   . HOH E 4 .   ? 0.025   7.315   22.228  1.00  41.99  ? 2054 HOH A O   1 
HETATM 1275 O  O   . HOH E 4 .   ? -4.965  18.566  15.433  1.00  53.59  ? 2055 HOH A O   1 
HETATM 1276 O  O   . HOH E 4 .   ? -2.450  5.490   17.017  1.00  32.07  ? 2056 HOH A O   1 
HETATM 1277 O  O   . HOH E 4 .   ? -6.067  12.547  16.773  1.00  35.15  ? 2057 HOH A O   1 
HETATM 1278 O  O   . HOH E 4 .   ? -6.783  10.338  20.287  1.00  53.88  ? 2058 HOH A O   1 
HETATM 1279 O  O   . HOH E 4 .   ? -7.269  6.632   13.745  1.00  39.78  ? 2059 HOH A O   1 
HETATM 1280 O  O   . HOH E 4 .   ? -4.803  5.972   14.098  1.00  35.37  ? 2060 HOH A O   1 
HETATM 1281 O  O   . HOH E 4 .   ? -8.179  10.145  13.845  1.00  32.92  ? 2061 HOH A O   1 
HETATM 1282 O  O   . HOH E 4 .   ? -9.865  8.781   2.253   1.00  24.52  ? 2062 HOH A O   1 
HETATM 1283 O  O   . HOH E 4 .   ? -9.269  7.652   2.691   1.00  39.96  ? 2063 HOH A O   1 
HETATM 1284 O  O   . HOH E 4 .   ? -6.417  -0.880  -12.051 1.00  41.80  ? 2064 HOH A O   1 
HETATM 1285 O  O   . HOH E 4 .   ? -0.193  -3.074  -15.096 1.00  23.94  ? 2065 HOH A O   1 
HETATM 1286 O  O   . HOH E 4 .   ? -7.055  0.943   -20.588 1.00  40.22  ? 2066 HOH A O   1 
HETATM 1287 O  O   . HOH E 4 .   ? -14.692 -1.460  -15.343 1.00  61.74  ? 2067 HOH A O   1 
HETATM 1288 O  O   . HOH E 4 .   ? -10.167 -7.726  -9.483  1.00  42.42  ? 2068 HOH A O   1 
HETATM 1289 O  O   . HOH E 4 .   ? -8.708  -0.675  -11.968 1.00  37.90  ? 2069 HOH A O   1 
HETATM 1290 O  O   . HOH E 4 .   ? -15.359 -4.535  -3.949  1.00  38.28  ? 2070 HOH A O   1 
HETATM 1291 O  O   . HOH E 4 .   ? -17.478 -5.211  -7.897  1.00  50.89  ? 2071 HOH A O   1 
HETATM 1292 O  O   . HOH E 4 .   ? -13.962 -6.981  -2.497  1.00  42.00  ? 2072 HOH A O   1 
HETATM 1293 O  O   . HOH E 4 .   ? -12.674 -11.460 -11.680 1.00  62.09  ? 2073 HOH A O   1 
HETATM 1294 O  O   . HOH E 4 .   ? -11.197 2.025   -8.362  1.00  47.37  ? 2074 HOH A O   1 
HETATM 1295 O  O   . HOH E 4 .   ? -12.466 6.036   -2.943  1.00  42.96  ? 2075 HOH A O   1 
HETATM 1296 O  O   . HOH E 4 .   ? -11.937 -10.794 -2.509  1.00  49.85  ? 2076 HOH A O   1 
HETATM 1297 O  O   . HOH E 4 .   ? -8.038  -8.841  7.184   1.00  48.12  ? 2077 HOH A O   1 
HETATM 1298 O  O   . HOH E 4 .   ? -8.448  -4.326  13.956  1.00  58.89  ? 2078 HOH A O   1 
HETATM 1299 O  O   . HOH E 4 .   ? -3.615  3.328   13.683  1.00  44.13  ? 2079 HOH A O   1 
HETATM 1300 O  O   . HOH E 4 .   ? -7.542  3.332   16.209  1.00  49.33  ? 2080 HOH A O   1 
HETATM 1301 O  O   . HOH E 4 .   ? -17.873 2.193   10.377  1.00  73.40  ? 2081 HOH A O   1 
HETATM 1302 O  O   . HOH E 4 .   ? -18.316 4.535   9.597   1.00  60.39  ? 2082 HOH A O   1 
HETATM 1303 O  O   . HOH E 4 .   ? -15.760 8.196   4.408   1.00  41.68  ? 2083 HOH A O   1 
HETATM 1304 O  O   . HOH E 4 .   ? -12.161 8.255   3.516   1.00  37.76  ? 2084 HOH A O   1 
HETATM 1305 O  O   . HOH E 4 .   ? -10.883 5.751   -13.849 1.00  52.76  ? 2085 HOH A O   1 
HETATM 1306 O  O   . HOH E 4 .   ? -9.324  3.930   -15.198 1.00  56.63  ? 2086 HOH A O   1 
HETATM 1307 O  O   . HOH E 4 .   ? 3.802   3.066   -17.306 1.00  21.37  ? 2087 HOH A O   1 
HETATM 1308 O  O   . HOH E 4 .   ? 3.019   4.834   -14.597 1.00  36.95  ? 2088 HOH A O   1 
HETATM 1309 O  O   . HOH E 4 .   ? 1.633   -0.483  -26.078 1.00  49.13  ? 2089 HOH A O   1 
HETATM 1310 O  O   . HOH E 4 .   ? 3.374   1.478   -24.836 1.00  40.38  ? 2090 HOH A O   1 
HETATM 1311 O  O   . HOH E 4 .   ? -1.775  -4.034  -22.490 1.00  32.85  ? 2091 HOH A O   1 
HETATM 1312 O  O   . HOH E 4 .   ? 7.573   -5.800  -24.715 1.00  60.90  ? 2092 HOH A O   1 
HETATM 1313 O  O   . HOH E 4 .   ? -5.343  16.820  17.287  1.00  45.29  ? 2093 HOH A O   1 
HETATM 1314 O  O   . HOH E 4 .   ? -6.965  14.354  18.229  1.00  58.02  ? 2094 HOH A O   1 
# 
loop_
_pdbx_poly_seq_scheme.asym_id 
_pdbx_poly_seq_scheme.entity_id 
_pdbx_poly_seq_scheme.seq_id 
_pdbx_poly_seq_scheme.mon_id 
_pdbx_poly_seq_scheme.ndb_seq_num 
_pdbx_poly_seq_scheme.pdb_seq_num 
_pdbx_poly_seq_scheme.auth_seq_num 
_pdbx_poly_seq_scheme.pdb_mon_id 
_pdbx_poly_seq_scheme.auth_mon_id 
_pdbx_poly_seq_scheme.pdb_strand_id 
_pdbx_poly_seq_scheme.pdb_ins_code 
_pdbx_poly_seq_scheme.hetero 
A 1 1   GLY 1   57  ?   ?   ?   A . n 
A 1 2   HIS 2   58  ?   ?   ?   A . n 
A 1 3   MET 3   59  ?   ?   ?   A . n 
A 1 4   SER 4   60  60  SER SER A . n 
A 1 5   TYR 5   61  61  TYR TYR A . n 
A 1 6   ASN 6   62  62  ASN ASN A . n 
A 1 7   GLY 7   63  63  GLY GLY A . n 
A 1 8   ILE 8   64  64  ILE ILE A . n 
A 1 9   ARG 9   65  65  ARG ARG A . n 
A 1 10  ILE 10  66  66  ILE ILE A . n 
A 1 11  GLY 11  67  67  GLY GLY A . n 
A 1 12  GLN 12  68  68  GLN GLN A . n 
A 1 13  GLY 13  69  69  GLY GLY A . n 
A 1 14  TYR 14  70  70  TYR TYR A . n 
A 1 15  ASP 15  71  71  ASP ASP A . n 
A 1 16  ILE 16  72  72  ILE ILE A . n 
A 1 17  HIS 17  73  73  HIS HIS A . n 
A 1 18  LYS 18  74  74  LYS LYS A . n 
A 1 19  ILE 19  75  75  ILE ILE A . n 
A 1 20  LYS 20  76  76  LYS LYS A . n 
A 1 21  VAL 21  77  77  VAL VAL A . n 
A 1 22  LEU 22  78  78  LEU LEU A . n 
A 1 23  ASP 23  79  79  ASP ASP A . n 
A 1 24  GLU 24  80  80  GLU GLU A . n 
A 1 25  GLU 25  81  81  GLU GLU A . n 
A 1 26  TYR 26  82  ?   ?   ?   A . n 
A 1 27  ASN 27  83  ?   ?   ?   A . n 
A 1 28  THR 28  84  ?   ?   ?   A . n 
A 1 29  TYR 29  85  ?   ?   ?   A . n 
A 1 30  ALA 30  86  ?   ?   ?   A . n 
A 1 31  ASN 31  87  ?   ?   ?   A . n 
A 1 32  ASN 32  88  ?   ?   ?   A . n 
A 1 33  ASP 33  89  ?   ?   ?   A . n 
A 1 34  PHE 34  90  ?   ?   ?   A . n 
A 1 35  ASN 35  91  ?   ?   ?   A . n 
A 1 36  LYS 36  92  ?   ?   ?   A . n 
A 1 37  ASN 37  93  ?   ?   ?   A . n 
A 1 38  GLU 38  94  ?   ?   ?   A . n 
A 1 39  GLN 39  95  ?   ?   ?   A . n 
A 1 40  SER 40  96  ?   ?   ?   A . n 
A 1 41  PHE 41  97  ?   ?   ?   A . n 
A 1 42  LYS 42  98  98  LYS LYS A . n 
A 1 43  THR 43  99  99  THR THR A . n 
A 1 44  LEU 44  100 100 LEU LEU A . n 
A 1 45  THR 45  101 101 THR THR A . n 
A 1 46  LEU 46  102 102 LEU LEU A . n 
A 1 47  GLY 47  103 103 GLY GLY A . n 
A 1 48  GLY 48  104 104 GLY GLY A . n 
A 1 49  VAL 49  105 105 VAL VAL A . n 
A 1 50  LYS 50  106 106 LYS LYS A . n 
A 1 51  ILE 51  107 107 ILE ILE A . n 
A 1 52  ASN 52  108 108 ASN ASN A . n 
A 1 53  ASN 53  109 109 ASN ASN A . n 
A 1 54  VAL 54  110 110 VAL VAL A . n 
A 1 55  LEU 55  111 111 LEU LEU A . n 
A 1 56  VAL 56  112 112 VAL VAL A . n 
A 1 57  LEU 57  113 113 LEU LEU A . n 
A 1 58  SER 58  114 114 SER SER A . n 
A 1 59  HIS 59  115 115 HIS HIS A . n 
A 1 60  SER 60  116 116 SER SER A . n 
A 1 61  ASP 61  117 117 ASP ASP A . n 
A 1 62  GLY 62  118 118 GLY GLY A . n 
A 1 63  ASP 63  119 119 ASP ASP A . n 
A 1 64  ILE 64  120 120 ILE ILE A . n 
A 1 65  ILE 65  121 121 ILE ILE A . n 
A 1 66  TYR 66  122 122 TYR TYR A . n 
A 1 67  HIS 67  123 123 HIS HIS A . n 
A 1 68  SER 68  124 124 SER SER A . n 
A 1 69  ILE 69  125 125 ILE ILE A . n 
A 1 70  VAL 70  126 126 VAL VAL A . n 
A 1 71  ASP 71  127 127 ASP ASP A . n 
A 1 72  SER 72  128 128 SER SER A . n 
A 1 73  ILE 73  129 129 ILE ILE A . n 
A 1 74  LEU 74  130 130 LEU LEU A . n 
A 1 75  GLY 75  131 131 GLY GLY A . n 
A 1 76  ALA 76  132 132 ALA ALA A . n 
A 1 77  LEU 77  133 133 LEU LEU A . n 
A 1 78  GLY 78  134 134 GLY GLY A . n 
A 1 79  SER 79  135 135 SER SER A . n 
A 1 80  LEU 80  136 136 LEU LEU A . n 
A 1 81  ASP 81  137 137 ASP ASP A . n 
A 1 82  ILE 82  138 138 ILE ILE A . n 
A 1 83  GLY 83  139 139 GLY GLY A . n 
A 1 84  THR 84  140 140 THR THR A . n 
A 1 85  LEU 85  141 141 LEU LEU A . n 
A 1 86  PHE 86  142 142 PHE PHE A . n 
A 1 87  PRO 87  143 143 PRO PRO A . n 
A 1 88  ASP 88  144 ?   ?   ?   A . n 
A 1 89  LYS 89  145 ?   ?   ?   A . n 
A 1 90  ASP 90  146 ?   ?   ?   A . n 
A 1 91  GLU 91  147 ?   ?   ?   A . n 
A 1 92  LYS 92  148 ?   ?   ?   A . n 
A 1 93  ASN 93  149 ?   ?   ?   A . n 
A 1 94  LYS 94  150 ?   ?   ?   A . n 
A 1 95  ASN 95  151 ?   ?   ?   A . n 
A 1 96  LYS 96  152 152 LYS LYS A . n 
A 1 97  ASN 97  153 153 ASN ASN A . n 
A 1 98  SER 98  154 154 SER SER A . n 
A 1 99  ALA 99  155 155 ALA ALA A . n 
A 1 100 ILE 100 156 156 ILE ILE A . n 
A 1 101 PHE 101 157 157 PHE PHE A . n 
A 1 102 LEU 102 158 158 LEU LEU A . n 
A 1 103 ARG 103 159 159 ARG ARG A . n 
A 1 104 TYR 104 160 160 TYR TYR A . n 
A 1 105 ALA 105 161 161 ALA ALA A . n 
A 1 106 ARG 106 162 162 ARG ARG A . n 
A 1 107 LEU 107 163 163 LEU LEU A . n 
A 1 108 LEU 108 164 164 LEU LEU A . n 
A 1 109 ILE 109 165 165 ILE ILE A . n 
A 1 110 TYR 110 166 166 TYR TYR A . n 
A 1 111 LYS 111 167 167 LYS LYS A . n 
A 1 112 LYS 112 168 168 LYS LYS A . n 
A 1 113 ASN 113 169 169 ASN ASN A . n 
A 1 114 TYR 114 170 170 TYR TYR A . n 
A 1 115 ASP 115 171 171 ASP ASP A . n 
A 1 116 ILE 116 172 172 ILE ILE A . n 
A 1 117 GLY 117 173 173 GLY GLY A . n 
A 1 118 ASN 118 174 174 ASN ASN A . n 
A 1 119 VAL 119 175 175 VAL VAL A . n 
A 1 120 ASP 120 176 176 ASP ASP A . n 
A 1 121 ILE 121 177 177 ILE ILE A . n 
A 1 122 ASN 122 178 178 ASN ASN A . n 
A 1 123 VAL 123 179 179 VAL VAL A . n 
A 1 124 ILE 124 180 180 ILE ILE A . n 
A 1 125 ALA 125 181 181 ALA ALA A . n 
A 1 126 GLN 126 182 182 GLN GLN A . n 
A 1 127 VAL 127 183 183 VAL VAL A . n 
A 1 128 PRO 128 184 184 PRO PRO A . n 
A 1 129 LYS 129 185 185 LYS LYS A . n 
A 1 130 ILE 130 186 186 ILE ILE A . n 
A 1 131 SER 131 187 187 SER SER A . n 
A 1 132 ASN 132 188 188 ASN ASN A . n 
A 1 133 ILE 133 189 189 ILE ILE A . n 
A 1 134 ARG 134 190 190 ARG ARG A . n 
A 1 135 LYS 135 191 191 LYS LYS A . n 
A 1 136 ASN 136 192 192 ASN ASN A . n 
A 1 137 ILE 137 193 193 ILE ILE A . n 
A 1 138 ILE 138 194 194 ILE ILE A . n 
A 1 139 LYS 139 195 195 LYS LYS A . n 
A 1 140 ASN 140 196 196 ASN ASN A . n 
A 1 141 ILE 141 197 197 ILE ILE A . n 
A 1 142 SER 142 198 198 SER SER A . n 
A 1 143 THR 143 199 199 THR THR A . n 
A 1 144 VAL 144 200 200 VAL VAL A . n 
A 1 145 LEU 145 201 201 LEU LEU A . n 
A 1 146 ASN 146 202 202 ASN ASN A . n 
A 1 147 ILE 147 203 203 ILE ILE A . n 
A 1 148 ASP 148 204 204 ASP ASP A . n 
A 1 149 GLU 149 205 205 GLU GLU A . n 
A 1 150 SER 150 206 206 SER SER A . n 
A 1 151 GLN 151 207 207 GLN GLN A . n 
A 1 152 ILE 152 208 208 ILE ILE A . n 
A 1 153 SER 153 209 209 SER SER A . n 
A 1 154 VAL 154 210 210 VAL VAL A . n 
A 1 155 LYS 155 211 211 LYS LYS A . n 
A 1 156 GLY 156 212 212 GLY GLY A . n 
A 1 157 LYS 157 213 213 LYS LYS A . n 
A 1 158 THR 158 214 214 THR THR A . n 
A 1 159 HIS 159 215 215 HIS HIS A . n 
A 1 160 GLU 160 216 216 GLU GLU A . n 
A 1 161 LYS 161 217 217 LYS LYS A . n 
A 1 162 LEU 162 218 218 LEU LEU A . n 
A 1 163 GLY 163 219 219 GLY GLY A . n 
A 1 164 VAL 164 220 220 VAL VAL A . n 
A 1 165 ILE 165 221 221 ILE ILE A . n 
A 1 166 GLY 166 222 222 GLY GLY A . n 
A 1 167 GLU 167 223 223 GLU GLU A . n 
A 1 168 LYS 168 224 224 LYS LYS A . n 
A 1 169 LYS 169 225 225 LYS LYS A . n 
A 1 170 ALA 170 226 226 ALA ALA A . n 
A 1 171 ILE 171 227 227 ILE ILE A . n 
A 1 172 GLU 172 228 228 GLU GLU A . n 
A 1 173 CYS 173 229 229 CYS CYS A . n 
A 1 174 PHE 174 230 230 PHE PHE A . n 
A 1 175 ALA 175 231 231 ALA ALA A . n 
A 1 176 ASN 176 232 232 ASN ASN A . n 
A 1 177 ILE 177 233 233 ILE ILE A . n 
A 1 178 LEU 178 234 234 LEU LEU A . n 
A 1 179 LEU 179 235 235 LEU LEU A . n 
A 1 180 ILE 180 236 236 ILE ILE A . n 
A 1 181 PRO 181 237 237 PRO PRO A . n 
A 1 182 LYS 182 238 238 LYS LYS A . n 
A 1 183 ASN 183 239 239 ASN ASN A . n 
A 1 184 SER 184 240 ?   ?   ?   A . n 
# 
loop_
_pdbx_nonpoly_scheme.asym_id 
_pdbx_nonpoly_scheme.entity_id 
_pdbx_nonpoly_scheme.mon_id 
_pdbx_nonpoly_scheme.ndb_seq_num 
_pdbx_nonpoly_scheme.pdb_seq_num 
_pdbx_nonpoly_scheme.auth_seq_num 
_pdbx_nonpoly_scheme.pdb_mon_id 
_pdbx_nonpoly_scheme.auth_mon_id 
_pdbx_nonpoly_scheme.pdb_strand_id 
_pdbx_nonpoly_scheme.pdb_ins_code 
B 2 ZN  1  1240 1240 ZN  ZN  A . 
C 2 ZN  1  1241 1241 ZN  ZN  A . 
D 3 SO4 1  1242 1242 SO4 SO4 A . 
E 4 HOH 1  2001 2001 HOH HOH A . 
E 4 HOH 2  2002 2002 HOH HOH A . 
E 4 HOH 3  2003 2003 HOH HOH A . 
E 4 HOH 4  2004 2004 HOH HOH A . 
E 4 HOH 5  2005 2005 HOH HOH A . 
E 4 HOH 6  2006 2006 HOH HOH A . 
E 4 HOH 7  2007 2007 HOH HOH A . 
E 4 HOH 8  2008 2008 HOH HOH A . 
E 4 HOH 9  2009 2009 HOH HOH A . 
E 4 HOH 10 2010 2010 HOH HOH A . 
E 4 HOH 11 2011 2011 HOH HOH A . 
E 4 HOH 12 2012 2012 HOH HOH A . 
E 4 HOH 13 2013 2013 HOH HOH A . 
E 4 HOH 14 2014 2014 HOH HOH A . 
E 4 HOH 15 2015 2015 HOH HOH A . 
E 4 HOH 16 2016 2016 HOH HOH A . 
E 4 HOH 17 2017 2017 HOH HOH A . 
E 4 HOH 18 2018 2018 HOH HOH A . 
E 4 HOH 19 2019 2019 HOH HOH A . 
E 4 HOH 20 2020 2020 HOH HOH A . 
E 4 HOH 21 2021 2021 HOH HOH A . 
E 4 HOH 22 2022 2022 HOH HOH A . 
E 4 HOH 23 2023 2023 HOH HOH A . 
E 4 HOH 24 2024 2024 HOH HOH A . 
E 4 HOH 25 2025 2025 HOH HOH A . 
E 4 HOH 26 2026 2026 HOH HOH A . 
E 4 HOH 27 2027 2027 HOH HOH A . 
E 4 HOH 28 2028 2028 HOH HOH A . 
E 4 HOH 29 2029 2029 HOH HOH A . 
E 4 HOH 30 2030 2030 HOH HOH A . 
E 4 HOH 31 2031 2031 HOH HOH A . 
E 4 HOH 32 2032 2032 HOH HOH A . 
E 4 HOH 33 2033 2033 HOH HOH A . 
E 4 HOH 34 2034 2034 HOH HOH A . 
E 4 HOH 35 2035 2035 HOH HOH A . 
E 4 HOH 36 2036 2036 HOH HOH A . 
E 4 HOH 37 2037 2037 HOH HOH A . 
E 4 HOH 38 2038 2038 HOH HOH A . 
E 4 HOH 39 2039 2039 HOH HOH A . 
E 4 HOH 40 2040 2040 HOH HOH A . 
E 4 HOH 41 2041 2041 HOH HOH A . 
E 4 HOH 42 2042 2042 HOH HOH A . 
E 4 HOH 43 2043 2043 HOH HOH A . 
E 4 HOH 44 2044 2044 HOH HOH A . 
E 4 HOH 45 2045 2045 HOH HOH A . 
E 4 HOH 46 2046 2046 HOH HOH A . 
E 4 HOH 47 2047 2047 HOH HOH A . 
E 4 HOH 48 2048 2048 HOH HOH A . 
E 4 HOH 49 2049 2049 HOH HOH A . 
E 4 HOH 50 2050 2050 HOH HOH A . 
E 4 HOH 51 2051 2051 HOH HOH A . 
E 4 HOH 52 2052 2052 HOH HOH A . 
E 4 HOH 53 2053 2053 HOH HOH A . 
E 4 HOH 54 2054 2054 HOH HOH A . 
E 4 HOH 55 2055 2055 HOH HOH A . 
E 4 HOH 56 2056 2056 HOH HOH A . 
E 4 HOH 57 2057 2057 HOH HOH A . 
E 4 HOH 58 2058 2058 HOH HOH A . 
E 4 HOH 59 2059 2059 HOH HOH A . 
E 4 HOH 60 2060 2060 HOH HOH A . 
E 4 HOH 61 2061 2061 HOH HOH A . 
E 4 HOH 62 2062 2062 HOH HOH A . 
E 4 HOH 63 2063 2063 HOH HOH A . 
E 4 HOH 64 2064 2064 HOH HOH A . 
E 4 HOH 65 2065 2065 HOH HOH A . 
E 4 HOH 66 2066 2066 HOH HOH A . 
E 4 HOH 67 2067 2067 HOH HOH A . 
E 4 HOH 68 2068 2068 HOH HOH A . 
E 4 HOH 69 2069 2069 HOH HOH A . 
E 4 HOH 70 2070 2070 HOH HOH A . 
E 4 HOH 71 2071 2071 HOH HOH A . 
E 4 HOH 72 2072 2072 HOH HOH A . 
E 4 HOH 73 2073 2073 HOH HOH A . 
E 4 HOH 74 2074 2074 HOH HOH A . 
E 4 HOH 75 2075 2075 HOH HOH A . 
E 4 HOH 76 2076 2076 HOH HOH A . 
E 4 HOH 77 2077 2077 HOH HOH A . 
E 4 HOH 78 2078 2078 HOH HOH A . 
E 4 HOH 79 2079 2079 HOH HOH A . 
E 4 HOH 80 2080 2080 HOH HOH A . 
E 4 HOH 81 2081 2081 HOH HOH A . 
E 4 HOH 82 2082 2082 HOH HOH A . 
E 4 HOH 83 2083 2083 HOH HOH A . 
E 4 HOH 84 2084 2084 HOH HOH A . 
E 4 HOH 85 2085 2085 HOH HOH A . 
E 4 HOH 86 2086 2086 HOH HOH A . 
E 4 HOH 87 2087 2087 HOH HOH A . 
E 4 HOH 88 2088 2088 HOH HOH A . 
E 4 HOH 89 2089 2089 HOH HOH A . 
E 4 HOH 90 2090 2090 HOH HOH A . 
E 4 HOH 91 2091 2091 HOH HOH A . 
E 4 HOH 92 2092 2092 HOH HOH A . 
E 4 HOH 93 2093 2093 HOH HOH A . 
E 4 HOH 94 2094 2094 HOH HOH A . 
# 
_pdbx_struct_assembly.id                   1 
_pdbx_struct_assembly.details              author_and_software_defined_assembly 
_pdbx_struct_assembly.method_details       PISA 
_pdbx_struct_assembly.oligomeric_details   trimeric 
_pdbx_struct_assembly.oligomeric_count     3 
# 
_pdbx_struct_assembly_gen.assembly_id       1 
_pdbx_struct_assembly_gen.oper_expression   1,2,3 
_pdbx_struct_assembly_gen.asym_id_list      A,B,C,D,E 
# 
loop_
_pdbx_struct_assembly_prop.biol_id 
_pdbx_struct_assembly_prop.type 
_pdbx_struct_assembly_prop.value 
_pdbx_struct_assembly_prop.details 
1 'ABSA (A^2)' 7130   ? 
1 MORE         -264.2 ? 
1 'SSA (A^2)'  19280  ? 
# 
loop_
_pdbx_struct_oper_list.id 
_pdbx_struct_oper_list.type 
_pdbx_struct_oper_list.name 
_pdbx_struct_oper_list.symmetry_operation 
_pdbx_struct_oper_list.matrix[1][1] 
_pdbx_struct_oper_list.matrix[1][2] 
_pdbx_struct_oper_list.matrix[1][3] 
_pdbx_struct_oper_list.vector[1] 
_pdbx_struct_oper_list.matrix[2][1] 
_pdbx_struct_oper_list.matrix[2][2] 
_pdbx_struct_oper_list.matrix[2][3] 
_pdbx_struct_oper_list.vector[2] 
_pdbx_struct_oper_list.matrix[3][1] 
_pdbx_struct_oper_list.matrix[3][2] 
_pdbx_struct_oper_list.matrix[3][3] 
_pdbx_struct_oper_list.vector[3] 
1 'identity operation'         1_555 x,y,z       1.0000000000  0.0000000000  0.0000000000  0.0000000000  0.0000000000  1.0000000000  0.0000000000 0.0000000000  0.0000000000  0.0000000000 1.0000000000 0.0000000000   
2 'crystal symmetry operation' 2_545 -y,x-y-1,z  -0.3247367315 0.4886831318  -0.8097745686 -8.4485177234 -0.9449983531 -0.2029845686 0.2564671081 17.4041876472 -0.0390405919 0.8485199241 0.5277213001 -12.8452293333 
3 'crystal symmetry operation' 3_655 -x+y+1,-x,z -0.3247367315 -0.9449983531 -0.0390405919 13.2018992757 0.4886831318  -0.2029845686 0.8485199241 18.5608626417 -0.8097745686 0.2564671081 0.5277213001 -4.5262953445 
# 
loop_
_pdbx_struct_special_symmetry.id 
_pdbx_struct_special_symmetry.PDB_model_num 
_pdbx_struct_special_symmetry.auth_asym_id 
_pdbx_struct_special_symmetry.auth_comp_id 
_pdbx_struct_special_symmetry.auth_seq_id 
_pdbx_struct_special_symmetry.PDB_ins_code 
_pdbx_struct_special_symmetry.label_asym_id 
_pdbx_struct_special_symmetry.label_comp_id 
_pdbx_struct_special_symmetry.label_seq_id 
1 1 A SO4 1242 ? D SO4 . 
2 1 A SO4 1242 ? D SO4 . 
# 
loop_
_pdbx_struct_conn_angle.id 
_pdbx_struct_conn_angle.ptnr1_label_atom_id 
_pdbx_struct_conn_angle.ptnr1_label_alt_id 
_pdbx_struct_conn_angle.ptnr1_label_asym_id 
_pdbx_struct_conn_angle.ptnr1_label_comp_id 
_pdbx_struct_conn_angle.ptnr1_label_seq_id 
_pdbx_struct_conn_angle.ptnr1_auth_atom_id 
_pdbx_struct_conn_angle.ptnr1_auth_asym_id 
_pdbx_struct_conn_angle.ptnr1_auth_comp_id 
_pdbx_struct_conn_angle.ptnr1_auth_seq_id 
_pdbx_struct_conn_angle.ptnr1_PDB_ins_code 
_pdbx_struct_conn_angle.ptnr1_symmetry 
_pdbx_struct_conn_angle.ptnr2_label_atom_id 
_pdbx_struct_conn_angle.ptnr2_label_alt_id 
_pdbx_struct_conn_angle.ptnr2_label_asym_id 
_pdbx_struct_conn_angle.ptnr2_label_comp_id 
_pdbx_struct_conn_angle.ptnr2_label_seq_id 
_pdbx_struct_conn_angle.ptnr2_auth_atom_id 
_pdbx_struct_conn_angle.ptnr2_auth_asym_id 
_pdbx_struct_conn_angle.ptnr2_auth_comp_id 
_pdbx_struct_conn_angle.ptnr2_auth_seq_id 
_pdbx_struct_conn_angle.ptnr2_PDB_ins_code 
_pdbx_struct_conn_angle.ptnr2_symmetry 
_pdbx_struct_conn_angle.ptnr3_label_atom_id 
_pdbx_struct_conn_angle.ptnr3_label_alt_id 
_pdbx_struct_conn_angle.ptnr3_label_asym_id 
_pdbx_struct_conn_angle.ptnr3_label_comp_id 
_pdbx_struct_conn_angle.ptnr3_label_seq_id 
_pdbx_struct_conn_angle.ptnr3_auth_atom_id 
_pdbx_struct_conn_angle.ptnr3_auth_asym_id 
_pdbx_struct_conn_angle.ptnr3_auth_comp_id 
_pdbx_struct_conn_angle.ptnr3_auth_seq_id 
_pdbx_struct_conn_angle.ptnr3_PDB_ins_code 
_pdbx_struct_conn_angle.ptnr3_symmetry 
_pdbx_struct_conn_angle.value 
_pdbx_struct_conn_angle.value_esd 
1 OD2 ? A ASP 15  ? A ASP 71  ? 1_555 ZN ? B ZN . ? A ZN 1240 ? 1_555 NE2 ? A HIS 17  ? A HIS 73  ? 1_555 102.7 ? 
2 OD2 ? A ASP 15  ? A ASP 71  ? 1_555 ZN ? B ZN . ? A ZN 1240 ? 1_555 ND1 ? A HIS 67  ? A HIS 123 ? 1_555 96.1  ? 
3 NE2 ? A HIS 17  ? A HIS 73  ? 1_555 ZN ? B ZN . ? A ZN 1240 ? 1_555 ND1 ? A HIS 67  ? A HIS 123 ? 1_555 115.7 ? 
4 NE2 ? A HIS 159 ? A HIS 215 ? 1_555 ZN ? C ZN . ? A ZN 1241 ? 1_555 OE1 ? A GLU 172 ? A GLU 228 ? 2_545 108.9 ? 
# 
loop_
_pdbx_audit_revision_history.ordinal 
_pdbx_audit_revision_history.data_content_type 
_pdbx_audit_revision_history.major_revision 
_pdbx_audit_revision_history.minor_revision 
_pdbx_audit_revision_history.revision_date 
1 'Structure model' 1 0 2014-01-08 
2 'Structure model' 1 1 2014-03-12 
3 'Structure model' 1 2 2019-05-08 
4 'Structure model' 1 3 2019-05-29 
5 'Structure model' 1 4 2023-12-20 
# 
_pdbx_audit_revision_details.ordinal             1 
_pdbx_audit_revision_details.revision_ordinal    1 
_pdbx_audit_revision_details.data_content_type   'Structure model' 
_pdbx_audit_revision_details.provider            repository 
_pdbx_audit_revision_details.type                'Initial release' 
_pdbx_audit_revision_details.description         ? 
_pdbx_audit_revision_details.details             ? 
# 
loop_
_pdbx_audit_revision_group.ordinal 
_pdbx_audit_revision_group.revision_ordinal 
_pdbx_audit_revision_group.data_content_type 
_pdbx_audit_revision_group.group 
1  2 'Structure model' 'Database references'      
2  3 'Structure model' 'Data collection'          
3  3 'Structure model' 'Derived calculations'     
4  3 'Structure model' 'Experimental preparation' 
5  3 'Structure model' Other                      
6  4 'Structure model' 'Data collection'          
7  4 'Structure model' 'Experimental preparation' 
8  5 'Structure model' 'Data collection'          
9  5 'Structure model' 'Database references'      
10 5 'Structure model' 'Derived calculations'     
11 5 'Structure model' Other                      
12 5 'Structure model' 'Refinement description'   
# 
loop_
_pdbx_audit_revision_category.ordinal 
_pdbx_audit_revision_category.revision_ordinal 
_pdbx_audit_revision_category.data_content_type 
_pdbx_audit_revision_category.category 
1  3 'Structure model' exptl_crystal_grow            
2  3 'Structure model' pdbx_database_proc            
3  3 'Structure model' pdbx_database_status          
4  3 'Structure model' pdbx_struct_special_symmetry  
5  4 'Structure model' exptl_crystal_grow            
6  4 'Structure model' struct_biol                   
7  5 'Structure model' chem_comp_atom                
8  5 'Structure model' chem_comp_bond                
9  5 'Structure model' database_2                    
10 5 'Structure model' pdbx_database_status          
11 5 'Structure model' pdbx_initial_refinement_model 
12 5 'Structure model' pdbx_struct_conn_angle        
13 5 'Structure model' struct_conn                   
14 5 'Structure model' struct_site                   
# 
loop_
_pdbx_audit_revision_item.ordinal 
_pdbx_audit_revision_item.revision_ordinal 
_pdbx_audit_revision_item.data_content_type 
_pdbx_audit_revision_item.item 
1  3 'Structure model' '_exptl_crystal_grow.temp'                    
2  3 'Structure model' '_pdbx_database_status.recvd_author_approval' 
3  4 'Structure model' '_exptl_crystal_grow.method'                  
4  5 'Structure model' '_database_2.pdbx_DOI'                        
5  5 'Structure model' '_database_2.pdbx_database_accession'         
6  5 'Structure model' '_pdbx_database_status.status_code_sf'        
7  5 'Structure model' '_pdbx_struct_conn_angle.ptnr1_auth_comp_id'  
8  5 'Structure model' '_pdbx_struct_conn_angle.ptnr1_auth_seq_id'   
9  5 'Structure model' '_pdbx_struct_conn_angle.ptnr1_label_atom_id' 
10 5 'Structure model' '_pdbx_struct_conn_angle.ptnr1_label_comp_id' 
11 5 'Structure model' '_pdbx_struct_conn_angle.ptnr1_label_seq_id'  
12 5 'Structure model' '_pdbx_struct_conn_angle.ptnr1_symmetry'      
13 5 'Structure model' '_pdbx_struct_conn_angle.ptnr3_auth_comp_id'  
14 5 'Structure model' '_pdbx_struct_conn_angle.ptnr3_auth_seq_id'   
15 5 'Structure model' '_pdbx_struct_conn_angle.ptnr3_label_atom_id' 
16 5 'Structure model' '_pdbx_struct_conn_angle.ptnr3_label_comp_id' 
17 5 'Structure model' '_pdbx_struct_conn_angle.ptnr3_label_seq_id'  
18 5 'Structure model' '_pdbx_struct_conn_angle.ptnr3_symmetry'      
19 5 'Structure model' '_pdbx_struct_conn_angle.value'               
20 5 'Structure model' '_struct_conn.pdbx_dist_value'                
21 5 'Structure model' '_struct_conn.ptnr1_auth_comp_id'             
22 5 'Structure model' '_struct_conn.ptnr1_auth_seq_id'              
23 5 'Structure model' '_struct_conn.ptnr1_label_asym_id'            
24 5 'Structure model' '_struct_conn.ptnr1_label_atom_id'            
25 5 'Structure model' '_struct_conn.ptnr1_label_comp_id'            
26 5 'Structure model' '_struct_conn.ptnr1_label_seq_id'             
27 5 'Structure model' '_struct_conn.ptnr1_symmetry'                 
28 5 'Structure model' '_struct_conn.ptnr2_auth_comp_id'             
29 5 'Structure model' '_struct_conn.ptnr2_auth_seq_id'              
30 5 'Structure model' '_struct_conn.ptnr2_label_asym_id'            
31 5 'Structure model' '_struct_conn.ptnr2_label_atom_id'            
32 5 'Structure model' '_struct_conn.ptnr2_label_comp_id'            
33 5 'Structure model' '_struct_conn.ptnr2_label_seq_id'             
34 5 'Structure model' '_struct_conn.ptnr2_symmetry'                 
35 5 'Structure model' '_struct_site.pdbx_auth_asym_id'              
36 5 'Structure model' '_struct_site.pdbx_auth_comp_id'              
37 5 'Structure model' '_struct_site.pdbx_auth_seq_id'               
# 
loop_
_software.name 
_software.classification 
_software.version 
_software.citation_id 
_software.pdbx_ordinal 
_software.date 
_software.type 
_software.location 
_software.language 
REFMAC refinement       5.6.0117 ? 1 ? ? ? ? 
MOSFLM 'data reduction' .        ? 2 ? ? ? ? 
SCALA  'data scaling'   .        ? 3 ? ? ? ? 
PHASER phasing          .        ? 4 ? ? ? ? 
# 
_pdbx_entry_details.entry_id                 4C82 
_pdbx_entry_details.compound_details         ? 
_pdbx_entry_details.source_details           ? 
_pdbx_entry_details.nonpolymer_details       ? 
_pdbx_entry_details.sequence_details         
;RESIDUES 1-59, A PREDICTED APICOPLAST TARGETING SEQUENCE,
HAVE BEEN OMITTED FROM THE CONSTRUCT USED TO PREPARE
PROTEIN FOR CRYSTALLISATION.
;
_pdbx_entry_details.has_ligand_of_interest   ? 
# 
loop_
_pdbx_validate_close_contact.id 
_pdbx_validate_close_contact.PDB_model_num 
_pdbx_validate_close_contact.auth_atom_id_1 
_pdbx_validate_close_contact.auth_asym_id_1 
_pdbx_validate_close_contact.auth_comp_id_1 
_pdbx_validate_close_contact.auth_seq_id_1 
_pdbx_validate_close_contact.PDB_ins_code_1 
_pdbx_validate_close_contact.label_alt_id_1 
_pdbx_validate_close_contact.auth_atom_id_2 
_pdbx_validate_close_contact.auth_asym_id_2 
_pdbx_validate_close_contact.auth_comp_id_2 
_pdbx_validate_close_contact.auth_seq_id_2 
_pdbx_validate_close_contact.PDB_ins_code_2 
_pdbx_validate_close_contact.label_alt_id_2 
_pdbx_validate_close_contact.dist 
1 1 O A HOH 2062 ? ? O A HOH 2063 ? ? 1.35 
2 1 O A HOH 2014 ? ? O A HOH 2016 ? ? 1.58 
3 1 O A VAL 175  ? ? O A HOH 2063 ? ? 2.12 
4 1 O A HOH 2032 ? ? O A HOH 2036 ? ? 2.13 
# 
_pdbx_validate_symm_contact.id                1 
_pdbx_validate_symm_contact.PDB_model_num     1 
_pdbx_validate_symm_contact.auth_atom_id_1    OE1 
_pdbx_validate_symm_contact.auth_asym_id_1    A 
_pdbx_validate_symm_contact.auth_comp_id_1    GLU 
_pdbx_validate_symm_contact.auth_seq_id_1     216 
_pdbx_validate_symm_contact.PDB_ins_code_1    ? 
_pdbx_validate_symm_contact.label_alt_id_1    ? 
_pdbx_validate_symm_contact.site_symmetry_1   1_555 
_pdbx_validate_symm_contact.auth_atom_id_2    O 
_pdbx_validate_symm_contact.auth_asym_id_2    A 
_pdbx_validate_symm_contact.auth_comp_id_2    HOH 
_pdbx_validate_symm_contact.auth_seq_id_2     2010 
_pdbx_validate_symm_contact.PDB_ins_code_2    ? 
_pdbx_validate_symm_contact.label_alt_id_2    ? 
_pdbx_validate_symm_contact.site_symmetry_2   2_545 
_pdbx_validate_symm_contact.dist              2.13 
# 
_pdbx_validate_rmsd_bond.id                        1 
_pdbx_validate_rmsd_bond.PDB_model_num             1 
_pdbx_validate_rmsd_bond.auth_atom_id_1            CG 
_pdbx_validate_rmsd_bond.auth_asym_id_1            A 
_pdbx_validate_rmsd_bond.auth_comp_id_1            HIS 
_pdbx_validate_rmsd_bond.auth_seq_id_1             123 
_pdbx_validate_rmsd_bond.PDB_ins_code_1            ? 
_pdbx_validate_rmsd_bond.label_alt_id_1            ? 
_pdbx_validate_rmsd_bond.auth_atom_id_2            CD2 
_pdbx_validate_rmsd_bond.auth_asym_id_2            A 
_pdbx_validate_rmsd_bond.auth_comp_id_2            HIS 
_pdbx_validate_rmsd_bond.auth_seq_id_2             123 
_pdbx_validate_rmsd_bond.PDB_ins_code_2            ? 
_pdbx_validate_rmsd_bond.label_alt_id_2            ? 
_pdbx_validate_rmsd_bond.bond_value                1.434 
_pdbx_validate_rmsd_bond.bond_target_value         1.354 
_pdbx_validate_rmsd_bond.bond_deviation            0.080 
_pdbx_validate_rmsd_bond.bond_standard_deviation   0.009 
_pdbx_validate_rmsd_bond.linker_flag               N 
# 
loop_
_pdbx_validate_torsion.id 
_pdbx_validate_torsion.PDB_model_num 
_pdbx_validate_torsion.auth_comp_id 
_pdbx_validate_torsion.auth_asym_id 
_pdbx_validate_torsion.auth_seq_id 
_pdbx_validate_torsion.PDB_ins_code 
_pdbx_validate_torsion.label_alt_id 
_pdbx_validate_torsion.phi 
_pdbx_validate_torsion.psi 
1 1 ASP A 79 ? ? -101.21 -151.50 
2 1 GLU A 80 ? ? -102.91 78.76   
# 
loop_
_pdbx_unobs_or_zero_occ_residues.id 
_pdbx_unobs_or_zero_occ_residues.PDB_model_num 
_pdbx_unobs_or_zero_occ_residues.polymer_flag 
_pdbx_unobs_or_zero_occ_residues.occupancy_flag 
_pdbx_unobs_or_zero_occ_residues.auth_asym_id 
_pdbx_unobs_or_zero_occ_residues.auth_comp_id 
_pdbx_unobs_or_zero_occ_residues.auth_seq_id 
_pdbx_unobs_or_zero_occ_residues.PDB_ins_code 
_pdbx_unobs_or_zero_occ_residues.label_asym_id 
_pdbx_unobs_or_zero_occ_residues.label_comp_id 
_pdbx_unobs_or_zero_occ_residues.label_seq_id 
1  1 Y 1 A GLY 57  ? A GLY 1   
2  1 Y 1 A HIS 58  ? A HIS 2   
3  1 Y 1 A MET 59  ? A MET 3   
4  1 Y 1 A TYR 82  ? A TYR 26  
5  1 Y 1 A ASN 83  ? A ASN 27  
6  1 Y 1 A THR 84  ? A THR 28  
7  1 Y 1 A TYR 85  ? A TYR 29  
8  1 Y 1 A ALA 86  ? A ALA 30  
9  1 Y 1 A ASN 87  ? A ASN 31  
10 1 Y 1 A ASN 88  ? A ASN 32  
11 1 Y 1 A ASP 89  ? A ASP 33  
12 1 Y 1 A PHE 90  ? A PHE 34  
13 1 Y 1 A ASN 91  ? A ASN 35  
14 1 Y 1 A LYS 92  ? A LYS 36  
15 1 Y 1 A ASN 93  ? A ASN 37  
16 1 Y 1 A GLU 94  ? A GLU 38  
17 1 Y 1 A GLN 95  ? A GLN 39  
18 1 Y 1 A SER 96  ? A SER 40  
19 1 Y 1 A PHE 97  ? A PHE 41  
20 1 Y 1 A ASP 144 ? A ASP 88  
21 1 Y 1 A LYS 145 ? A LYS 89  
22 1 Y 1 A ASP 146 ? A ASP 90  
23 1 Y 1 A GLU 147 ? A GLU 91  
24 1 Y 1 A LYS 148 ? A LYS 92  
25 1 Y 1 A ASN 149 ? A ASN 93  
26 1 Y 1 A LYS 150 ? A LYS 94  
27 1 Y 1 A ASN 151 ? A ASN 95  
28 1 Y 1 A SER 240 ? A SER 184 
# 
loop_
_chem_comp_atom.comp_id 
_chem_comp_atom.atom_id 
_chem_comp_atom.type_symbol 
_chem_comp_atom.pdbx_aromatic_flag 
_chem_comp_atom.pdbx_stereo_config 
_chem_comp_atom.pdbx_ordinal 
ALA N    N  N N 1   
ALA CA   C  N S 2   
ALA C    C  N N 3   
ALA O    O  N N 4   
ALA CB   C  N N 5   
ALA OXT  O  N N 6   
ALA H    H  N N 7   
ALA H2   H  N N 8   
ALA HA   H  N N 9   
ALA HB1  H  N N 10  
ALA HB2  H  N N 11  
ALA HB3  H  N N 12  
ALA HXT  H  N N 13  
ARG N    N  N N 14  
ARG CA   C  N S 15  
ARG C    C  N N 16  
ARG O    O  N N 17  
ARG CB   C  N N 18  
ARG CG   C  N N 19  
ARG CD   C  N N 20  
ARG NE   N  N N 21  
ARG CZ   C  N N 22  
ARG NH1  N  N N 23  
ARG NH2  N  N N 24  
ARG OXT  O  N N 25  
ARG H    H  N N 26  
ARG H2   H  N N 27  
ARG HA   H  N N 28  
ARG HB2  H  N N 29  
ARG HB3  H  N N 30  
ARG HG2  H  N N 31  
ARG HG3  H  N N 32  
ARG HD2  H  N N 33  
ARG HD3  H  N N 34  
ARG HE   H  N N 35  
ARG HH11 H  N N 36  
ARG HH12 H  N N 37  
ARG HH21 H  N N 38  
ARG HH22 H  N N 39  
ARG HXT  H  N N 40  
ASN N    N  N N 41  
ASN CA   C  N S 42  
ASN C    C  N N 43  
ASN O    O  N N 44  
ASN CB   C  N N 45  
ASN CG   C  N N 46  
ASN OD1  O  N N 47  
ASN ND2  N  N N 48  
ASN OXT  O  N N 49  
ASN H    H  N N 50  
ASN H2   H  N N 51  
ASN HA   H  N N 52  
ASN HB2  H  N N 53  
ASN HB3  H  N N 54  
ASN HD21 H  N N 55  
ASN HD22 H  N N 56  
ASN HXT  H  N N 57  
ASP N    N  N N 58  
ASP CA   C  N S 59  
ASP C    C  N N 60  
ASP O    O  N N 61  
ASP CB   C  N N 62  
ASP CG   C  N N 63  
ASP OD1  O  N N 64  
ASP OD2  O  N N 65  
ASP OXT  O  N N 66  
ASP H    H  N N 67  
ASP H2   H  N N 68  
ASP HA   H  N N 69  
ASP HB2  H  N N 70  
ASP HB3  H  N N 71  
ASP HD2  H  N N 72  
ASP HXT  H  N N 73  
CYS N    N  N N 74  
CYS CA   C  N R 75  
CYS C    C  N N 76  
CYS O    O  N N 77  
CYS CB   C  N N 78  
CYS SG   S  N N 79  
CYS OXT  O  N N 80  
CYS H    H  N N 81  
CYS H2   H  N N 82  
CYS HA   H  N N 83  
CYS HB2  H  N N 84  
CYS HB3  H  N N 85  
CYS HG   H  N N 86  
CYS HXT  H  N N 87  
GLN N    N  N N 88  
GLN CA   C  N S 89  
GLN C    C  N N 90  
GLN O    O  N N 91  
GLN CB   C  N N 92  
GLN CG   C  N N 93  
GLN CD   C  N N 94  
GLN OE1  O  N N 95  
GLN NE2  N  N N 96  
GLN OXT  O  N N 97  
GLN H    H  N N 98  
GLN H2   H  N N 99  
GLN HA   H  N N 100 
GLN HB2  H  N N 101 
GLN HB3  H  N N 102 
GLN HG2  H  N N 103 
GLN HG3  H  N N 104 
GLN HE21 H  N N 105 
GLN HE22 H  N N 106 
GLN HXT  H  N N 107 
GLU N    N  N N 108 
GLU CA   C  N S 109 
GLU C    C  N N 110 
GLU O    O  N N 111 
GLU CB   C  N N 112 
GLU CG   C  N N 113 
GLU CD   C  N N 114 
GLU OE1  O  N N 115 
GLU OE2  O  N N 116 
GLU OXT  O  N N 117 
GLU H    H  N N 118 
GLU H2   H  N N 119 
GLU HA   H  N N 120 
GLU HB2  H  N N 121 
GLU HB3  H  N N 122 
GLU HG2  H  N N 123 
GLU HG3  H  N N 124 
GLU HE2  H  N N 125 
GLU HXT  H  N N 126 
GLY N    N  N N 127 
GLY CA   C  N N 128 
GLY C    C  N N 129 
GLY O    O  N N 130 
GLY OXT  O  N N 131 
GLY H    H  N N 132 
GLY H2   H  N N 133 
GLY HA2  H  N N 134 
GLY HA3  H  N N 135 
GLY HXT  H  N N 136 
HIS N    N  N N 137 
HIS CA   C  N S 138 
HIS C    C  N N 139 
HIS O    O  N N 140 
HIS CB   C  N N 141 
HIS CG   C  Y N 142 
HIS ND1  N  Y N 143 
HIS CD2  C  Y N 144 
HIS CE1  C  Y N 145 
HIS NE2  N  Y N 146 
HIS OXT  O  N N 147 
HIS H    H  N N 148 
HIS H2   H  N N 149 
HIS HA   H  N N 150 
HIS HB2  H  N N 151 
HIS HB3  H  N N 152 
HIS HD1  H  N N 153 
HIS HD2  H  N N 154 
HIS HE1  H  N N 155 
HIS HE2  H  N N 156 
HIS HXT  H  N N 157 
HOH O    O  N N 158 
HOH H1   H  N N 159 
HOH H2   H  N N 160 
ILE N    N  N N 161 
ILE CA   C  N S 162 
ILE C    C  N N 163 
ILE O    O  N N 164 
ILE CB   C  N S 165 
ILE CG1  C  N N 166 
ILE CG2  C  N N 167 
ILE CD1  C  N N 168 
ILE OXT  O  N N 169 
ILE H    H  N N 170 
ILE H2   H  N N 171 
ILE HA   H  N N 172 
ILE HB   H  N N 173 
ILE HG12 H  N N 174 
ILE HG13 H  N N 175 
ILE HG21 H  N N 176 
ILE HG22 H  N N 177 
ILE HG23 H  N N 178 
ILE HD11 H  N N 179 
ILE HD12 H  N N 180 
ILE HD13 H  N N 181 
ILE HXT  H  N N 182 
LEU N    N  N N 183 
LEU CA   C  N S 184 
LEU C    C  N N 185 
LEU O    O  N N 186 
LEU CB   C  N N 187 
LEU CG   C  N N 188 
LEU CD1  C  N N 189 
LEU CD2  C  N N 190 
LEU OXT  O  N N 191 
LEU H    H  N N 192 
LEU H2   H  N N 193 
LEU HA   H  N N 194 
LEU HB2  H  N N 195 
LEU HB3  H  N N 196 
LEU HG   H  N N 197 
LEU HD11 H  N N 198 
LEU HD12 H  N N 199 
LEU HD13 H  N N 200 
LEU HD21 H  N N 201 
LEU HD22 H  N N 202 
LEU HD23 H  N N 203 
LEU HXT  H  N N 204 
LYS N    N  N N 205 
LYS CA   C  N S 206 
LYS C    C  N N 207 
LYS O    O  N N 208 
LYS CB   C  N N 209 
LYS CG   C  N N 210 
LYS CD   C  N N 211 
LYS CE   C  N N 212 
LYS NZ   N  N N 213 
LYS OXT  O  N N 214 
LYS H    H  N N 215 
LYS H2   H  N N 216 
LYS HA   H  N N 217 
LYS HB2  H  N N 218 
LYS HB3  H  N N 219 
LYS HG2  H  N N 220 
LYS HG3  H  N N 221 
LYS HD2  H  N N 222 
LYS HD3  H  N N 223 
LYS HE2  H  N N 224 
LYS HE3  H  N N 225 
LYS HZ1  H  N N 226 
LYS HZ2  H  N N 227 
LYS HZ3  H  N N 228 
LYS HXT  H  N N 229 
MET N    N  N N 230 
MET CA   C  N S 231 
MET C    C  N N 232 
MET O    O  N N 233 
MET CB   C  N N 234 
MET CG   C  N N 235 
MET SD   S  N N 236 
MET CE   C  N N 237 
MET OXT  O  N N 238 
MET H    H  N N 239 
MET H2   H  N N 240 
MET HA   H  N N 241 
MET HB2  H  N N 242 
MET HB3  H  N N 243 
MET HG2  H  N N 244 
MET HG3  H  N N 245 
MET HE1  H  N N 246 
MET HE2  H  N N 247 
MET HE3  H  N N 248 
MET HXT  H  N N 249 
PHE N    N  N N 250 
PHE CA   C  N S 251 
PHE C    C  N N 252 
PHE O    O  N N 253 
PHE CB   C  N N 254 
PHE CG   C  Y N 255 
PHE CD1  C  Y N 256 
PHE CD2  C  Y N 257 
PHE CE1  C  Y N 258 
PHE CE2  C  Y N 259 
PHE CZ   C  Y N 260 
PHE OXT  O  N N 261 
PHE H    H  N N 262 
PHE H2   H  N N 263 
PHE HA   H  N N 264 
PHE HB2  H  N N 265 
PHE HB3  H  N N 266 
PHE HD1  H  N N 267 
PHE HD2  H  N N 268 
PHE HE1  H  N N 269 
PHE HE2  H  N N 270 
PHE HZ   H  N N 271 
PHE HXT  H  N N 272 
PRO N    N  N N 273 
PRO CA   C  N S 274 
PRO C    C  N N 275 
PRO O    O  N N 276 
PRO CB   C  N N 277 
PRO CG   C  N N 278 
PRO CD   C  N N 279 
PRO OXT  O  N N 280 
PRO H    H  N N 281 
PRO HA   H  N N 282 
PRO HB2  H  N N 283 
PRO HB3  H  N N 284 
PRO HG2  H  N N 285 
PRO HG3  H  N N 286 
PRO HD2  H  N N 287 
PRO HD3  H  N N 288 
PRO HXT  H  N N 289 
SER N    N  N N 290 
SER CA   C  N S 291 
SER C    C  N N 292 
SER O    O  N N 293 
SER CB   C  N N 294 
SER OG   O  N N 295 
SER OXT  O  N N 296 
SER H    H  N N 297 
SER H2   H  N N 298 
SER HA   H  N N 299 
SER HB2  H  N N 300 
SER HB3  H  N N 301 
SER HG   H  N N 302 
SER HXT  H  N N 303 
SO4 S    S  N N 304 
SO4 O1   O  N N 305 
SO4 O2   O  N N 306 
SO4 O3   O  N N 307 
SO4 O4   O  N N 308 
THR N    N  N N 309 
THR CA   C  N S 310 
THR C    C  N N 311 
THR O    O  N N 312 
THR CB   C  N R 313 
THR OG1  O  N N 314 
THR CG2  C  N N 315 
THR OXT  O  N N 316 
THR H    H  N N 317 
THR H2   H  N N 318 
THR HA   H  N N 319 
THR HB   H  N N 320 
THR HG1  H  N N 321 
THR HG21 H  N N 322 
THR HG22 H  N N 323 
THR HG23 H  N N 324 
THR HXT  H  N N 325 
TYR N    N  N N 326 
TYR CA   C  N S 327 
TYR C    C  N N 328 
TYR O    O  N N 329 
TYR CB   C  N N 330 
TYR CG   C  Y N 331 
TYR CD1  C  Y N 332 
TYR CD2  C  Y N 333 
TYR CE1  C  Y N 334 
TYR CE2  C  Y N 335 
TYR CZ   C  Y N 336 
TYR OH   O  N N 337 
TYR OXT  O  N N 338 
TYR H    H  N N 339 
TYR H2   H  N N 340 
TYR HA   H  N N 341 
TYR HB2  H  N N 342 
TYR HB3  H  N N 343 
TYR HD1  H  N N 344 
TYR HD2  H  N N 345 
TYR HE1  H  N N 346 
TYR HE2  H  N N 347 
TYR HH   H  N N 348 
TYR HXT  H  N N 349 
VAL N    N  N N 350 
VAL CA   C  N S 351 
VAL C    C  N N 352 
VAL O    O  N N 353 
VAL CB   C  N N 354 
VAL CG1  C  N N 355 
VAL CG2  C  N N 356 
VAL OXT  O  N N 357 
VAL H    H  N N 358 
VAL H2   H  N N 359 
VAL HA   H  N N 360 
VAL HB   H  N N 361 
VAL HG11 H  N N 362 
VAL HG12 H  N N 363 
VAL HG13 H  N N 364 
VAL HG21 H  N N 365 
VAL HG22 H  N N 366 
VAL HG23 H  N N 367 
VAL HXT  H  N N 368 
ZN  ZN   ZN N N 369 
# 
loop_
_chem_comp_bond.comp_id 
_chem_comp_bond.atom_id_1 
_chem_comp_bond.atom_id_2 
_chem_comp_bond.value_order 
_chem_comp_bond.pdbx_aromatic_flag 
_chem_comp_bond.pdbx_stereo_config 
_chem_comp_bond.pdbx_ordinal 
ALA N   CA   sing N N 1   
ALA N   H    sing N N 2   
ALA N   H2   sing N N 3   
ALA CA  C    sing N N 4   
ALA CA  CB   sing N N 5   
ALA CA  HA   sing N N 6   
ALA C   O    doub N N 7   
ALA C   OXT  sing N N 8   
ALA CB  HB1  sing N N 9   
ALA CB  HB2  sing N N 10  
ALA CB  HB3  sing N N 11  
ALA OXT HXT  sing N N 12  
ARG N   CA   sing N N 13  
ARG N   H    sing N N 14  
ARG N   H2   sing N N 15  
ARG CA  C    sing N N 16  
ARG CA  CB   sing N N 17  
ARG CA  HA   sing N N 18  
ARG C   O    doub N N 19  
ARG C   OXT  sing N N 20  
ARG CB  CG   sing N N 21  
ARG CB  HB2  sing N N 22  
ARG CB  HB3  sing N N 23  
ARG CG  CD   sing N N 24  
ARG CG  HG2  sing N N 25  
ARG CG  HG3  sing N N 26  
ARG CD  NE   sing N N 27  
ARG CD  HD2  sing N N 28  
ARG CD  HD3  sing N N 29  
ARG NE  CZ   sing N N 30  
ARG NE  HE   sing N N 31  
ARG CZ  NH1  sing N N 32  
ARG CZ  NH2  doub N N 33  
ARG NH1 HH11 sing N N 34  
ARG NH1 HH12 sing N N 35  
ARG NH2 HH21 sing N N 36  
ARG NH2 HH22 sing N N 37  
ARG OXT HXT  sing N N 38  
ASN N   CA   sing N N 39  
ASN N   H    sing N N 40  
ASN N   H2   sing N N 41  
ASN CA  C    sing N N 42  
ASN CA  CB   sing N N 43  
ASN CA  HA   sing N N 44  
ASN C   O    doub N N 45  
ASN C   OXT  sing N N 46  
ASN CB  CG   sing N N 47  
ASN CB  HB2  sing N N 48  
ASN CB  HB3  sing N N 49  
ASN CG  OD1  doub N N 50  
ASN CG  ND2  sing N N 51  
ASN ND2 HD21 sing N N 52  
ASN ND2 HD22 sing N N 53  
ASN OXT HXT  sing N N 54  
ASP N   CA   sing N N 55  
ASP N   H    sing N N 56  
ASP N   H2   sing N N 57  
ASP CA  C    sing N N 58  
ASP CA  CB   sing N N 59  
ASP CA  HA   sing N N 60  
ASP C   O    doub N N 61  
ASP C   OXT  sing N N 62  
ASP CB  CG   sing N N 63  
ASP CB  HB2  sing N N 64  
ASP CB  HB3  sing N N 65  
ASP CG  OD1  doub N N 66  
ASP CG  OD2  sing N N 67  
ASP OD2 HD2  sing N N 68  
ASP OXT HXT  sing N N 69  
CYS N   CA   sing N N 70  
CYS N   H    sing N N 71  
CYS N   H2   sing N N 72  
CYS CA  C    sing N N 73  
CYS CA  CB   sing N N 74  
CYS CA  HA   sing N N 75  
CYS C   O    doub N N 76  
CYS C   OXT  sing N N 77  
CYS CB  SG   sing N N 78  
CYS CB  HB2  sing N N 79  
CYS CB  HB3  sing N N 80  
CYS SG  HG   sing N N 81  
CYS OXT HXT  sing N N 82  
GLN N   CA   sing N N 83  
GLN N   H    sing N N 84  
GLN N   H2   sing N N 85  
GLN CA  C    sing N N 86  
GLN CA  CB   sing N N 87  
GLN CA  HA   sing N N 88  
GLN C   O    doub N N 89  
GLN C   OXT  sing N N 90  
GLN CB  CG   sing N N 91  
GLN CB  HB2  sing N N 92  
GLN CB  HB3  sing N N 93  
GLN CG  CD   sing N N 94  
GLN CG  HG2  sing N N 95  
GLN CG  HG3  sing N N 96  
GLN CD  OE1  doub N N 97  
GLN CD  NE2  sing N N 98  
GLN NE2 HE21 sing N N 99  
GLN NE2 HE22 sing N N 100 
GLN OXT HXT  sing N N 101 
GLU N   CA   sing N N 102 
GLU N   H    sing N N 103 
GLU N   H2   sing N N 104 
GLU CA  C    sing N N 105 
GLU CA  CB   sing N N 106 
GLU CA  HA   sing N N 107 
GLU C   O    doub N N 108 
GLU C   OXT  sing N N 109 
GLU CB  CG   sing N N 110 
GLU CB  HB2  sing N N 111 
GLU CB  HB3  sing N N 112 
GLU CG  CD   sing N N 113 
GLU CG  HG2  sing N N 114 
GLU CG  HG3  sing N N 115 
GLU CD  OE1  doub N N 116 
GLU CD  OE2  sing N N 117 
GLU OE2 HE2  sing N N 118 
GLU OXT HXT  sing N N 119 
GLY N   CA   sing N N 120 
GLY N   H    sing N N 121 
GLY N   H2   sing N N 122 
GLY CA  C    sing N N 123 
GLY CA  HA2  sing N N 124 
GLY CA  HA3  sing N N 125 
GLY C   O    doub N N 126 
GLY C   OXT  sing N N 127 
GLY OXT HXT  sing N N 128 
HIS N   CA   sing N N 129 
HIS N   H    sing N N 130 
HIS N   H2   sing N N 131 
HIS CA  C    sing N N 132 
HIS CA  CB   sing N N 133 
HIS CA  HA   sing N N 134 
HIS C   O    doub N N 135 
HIS C   OXT  sing N N 136 
HIS CB  CG   sing N N 137 
HIS CB  HB2  sing N N 138 
HIS CB  HB3  sing N N 139 
HIS CG  ND1  sing Y N 140 
HIS CG  CD2  doub Y N 141 
HIS ND1 CE1  doub Y N 142 
HIS ND1 HD1  sing N N 143 
HIS CD2 NE2  sing Y N 144 
HIS CD2 HD2  sing N N 145 
HIS CE1 NE2  sing Y N 146 
HIS CE1 HE1  sing N N 147 
HIS NE2 HE2  sing N N 148 
HIS OXT HXT  sing N N 149 
HOH O   H1   sing N N 150 
HOH O   H2   sing N N 151 
ILE N   CA   sing N N 152 
ILE N   H    sing N N 153 
ILE N   H2   sing N N 154 
ILE CA  C    sing N N 155 
ILE CA  CB   sing N N 156 
ILE CA  HA   sing N N 157 
ILE C   O    doub N N 158 
ILE C   OXT  sing N N 159 
ILE CB  CG1  sing N N 160 
ILE CB  CG2  sing N N 161 
ILE CB  HB   sing N N 162 
ILE CG1 CD1  sing N N 163 
ILE CG1 HG12 sing N N 164 
ILE CG1 HG13 sing N N 165 
ILE CG2 HG21 sing N N 166 
ILE CG2 HG22 sing N N 167 
ILE CG2 HG23 sing N N 168 
ILE CD1 HD11 sing N N 169 
ILE CD1 HD12 sing N N 170 
ILE CD1 HD13 sing N N 171 
ILE OXT HXT  sing N N 172 
LEU N   CA   sing N N 173 
LEU N   H    sing N N 174 
LEU N   H2   sing N N 175 
LEU CA  C    sing N N 176 
LEU CA  CB   sing N N 177 
LEU CA  HA   sing N N 178 
LEU C   O    doub N N 179 
LEU C   OXT  sing N N 180 
LEU CB  CG   sing N N 181 
LEU CB  HB2  sing N N 182 
LEU CB  HB3  sing N N 183 
LEU CG  CD1  sing N N 184 
LEU CG  CD2  sing N N 185 
LEU CG  HG   sing N N 186 
LEU CD1 HD11 sing N N 187 
LEU CD1 HD12 sing N N 188 
LEU CD1 HD13 sing N N 189 
LEU CD2 HD21 sing N N 190 
LEU CD2 HD22 sing N N 191 
LEU CD2 HD23 sing N N 192 
LEU OXT HXT  sing N N 193 
LYS N   CA   sing N N 194 
LYS N   H    sing N N 195 
LYS N   H2   sing N N 196 
LYS CA  C    sing N N 197 
LYS CA  CB   sing N N 198 
LYS CA  HA   sing N N 199 
LYS C   O    doub N N 200 
LYS C   OXT  sing N N 201 
LYS CB  CG   sing N N 202 
LYS CB  HB2  sing N N 203 
LYS CB  HB3  sing N N 204 
LYS CG  CD   sing N N 205 
LYS CG  HG2  sing N N 206 
LYS CG  HG3  sing N N 207 
LYS CD  CE   sing N N 208 
LYS CD  HD2  sing N N 209 
LYS CD  HD3  sing N N 210 
LYS CE  NZ   sing N N 211 
LYS CE  HE2  sing N N 212 
LYS CE  HE3  sing N N 213 
LYS NZ  HZ1  sing N N 214 
LYS NZ  HZ2  sing N N 215 
LYS NZ  HZ3  sing N N 216 
LYS OXT HXT  sing N N 217 
MET N   CA   sing N N 218 
MET N   H    sing N N 219 
MET N   H2   sing N N 220 
MET CA  C    sing N N 221 
MET CA  CB   sing N N 222 
MET CA  HA   sing N N 223 
MET C   O    doub N N 224 
MET C   OXT  sing N N 225 
MET CB  CG   sing N N 226 
MET CB  HB2  sing N N 227 
MET CB  HB3  sing N N 228 
MET CG  SD   sing N N 229 
MET CG  HG2  sing N N 230 
MET CG  HG3  sing N N 231 
MET SD  CE   sing N N 232 
MET CE  HE1  sing N N 233 
MET CE  HE2  sing N N 234 
MET CE  HE3  sing N N 235 
MET OXT HXT  sing N N 236 
PHE N   CA   sing N N 237 
PHE N   H    sing N N 238 
PHE N   H2   sing N N 239 
PHE CA  C    sing N N 240 
PHE CA  CB   sing N N 241 
PHE CA  HA   sing N N 242 
PHE C   O    doub N N 243 
PHE C   OXT  sing N N 244 
PHE CB  CG   sing N N 245 
PHE CB  HB2  sing N N 246 
PHE CB  HB3  sing N N 247 
PHE CG  CD1  doub Y N 248 
PHE CG  CD2  sing Y N 249 
PHE CD1 CE1  sing Y N 250 
PHE CD1 HD1  sing N N 251 
PHE CD2 CE2  doub Y N 252 
PHE CD2 HD2  sing N N 253 
PHE CE1 CZ   doub Y N 254 
PHE CE1 HE1  sing N N 255 
PHE CE2 CZ   sing Y N 256 
PHE CE2 HE2  sing N N 257 
PHE CZ  HZ   sing N N 258 
PHE OXT HXT  sing N N 259 
PRO N   CA   sing N N 260 
PRO N   CD   sing N N 261 
PRO N   H    sing N N 262 
PRO CA  C    sing N N 263 
PRO CA  CB   sing N N 264 
PRO CA  HA   sing N N 265 
PRO C   O    doub N N 266 
PRO C   OXT  sing N N 267 
PRO CB  CG   sing N N 268 
PRO CB  HB2  sing N N 269 
PRO CB  HB3  sing N N 270 
PRO CG  CD   sing N N 271 
PRO CG  HG2  sing N N 272 
PRO CG  HG3  sing N N 273 
PRO CD  HD2  sing N N 274 
PRO CD  HD3  sing N N 275 
PRO OXT HXT  sing N N 276 
SER N   CA   sing N N 277 
SER N   H    sing N N 278 
SER N   H2   sing N N 279 
SER CA  C    sing N N 280 
SER CA  CB   sing N N 281 
SER CA  HA   sing N N 282 
SER C   O    doub N N 283 
SER C   OXT  sing N N 284 
SER CB  OG   sing N N 285 
SER CB  HB2  sing N N 286 
SER CB  HB3  sing N N 287 
SER OG  HG   sing N N 288 
SER OXT HXT  sing N N 289 
SO4 S   O1   doub N N 290 
SO4 S   O2   doub N N 291 
SO4 S   O3   sing N N 292 
SO4 S   O4   sing N N 293 
THR N   CA   sing N N 294 
THR N   H    sing N N 295 
THR N   H2   sing N N 296 
THR CA  C    sing N N 297 
THR CA  CB   sing N N 298 
THR CA  HA   sing N N 299 
THR C   O    doub N N 300 
THR C   OXT  sing N N 301 
THR CB  OG1  sing N N 302 
THR CB  CG2  sing N N 303 
THR CB  HB   sing N N 304 
THR OG1 HG1  sing N N 305 
THR CG2 HG21 sing N N 306 
THR CG2 HG22 sing N N 307 
THR CG2 HG23 sing N N 308 
THR OXT HXT  sing N N 309 
TYR N   CA   sing N N 310 
TYR N   H    sing N N 311 
TYR N   H2   sing N N 312 
TYR CA  C    sing N N 313 
TYR CA  CB   sing N N 314 
TYR CA  HA   sing N N 315 
TYR C   O    doub N N 316 
TYR C   OXT  sing N N 317 
TYR CB  CG   sing N N 318 
TYR CB  HB2  sing N N 319 
TYR CB  HB3  sing N N 320 
TYR CG  CD1  doub Y N 321 
TYR CG  CD2  sing Y N 322 
TYR CD1 CE1  sing Y N 323 
TYR CD1 HD1  sing N N 324 
TYR CD2 CE2  doub Y N 325 
TYR CD2 HD2  sing N N 326 
TYR CE1 CZ   doub Y N 327 
TYR CE1 HE1  sing N N 328 
TYR CE2 CZ   sing Y N 329 
TYR CE2 HE2  sing N N 330 
TYR CZ  OH   sing N N 331 
TYR OH  HH   sing N N 332 
TYR OXT HXT  sing N N 333 
VAL N   CA   sing N N 334 
VAL N   H    sing N N 335 
VAL N   H2   sing N N 336 
VAL CA  C    sing N N 337 
VAL CA  CB   sing N N 338 
VAL CA  HA   sing N N 339 
VAL C   O    doub N N 340 
VAL C   OXT  sing N N 341 
VAL CB  CG1  sing N N 342 
VAL CB  CG2  sing N N 343 
VAL CB  HB   sing N N 344 
VAL CG1 HG11 sing N N 345 
VAL CG1 HG12 sing N N 346 
VAL CG1 HG13 sing N N 347 
VAL CG2 HG21 sing N N 348 
VAL CG2 HG22 sing N N 349 
VAL CG2 HG23 sing N N 350 
VAL OXT HXT  sing N N 351 
# 
loop_
_pdbx_entity_nonpoly.entity_id 
_pdbx_entity_nonpoly.name 
_pdbx_entity_nonpoly.comp_id 
2 'ZINC ION'    ZN  
3 'SULFATE ION' SO4 
4 water         HOH 
# 
_pdbx_initial_refinement_model.id               1 
_pdbx_initial_refinement_model.entity_id_list   ? 
_pdbx_initial_refinement_model.type             'experimental model' 
_pdbx_initial_refinement_model.source_name      PDB 
_pdbx_initial_refinement_model.accession_code   4C81 
_pdbx_initial_refinement_model.details          'PDB ENTRY 4C81' 
# 
